data_6E1U
# 
_entry.id   6E1U 
# 
_audit_conform.dict_name       mmcif_pdbx.dic 
_audit_conform.dict_version    5.379 
_audit_conform.dict_location   http://mmcif.pdb.org/dictionaries/ascii/mmcif_pdbx.dic 
# 
loop_
_database_2.database_id 
_database_2.database_code 
_database_2.pdbx_database_accession 
_database_2.pdbx_DOI 
PDB   6E1U         pdb_00006e1u 10.2210/pdb6e1u/pdb 
WWPDB D_1000235531 ?            ?                   
# 
_pdbx_database_status.status_code                     REL 
_pdbx_database_status.status_code_sf                  REL 
_pdbx_database_status.status_code_mr                  ? 
_pdbx_database_status.entry_id                        6E1U 
_pdbx_database_status.recvd_initial_deposition_date   2018-07-10 
_pdbx_database_status.SG_entry                        N 
_pdbx_database_status.deposit_site                    RCSB 
_pdbx_database_status.process_site                    RCSB 
_pdbx_database_status.status_code_cs                  ? 
_pdbx_database_status.methods_development_category    ? 
_pdbx_database_status.pdb_format_compatible           Y 
_pdbx_database_status.status_code_nmr_data            ? 
# 
loop_
_audit_author.name 
_audit_author.pdbx_ordinal 
_audit_author.identifier_ORCID 
'Numata, T.'          1 ? 
'Connelly, C.M.'      2 ? 
'Schneekloth, J.S.'   3 ? 
;Ferre-D'Amare, A.R.
;
4 ? 
# 
_citation.abstract                  ? 
_citation.abstract_id_CAS           ? 
_citation.book_id_ISBN              ? 
_citation.book_publisher            ? 
_citation.book_publisher_city       ? 
_citation.book_title                ? 
_citation.coordinate_linkage        ? 
_citation.country                   UK 
_citation.database_id_Medline       ? 
_citation.details                   ? 
_citation.id                        primary 
_citation.journal_abbrev            'Nat Commun' 
_citation.journal_id_ASTM           ? 
_citation.journal_id_CSD            ? 
_citation.journal_id_ISSN           2041-1723 
_citation.journal_full              ? 
_citation.journal_issue             ? 
_citation.journal_volume            10 
_citation.language                  ? 
_citation.page_first                1501 
_citation.page_last                 1501 
_citation.title                     
'Synthetic ligands for PreQ1riboswitches provide structural and mechanistic insights into targeting RNA tertiary structure.' 
_citation.year                      2019 
_citation.database_id_CSD           ? 
_citation.pdbx_database_id_DOI      10.1038/s41467-019-09493-3 
_citation.pdbx_database_id_PubMed   30940810 
_citation.unpublished_flag          ? 
# 
loop_
_citation_author.citation_id 
_citation_author.name 
_citation_author.ordinal 
_citation_author.identifier_ORCID 
primary 'Connelly, C.M.'        1 ? 
primary 'Numata, T.'            2 ? 
primary 'Boer, R.E.'            3 ? 
primary 'Moon, M.H.'            4 ? 
primary 'Sinniah, R.S.'         5 ? 
primary 'Barchi, J.J.'          6 ? 
primary 
;Ferre-D'Amare, A.R.
;
7 ? 
primary 'Schneekloth Jr., J.S.' 8 ? 
# 
_cell.angle_alpha                  90.000 
_cell.angle_alpha_esd              ? 
_cell.angle_beta                   90.000 
_cell.angle_beta_esd               ? 
_cell.angle_gamma                  120.000 
_cell.angle_gamma_esd              ? 
_cell.entry_id                     6E1U 
_cell.details                      ? 
_cell.formula_units_Z              ? 
_cell.length_a                     115.361 
_cell.length_a_esd                 ? 
_cell.length_b                     115.361 
_cell.length_b_esd                 ? 
_cell.length_c                     58.463 
_cell.length_c_esd                 ? 
_cell.volume                       ? 
_cell.volume_esd                   ? 
_cell.Z_PDB                        12 
_cell.reciprocal_angle_alpha       ? 
_cell.reciprocal_angle_beta        ? 
_cell.reciprocal_angle_gamma       ? 
_cell.reciprocal_angle_alpha_esd   ? 
_cell.reciprocal_angle_beta_esd    ? 
_cell.reciprocal_angle_gamma_esd   ? 
_cell.reciprocal_length_a          ? 
_cell.reciprocal_length_b          ? 
_cell.reciprocal_length_c          ? 
_cell.reciprocal_length_a_esd      ? 
_cell.reciprocal_length_b_esd      ? 
_cell.reciprocal_length_c_esd      ? 
_cell.pdbx_unique_axis             ? 
# 
_symmetry.entry_id                         6E1U 
_symmetry.cell_setting                     ? 
_symmetry.Int_Tables_number                182 
_symmetry.space_group_name_Hall            ? 
_symmetry.space_group_name_H-M             'P 63 2 2' 
_symmetry.pdbx_full_space_group_name_H-M   ? 
# 
loop_
_entity.id 
_entity.type 
_entity.src_method 
_entity.pdbx_description 
_entity.formula_weight 
_entity.pdbx_number_of_molecules 
_entity.pdbx_ec 
_entity.pdbx_mutation 
_entity.pdbx_fragment 
_entity.details 
1 polymer     syn 'RNA (33-MER)'                                              10333.194 1  ? ? ? ? 
2 non-polymer syn '2-[(dibenzo[b,d]furan-2-yl)oxy]-N,N-dimethylethan-1-amine' 255.312   1  ? ? ? ? 
3 non-polymer syn 'MAGNESIUM ION'                                             24.305    1  ? ? ? ? 
4 water       nat water                                                       18.015    50 ? ? ? ? 
# 
_entity_poly.entity_id                      1 
_entity_poly.type                           polyribonucleotide 
_entity_poly.nstd_linkage                   no 
_entity_poly.nstd_monomer                   no 
_entity_poly.pdbx_seq_one_letter_code       'CUGGGUCGCAGU(N)(N)CCCCAGUUAACAAAACAAG' 
_entity_poly.pdbx_seq_one_letter_code_can   CUGGGUCGCAGUNNCCCCAGUUAACAAAACAAG 
_entity_poly.pdbx_strand_id                 A 
_entity_poly.pdbx_target_identifier         ? 
# 
loop_
_entity_poly_seq.entity_id 
_entity_poly_seq.num 
_entity_poly_seq.mon_id 
_entity_poly_seq.hetero 
1 1  C n 
1 2  U n 
1 3  G n 
1 4  G n 
1 5  G n 
1 6  U n 
1 7  C n 
1 8  G n 
1 9  C n 
1 10 A n 
1 11 G n 
1 12 U n 
1 13 N n 
1 14 N n 
1 15 C n 
1 16 C n 
1 17 C n 
1 18 C n 
1 19 A n 
1 20 G n 
1 21 U n 
1 22 U n 
1 23 A n 
1 24 A n 
1 25 C n 
1 26 A n 
1 27 A n 
1 28 A n 
1 29 A n 
1 30 C n 
1 31 A n 
1 32 A n 
1 33 G n 
# 
_pdbx_entity_src_syn.entity_id              1 
_pdbx_entity_src_syn.pdbx_src_id            1 
_pdbx_entity_src_syn.pdbx_alt_source_flag   sample 
_pdbx_entity_src_syn.pdbx_beg_seq_num       1 
_pdbx_entity_src_syn.pdbx_end_seq_num       33 
_pdbx_entity_src_syn.organism_scientific    'Caldanaerobacter subterraneus subsp. tengcongensis' 
_pdbx_entity_src_syn.organism_common_name   ? 
_pdbx_entity_src_syn.ncbi_taxonomy_id       119072 
_pdbx_entity_src_syn.details                ? 
# 
_struct_ref.id                         1 
_struct_ref.db_name                    PDB 
_struct_ref.db_code                    6E1U 
_struct_ref.pdbx_db_accession          6E1U 
_struct_ref.pdbx_db_isoform            ? 
_struct_ref.entity_id                  1 
_struct_ref.pdbx_seq_one_letter_code   ? 
_struct_ref.pdbx_align_begin           1 
# 
_struct_ref_seq.align_id                      1 
_struct_ref_seq.ref_id                        1 
_struct_ref_seq.pdbx_PDB_id_code              6E1U 
_struct_ref_seq.pdbx_strand_id                A 
_struct_ref_seq.seq_align_beg                 1 
_struct_ref_seq.pdbx_seq_align_beg_ins_code   ? 
_struct_ref_seq.seq_align_end                 33 
_struct_ref_seq.pdbx_seq_align_end_ins_code   ? 
_struct_ref_seq.pdbx_db_accession             6E1U 
_struct_ref_seq.db_align_beg                  1 
_struct_ref_seq.pdbx_db_align_beg_ins_code    ? 
_struct_ref_seq.db_align_end                  33 
_struct_ref_seq.pdbx_db_align_end_ins_code    ? 
_struct_ref_seq.pdbx_auth_seq_align_beg       1 
_struct_ref_seq.pdbx_auth_seq_align_end       33 
# 
loop_
_chem_comp.id 
_chem_comp.type 
_chem_comp.mon_nstd_flag 
_chem_comp.name 
_chem_comp.pdbx_synonyms 
_chem_comp.formula 
_chem_comp.formula_weight 
A   'RNA linking' y "ADENOSINE-5'-MONOPHOSPHATE"                                ?                                   
'C10 H14 N5 O7 P' 347.221 
C   'RNA linking' y "CYTIDINE-5'-MONOPHOSPHATE"                                 ?                                   
'C9 H14 N3 O8 P'  323.197 
G   'RNA linking' y "GUANOSINE-5'-MONOPHOSPHATE"                                ?                                   
'C10 H14 N5 O8 P' 363.221 
HMJ non-polymer   . '2-[(dibenzo[b,d]furan-2-yl)oxy]-N,N-dimethylethan-1-amine' ?                                   'C16 H17 N O2' 
255.312 
HOH non-polymer   . WATER                                                       ?                                   'H2 O' 18.015  
MG  non-polymer   . 'MAGNESIUM ION'                                             ?                                   'Mg 2' 24.305  
N   'RNA linking' . 
;ANY 5'-MONOPHOSPHATE NUCLEOTIDE
;
"1-DEOXY-RIBOFURANOSE-5'-PHOSPHATE" 'C5 H11 O7 P'     214.110 
U   'RNA linking' y "URIDINE-5'-MONOPHOSPHATE"                                  ?                                   
'C9 H13 N2 O9 P'  324.181 
# 
_exptl.absorpt_coefficient_mu     ? 
_exptl.absorpt_correction_T_max   ? 
_exptl.absorpt_correction_T_min   ? 
_exptl.absorpt_correction_type    ? 
_exptl.absorpt_process_details    ? 
_exptl.entry_id                   6E1U 
_exptl.crystals_number            1 
_exptl.details                    ? 
_exptl.method                     'X-RAY DIFFRACTION' 
_exptl.method_details             ? 
# 
_exptl_crystal.colour                      ? 
_exptl_crystal.density_diffrn              ? 
_exptl_crystal.density_Matthews            5.16 
_exptl_crystal.density_method              ? 
_exptl_crystal.density_percent_sol         76.2 
_exptl_crystal.description                 ? 
_exptl_crystal.F_000                       ? 
_exptl_crystal.id                          1 
_exptl_crystal.preparation                 ? 
_exptl_crystal.size_max                    ? 
_exptl_crystal.size_mid                    ? 
_exptl_crystal.size_min                    ? 
_exptl_crystal.size_rad                    ? 
_exptl_crystal.colour_lustre               ? 
_exptl_crystal.colour_modifier             ? 
_exptl_crystal.colour_primary              ? 
_exptl_crystal.density_meas                ? 
_exptl_crystal.density_meas_esd            ? 
_exptl_crystal.density_meas_gt             ? 
_exptl_crystal.density_meas_lt             ? 
_exptl_crystal.density_meas_temp           ? 
_exptl_crystal.density_meas_temp_esd       ? 
_exptl_crystal.density_meas_temp_gt        ? 
_exptl_crystal.density_meas_temp_lt        ? 
_exptl_crystal.pdbx_crystal_image_url      ? 
_exptl_crystal.pdbx_crystal_image_format   ? 
_exptl_crystal.pdbx_mosaicity              ? 
_exptl_crystal.pdbx_mosaicity_esd          ? 
# 
_exptl_crystal_grow.apparatus       ? 
_exptl_crystal_grow.atmosphere      ? 
_exptl_crystal_grow.crystal_id      1 
_exptl_crystal_grow.details         ? 
_exptl_crystal_grow.method          'VAPOR DIFFUSION, HANGING DROP' 
_exptl_crystal_grow.method_ref      ? 
_exptl_crystal_grow.pH              5.6 
_exptl_crystal_grow.pressure        ? 
_exptl_crystal_grow.pressure_esd    ? 
_exptl_crystal_grow.seeding         ? 
_exptl_crystal_grow.seeding_ref     ? 
_exptl_crystal_grow.temp            294 
_exptl_crystal_grow.temp_details    ? 
_exptl_crystal_grow.temp_esd        ? 
_exptl_crystal_grow.time            ? 
_exptl_crystal_grow.pdbx_details    '0.2 M potassium sodium tartrate, 0.1 M sodium citrate (pH 5.6), 2.8 M ammonium sulfate' 
_exptl_crystal_grow.pdbx_pH_range   ? 
# 
_diffrn.ambient_environment    ? 
_diffrn.ambient_temp           100 
_diffrn.ambient_temp_details   ? 
_diffrn.ambient_temp_esd       ? 
_diffrn.crystal_id             1 
_diffrn.crystal_support        ? 
_diffrn.crystal_treatment      ? 
_diffrn.details                ? 
_diffrn.id                     1 
_diffrn.ambient_pressure       ? 
_diffrn.ambient_pressure_esd   ? 
_diffrn.ambient_pressure_gt    ? 
_diffrn.ambient_pressure_lt    ? 
_diffrn.ambient_temp_gt        ? 
_diffrn.ambient_temp_lt        ? 
# 
_diffrn_detector.details                      ? 
_diffrn_detector.detector                     PIXEL 
_diffrn_detector.diffrn_id                    1 
_diffrn_detector.type                         'DECTRIS PILATUS3 6M' 
_diffrn_detector.area_resol_mean              ? 
_diffrn_detector.dtime                        ? 
_diffrn_detector.pdbx_frames_total            ? 
_diffrn_detector.pdbx_collection_time_total   ? 
_diffrn_detector.pdbx_collection_date         2017-11-07 
# 
_diffrn_radiation.collimation                      ? 
_diffrn_radiation.diffrn_id                        1 
_diffrn_radiation.filter_edge                      ? 
_diffrn_radiation.inhomogeneity                    ? 
_diffrn_radiation.monochromator                    ? 
_diffrn_radiation.polarisn_norm                    ? 
_diffrn_radiation.polarisn_ratio                   ? 
_diffrn_radiation.probe                            ? 
_diffrn_radiation.type                             ? 
_diffrn_radiation.xray_symbol                      ? 
_diffrn_radiation.wavelength_id                    1 
_diffrn_radiation.pdbx_monochromatic_or_laue_m_l   M 
_diffrn_radiation.pdbx_wavelength_list             ? 
_diffrn_radiation.pdbx_wavelength                  ? 
_diffrn_radiation.pdbx_diffrn_protocol             'SINGLE WAVELENGTH' 
_diffrn_radiation.pdbx_analyzer                    ? 
_diffrn_radiation.pdbx_scattering_type             x-ray 
# 
_diffrn_radiation_wavelength.id           1 
_diffrn_radiation_wavelength.wavelength   1.0 
_diffrn_radiation_wavelength.wt           1.0 
# 
_diffrn_source.current                     ? 
_diffrn_source.details                     ? 
_diffrn_source.diffrn_id                   1 
_diffrn_source.power                       ? 
_diffrn_source.size                        ? 
_diffrn_source.source                      SYNCHROTRON 
_diffrn_source.target                      ? 
_diffrn_source.type                        'ALS BEAMLINE 5.0.2' 
_diffrn_source.voltage                     ? 
_diffrn_source.take-off_angle              ? 
_diffrn_source.pdbx_wavelength_list        1.0 
_diffrn_source.pdbx_wavelength             ? 
_diffrn_source.pdbx_synchrotron_beamline   5.0.2 
_diffrn_source.pdbx_synchrotron_site       ALS 
# 
_reflns.B_iso_Wilson_estimate            42.590 
_reflns.entry_id                         6E1U 
_reflns.data_reduction_details           ? 
_reflns.data_reduction_method            ? 
_reflns.d_resolution_high                1.940 
_reflns.d_resolution_low                 99.910 
_reflns.details                          ? 
_reflns.limit_h_max                      ? 
_reflns.limit_h_min                      ? 
_reflns.limit_k_max                      ? 
_reflns.limit_k_min                      ? 
_reflns.limit_l_max                      ? 
_reflns.limit_l_min                      ? 
_reflns.number_all                       ? 
_reflns.number_obs                       17502 
_reflns.observed_criterion               ? 
_reflns.observed_criterion_F_max         ? 
_reflns.observed_criterion_F_min         ? 
_reflns.observed_criterion_I_max         ? 
_reflns.observed_criterion_I_min         ? 
_reflns.observed_criterion_sigma_F       ? 
_reflns.observed_criterion_sigma_I       ? 
_reflns.percent_possible_obs             100.000 
_reflns.R_free_details                   ? 
_reflns.Rmerge_F_all                     ? 
_reflns.Rmerge_F_obs                     ? 
_reflns.Friedel_coverage                 ? 
_reflns.number_gt                        ? 
_reflns.threshold_expression             ? 
_reflns.pdbx_redundancy                  25.600 
_reflns.pdbx_Rmerge_I_obs                0.095 
_reflns.pdbx_Rmerge_I_all                ? 
_reflns.pdbx_Rsym_value                  ? 
_reflns.pdbx_netI_over_av_sigmaI         ? 
_reflns.pdbx_netI_over_sigmaI            15.000 
_reflns.pdbx_res_netI_over_av_sigmaI_2   ? 
_reflns.pdbx_res_netI_over_sigmaI_2      ? 
_reflns.pdbx_chi_squared                 ? 
_reflns.pdbx_scaling_rejects             449 
_reflns.pdbx_d_res_high_opt              ? 
_reflns.pdbx_d_res_low_opt               ? 
_reflns.pdbx_d_res_opt_method            ? 
_reflns.phase_calculation_details        ? 
_reflns.pdbx_Rrim_I_all                  0.097 
_reflns.pdbx_Rpim_I_all                  0.020 
_reflns.pdbx_d_opt                       ? 
_reflns.pdbx_number_measured_all         448241 
_reflns.pdbx_diffrn_id                   1 
_reflns.pdbx_ordinal                     1 
_reflns.pdbx_CC_half                     0.999 
_reflns.pdbx_R_split                     ? 
# 
loop_
_reflns_shell.d_res_high 
_reflns_shell.d_res_low 
_reflns_shell.meanI_over_sigI_all 
_reflns_shell.meanI_over_sigI_obs 
_reflns_shell.number_measured_all 
_reflns_shell.number_measured_obs 
_reflns_shell.number_possible 
_reflns_shell.number_unique_all 
_reflns_shell.number_unique_obs 
_reflns_shell.percent_possible_all 
_reflns_shell.percent_possible_obs 
_reflns_shell.Rmerge_F_all 
_reflns_shell.Rmerge_F_obs 
_reflns_shell.Rmerge_I_all 
_reflns_shell.Rmerge_I_obs 
_reflns_shell.meanI_over_sigI_gt 
_reflns_shell.meanI_over_uI_all 
_reflns_shell.meanI_over_uI_gt 
_reflns_shell.number_measured_gt 
_reflns_shell.number_unique_gt 
_reflns_shell.percent_possible_gt 
_reflns_shell.Rmerge_F_gt 
_reflns_shell.Rmerge_I_gt 
_reflns_shell.pdbx_redundancy 
_reflns_shell.pdbx_Rsym_value 
_reflns_shell.pdbx_chi_squared 
_reflns_shell.pdbx_netI_over_sigmaI_all 
_reflns_shell.pdbx_netI_over_sigmaI_obs 
_reflns_shell.pdbx_Rrim_I_all 
_reflns_shell.pdbx_Rpim_I_all 
_reflns_shell.pdbx_rejects 
_reflns_shell.pdbx_ordinal 
_reflns_shell.pdbx_diffrn_id 
_reflns_shell.pdbx_CC_half 
_reflns_shell.pdbx_R_split 
1.940 1.990  ? ? ? ? ? ? 1262 100.000 ? ? ? ? 4.303 ? ? ? ? ? ? ? ? 26.800 ? ? ? ? 4.385 0.837 ? 1 1 0.698 ? 
8.680 99.910 ? ? ? ? ? ? 252  99.800  ? ? ? ? 0.058 ? ? ? ? ? ? ? ? 21.300 ? ? ? ? 0.060 0.015 ? 2 1 0.998 ? 
# 
_refine.aniso_B[1][1]                            ? 
_refine.aniso_B[1][2]                            ? 
_refine.aniso_B[1][3]                            ? 
_refine.aniso_B[2][2]                            ? 
_refine.aniso_B[2][3]                            ? 
_refine.aniso_B[3][3]                            ? 
_refine.B_iso_max                                160.010 
_refine.B_iso_mean                               58.8384 
_refine.B_iso_min                                29.320 
_refine.correlation_coeff_Fo_to_Fc               ? 
_refine.correlation_coeff_Fo_to_Fc_free          ? 
_refine.details                                  ? 
_refine.diff_density_max                         ? 
_refine.diff_density_max_esd                     ? 
_refine.diff_density_min                         ? 
_refine.diff_density_min_esd                     ? 
_refine.diff_density_rms                         ? 
_refine.diff_density_rms_esd                     ? 
_refine.entry_id                                 6E1U 
_refine.pdbx_refine_id                           'X-RAY DIFFRACTION' 
_refine.ls_abs_structure_details                 ? 
_refine.ls_abs_structure_Flack                   ? 
_refine.ls_abs_structure_Flack_esd               ? 
_refine.ls_abs_structure_Rogers                  ? 
_refine.ls_abs_structure_Rogers_esd              ? 
_refine.ls_d_res_high                            1.9400 
_refine.ls_d_res_low                             57.6810 
_refine.ls_extinction_coef                       ? 
_refine.ls_extinction_coef_esd                   ? 
_refine.ls_extinction_expression                 ? 
_refine.ls_extinction_method                     ? 
_refine.ls_goodness_of_fit_all                   ? 
_refine.ls_goodness_of_fit_all_esd               ? 
_refine.ls_goodness_of_fit_obs                   ? 
_refine.ls_goodness_of_fit_obs_esd               ? 
_refine.ls_hydrogen_treatment                    ? 
_refine.ls_matrix_type                           ? 
_refine.ls_number_constraints                    ? 
_refine.ls_number_parameters                     ? 
_refine.ls_number_reflns_all                     ? 
_refine.ls_number_reflns_obs                     17448 
_refine.ls_number_reflns_R_free                  869 
_refine.ls_number_reflns_R_work                  ? 
_refine.ls_number_restraints                     ? 
_refine.ls_percent_reflns_obs                    99.7800 
_refine.ls_percent_reflns_R_free                 4.9800 
_refine.ls_R_factor_all                          ? 
_refine.ls_R_factor_obs                          0.1903 
_refine.ls_R_factor_R_free                       0.2030 
_refine.ls_R_factor_R_free_error                 ? 
_refine.ls_R_factor_R_free_error_details         ? 
_refine.ls_R_factor_R_work                       0.1896 
_refine.ls_R_Fsqd_factor_obs                     ? 
_refine.ls_R_I_factor_obs                        ? 
_refine.ls_redundancy_reflns_all                 ? 
_refine.ls_redundancy_reflns_obs                 ? 
_refine.ls_restrained_S_all                      ? 
_refine.ls_restrained_S_obs                      ? 
_refine.ls_shift_over_esd_max                    ? 
_refine.ls_shift_over_esd_mean                   ? 
_refine.ls_structure_factor_coef                 ? 
_refine.ls_weighting_details                     ? 
_refine.ls_weighting_scheme                      ? 
_refine.ls_wR_factor_all                         ? 
_refine.ls_wR_factor_obs                         ? 
_refine.ls_wR_factor_R_free                      ? 
_refine.ls_wR_factor_R_work                      ? 
_refine.occupancy_max                            ? 
_refine.occupancy_min                            ? 
_refine.solvent_model_details                    ? 
_refine.solvent_model_param_bsol                 ? 
_refine.solvent_model_param_ksol                 ? 
_refine.ls_R_factor_gt                           ? 
_refine.ls_goodness_of_fit_gt                    ? 
_refine.ls_goodness_of_fit_ref                   ? 
_refine.ls_shift_over_su_max                     ? 
_refine.ls_shift_over_su_max_lt                  ? 
_refine.ls_shift_over_su_mean                    ? 
_refine.ls_shift_over_su_mean_lt                 ? 
_refine.pdbx_ls_sigma_I                          ? 
_refine.pdbx_ls_sigma_F                          1.350 
_refine.pdbx_ls_sigma_Fsqd                       ? 
_refine.pdbx_data_cutoff_high_absF               ? 
_refine.pdbx_data_cutoff_high_rms_absF           ? 
_refine.pdbx_data_cutoff_low_absF                ? 
_refine.pdbx_isotropic_thermal_model             ? 
_refine.pdbx_ls_cross_valid_method               THROUGHOUT 
_refine.pdbx_method_to_determine_struct          'MOLECULAR REPLACEMENT' 
_refine.pdbx_starting_model                      3Q50 
_refine.pdbx_stereochemistry_target_values       ? 
_refine.pdbx_R_Free_selection_details            ? 
_refine.pdbx_stereochem_target_val_spec_case     ? 
_refine.pdbx_overall_ESU_R                       ? 
_refine.pdbx_overall_ESU_R_Free                  ? 
_refine.pdbx_solvent_vdw_probe_radii             1.1100 
_refine.pdbx_solvent_ion_probe_radii             ? 
_refine.pdbx_solvent_shrinkage_radii             0.9000 
_refine.pdbx_real_space_R                        ? 
_refine.pdbx_density_correlation                 ? 
_refine.pdbx_pd_number_of_powder_patterns        ? 
_refine.pdbx_pd_number_of_points                 ? 
_refine.pdbx_pd_meas_number_of_points            ? 
_refine.pdbx_pd_proc_ls_prof_R_factor            ? 
_refine.pdbx_pd_proc_ls_prof_wR_factor           ? 
_refine.pdbx_pd_Marquardt_correlation_coeff      ? 
_refine.pdbx_pd_Fsqrd_R_factor                   ? 
_refine.pdbx_pd_ls_matrix_band_width             ? 
_refine.pdbx_overall_phase_error                 27.1600 
_refine.pdbx_overall_SU_R_free_Cruickshank_DPI   ? 
_refine.pdbx_overall_SU_R_free_Blow_DPI          ? 
_refine.pdbx_overall_SU_R_Blow_DPI               ? 
_refine.pdbx_TLS_residual_ADP_flag               ? 
_refine.pdbx_diffrn_id                           1 
_refine.overall_SU_B                             ? 
_refine.overall_SU_ML                            0.2200 
_refine.overall_SU_R_Cruickshank_DPI             ? 
_refine.overall_SU_R_free                        ? 
_refine.overall_FOM_free_R_set                   ? 
_refine.overall_FOM_work_R_set                   ? 
_refine.pdbx_average_fsc_overall                 ? 
_refine.pdbx_average_fsc_work                    ? 
_refine.pdbx_average_fsc_free                    ? 
# 
_refine_hist.cycle_id                         final 
_refine_hist.pdbx_refine_id                   'X-RAY DIFFRACTION' 
_refine_hist.d_res_high                       1.9400 
_refine_hist.d_res_low                        57.6810 
_refine_hist.pdbx_number_atoms_ligand         20 
_refine_hist.number_atoms_solvent             50 
_refine_hist.number_atoms_total               744 
_refine_hist.pdbx_number_residues_total       33 
_refine_hist.pdbx_B_iso_mean_ligand           43.17 
_refine_hist.pdbx_B_iso_mean_solvent          56.14 
_refine_hist.pdbx_number_atoms_protein        0 
_refine_hist.pdbx_number_atoms_nucleic_acid   674 
# 
loop_
_refine_ls_restr.pdbx_refine_id 
_refine_ls_restr.criterion 
_refine_ls_restr.dev_ideal 
_refine_ls_restr.dev_ideal_target 
_refine_ls_restr.number 
_refine_ls_restr.rejects 
_refine_ls_restr.type 
_refine_ls_restr.weight 
_refine_ls_restr.pdbx_restraint_function 
'X-RAY DIFFRACTION' ? 0.004  ? 773  ? f_bond_d           ? ? 
'X-RAY DIFFRACTION' ? 1.059  ? 1197 ? f_angle_d          ? ? 
'X-RAY DIFFRACTION' ? 0.044  ? 157  ? f_chiral_restr     ? ? 
'X-RAY DIFFRACTION' ? 0.011  ? 32   ? f_plane_restr      ? ? 
'X-RAY DIFFRACTION' ? 16.378 ? 380  ? f_dihedral_angle_d ? ? 
# 
loop_
_refine_ls_shell.pdbx_refine_id 
_refine_ls_shell.d_res_high 
_refine_ls_shell.d_res_low 
_refine_ls_shell.number_reflns_all 
_refine_ls_shell.number_reflns_obs 
_refine_ls_shell.number_reflns_R_free 
_refine_ls_shell.number_reflns_R_work 
_refine_ls_shell.percent_reflns_obs 
_refine_ls_shell.percent_reflns_R_free 
_refine_ls_shell.R_factor_all 
_refine_ls_shell.R_factor_obs 
_refine_ls_shell.R_factor_R_free 
_refine_ls_shell.R_factor_R_free_error 
_refine_ls_shell.R_factor_R_work 
_refine_ls_shell.redundancy_reflns_all 
_refine_ls_shell.redundancy_reflns_obs 
_refine_ls_shell.wR_factor_all 
_refine_ls_shell.wR_factor_obs 
_refine_ls_shell.wR_factor_R_free 
_refine_ls_shell.wR_factor_R_work 
_refine_ls_shell.pdbx_total_number_of_bins_used 
_refine_ls_shell.pdbx_phase_error 
_refine_ls_shell.pdbx_fsc_work 
_refine_ls_shell.pdbx_fsc_free 
'X-RAY DIFFRACTION' 1.9400 2.0616  2840 . 145 2695 100.0000 . . . 0.4046 0.0000 0.3769 . . . . . . 6 . . . 
'X-RAY DIFFRACTION' 2.0616 2.2208  2851 . 121 2730 100.0000 . . . 0.3300 0.0000 0.3334 . . . . . . 6 . . . 
'X-RAY DIFFRACTION' 2.2208 2.4443  2861 . 158 2703 100.0000 . . . 0.2658 0.0000 0.2782 . . . . . . 6 . . . 
'X-RAY DIFFRACTION' 2.4443 2.7979  2872 . 147 2725 100.0000 . . . 0.3482 0.0000 0.2855 . . . . . . 6 . . . 
'X-RAY DIFFRACTION' 2.7979 3.5251  2920 . 143 2777 100.0000 . . . 0.1889 0.0000 0.1805 . . . . . . 6 . . . 
'X-RAY DIFFRACTION' 3.5251 57.7060 3104 . 155 2949 100.0000 . . . 0.1447 0.0000 0.1335 . . . . . . 6 . . . 
# 
_struct.entry_id                     6E1U 
_struct.title                        
;Crystal structure of a class I PreQ1 riboswitch complexed with a synthetic compound 2: 2-[(dibenzo[b,d]furan-2-yl)oxy]-N,N-dimethylethan-1-amine
;
_struct.pdbx_model_details           ? 
_struct.pdbx_formula_weight          ? 
_struct.pdbx_formula_weight_method   ? 
_struct.pdbx_model_type_details      ? 
_struct.pdbx_CASP_flag               N 
# 
_struct_keywords.entry_id        6E1U 
_struct_keywords.text            'PreQ1 riboswitch, Synthetic compound, Complex, RNA' 
_struct_keywords.pdbx_keywords   RNA 
# 
loop_
_struct_asym.id 
_struct_asym.pdbx_blank_PDB_chainid_flag 
_struct_asym.pdbx_modified 
_struct_asym.entity_id 
_struct_asym.details 
A N N 1 ? 
B N N 2 ? 
C N N 3 ? 
D N N 4 ? 
# 
loop_
_struct_conn.id 
_struct_conn.conn_type_id 
_struct_conn.pdbx_leaving_atom_flag 
_struct_conn.pdbx_PDB_id 
_struct_conn.ptnr1_label_asym_id 
_struct_conn.ptnr1_label_comp_id 
_struct_conn.ptnr1_label_seq_id 
_struct_conn.ptnr1_label_atom_id 
_struct_conn.pdbx_ptnr1_label_alt_id 
_struct_conn.pdbx_ptnr1_PDB_ins_code 
_struct_conn.pdbx_ptnr1_standard_comp_id 
_struct_conn.ptnr1_symmetry 
_struct_conn.ptnr2_label_asym_id 
_struct_conn.ptnr2_label_comp_id 
_struct_conn.ptnr2_label_seq_id 
_struct_conn.ptnr2_label_atom_id 
_struct_conn.pdbx_ptnr2_label_alt_id 
_struct_conn.pdbx_ptnr2_PDB_ins_code 
_struct_conn.ptnr1_auth_asym_id 
_struct_conn.ptnr1_auth_comp_id 
_struct_conn.ptnr1_auth_seq_id 
_struct_conn.ptnr2_auth_asym_id 
_struct_conn.ptnr2_auth_comp_id 
_struct_conn.ptnr2_auth_seq_id 
_struct_conn.ptnr2_symmetry 
_struct_conn.pdbx_ptnr3_label_atom_id 
_struct_conn.pdbx_ptnr3_label_seq_id 
_struct_conn.pdbx_ptnr3_label_comp_id 
_struct_conn.pdbx_ptnr3_label_asym_id 
_struct_conn.pdbx_ptnr3_label_alt_id 
_struct_conn.pdbx_ptnr3_PDB_ins_code 
_struct_conn.details 
_struct_conn.pdbx_dist_value 
_struct_conn.pdbx_value_order 
_struct_conn.pdbx_role 
covale1  covale both ? A U 12 "O3'" ? ? ? 1_555 A N  13 P  ? ? A U 12 A N  13  1_555 ? ? ? ? ? ? ?             1.610 ? ? 
covale2  covale both ? A N 14 "O3'" ? ? ? 1_555 A C  15 P  ? ? A N 14 A C  15  1_555 ? ? ? ? ? ? ?             1.614 ? ? 
metalc1  metalc ?    ? A G 3  OP2   ? ? ? 1_555 C MG .  MG ? ? A G 3  A MG 102 1_555 ? ? ? ? ? ? ?             2.460 ? ? 
hydrog1  hydrog ?    ? A C 1  N3    ? ? ? 1_555 A G  20 N1 ? ? A C 1  A G  20  1_555 ? ? ? ? ? ? WATSON-CRICK  ?     ? ? 
hydrog2  hydrog ?    ? A C 1  N4    ? ? ? 1_555 A G  20 O6 ? ? A C 1  A G  20  1_555 ? ? ? ? ? ? WATSON-CRICK  ?     ? ? 
hydrog3  hydrog ?    ? A C 1  O2    ? ? ? 1_555 A G  20 N2 ? ? A C 1  A G  20  1_555 ? ? ? ? ? ? WATSON-CRICK  ?     ? ? 
hydrog4  hydrog ?    ? A U 2  N3    ? ? ? 1_555 A A  19 N1 ? ? A U 2  A A  19  1_555 ? ? ? ? ? ? WATSON-CRICK  ?     ? ? 
hydrog5  hydrog ?    ? A U 2  O4    ? ? ? 1_555 A A  19 N6 ? ? A U 2  A A  19  1_555 ? ? ? ? ? ? WATSON-CRICK  ?     ? ? 
hydrog6  hydrog ?    ? A G 3  N1    ? ? ? 1_555 A C  18 N3 ? ? A G 3  A C  18  1_555 ? ? ? ? ? ? WATSON-CRICK  ?     ? ? 
hydrog7  hydrog ?    ? A G 3  N2    ? ? ? 1_555 A C  18 O2 ? ? A G 3  A C  18  1_555 ? ? ? ? ? ? WATSON-CRICK  ?     ? ? 
hydrog8  hydrog ?    ? A G 3  O6    ? ? ? 1_555 A C  18 N4 ? ? A G 3  A C  18  1_555 ? ? ? ? ? ? WATSON-CRICK  ?     ? ? 
hydrog9  hydrog ?    ? A G 4  N1    ? ? ? 1_555 A C  17 N3 ? ? A G 4  A C  17  1_555 ? ? ? ? ? ? WATSON-CRICK  ?     ? ? 
hydrog10 hydrog ?    ? A G 4  N2    ? ? ? 1_555 A C  17 O2 ? ? A G 4  A C  17  1_555 ? ? ? ? ? ? WATSON-CRICK  ?     ? ? 
hydrog11 hydrog ?    ? A G 4  O6    ? ? ? 1_555 A C  17 N4 ? ? A G 4  A C  17  1_555 ? ? ? ? ? ? WATSON-CRICK  ?     ? ? 
hydrog12 hydrog ?    ? A G 5  N1    ? ? ? 1_555 A C  16 N3 ? ? A G 5  A C  16  1_555 ? ? ? ? ? ? WATSON-CRICK  ?     ? ? 
hydrog13 hydrog ?    ? A G 5  N2    ? ? ? 1_555 A C  16 O2 ? ? A G 5  A C  16  1_555 ? ? ? ? ? ? WATSON-CRICK  ?     ? ? 
hydrog14 hydrog ?    ? A G 5  O6    ? ? ? 1_555 A C  16 N4 ? ? A G 5  A C  16  1_555 ? ? ? ? ? ? WATSON-CRICK  ?     ? ? 
hydrog15 hydrog ?    ? A G 5  N2    ? ? ? 1_555 A A  27 N1 ? ? A G 5  A A  27  1_555 ? ? ? ? ? ? TYPE_10_PAIR  ?     ? ? 
hydrog16 hydrog ?    ? A G 5  N3    ? ? ? 1_555 A A  27 N6 ? ? A G 5  A A  27  1_555 ? ? ? ? ? ? TYPE_10_PAIR  ?     ? ? 
hydrog17 hydrog ?    ? A U 6  N3    ? ? ? 1_555 A A  28 N7 ? ? A U 6  A A  28  1_555 ? ? ? ? ? ? HOOGSTEEN     ?     ? ? 
hydrog18 hydrog ?    ? A U 6  O4    ? ? ? 1_555 A A  28 N6 ? ? A U 6  A A  28  1_555 ? ? ? ? ? ? HOOGSTEEN     ?     ? ? 
hydrog19 hydrog ?    ? A C 7  N4    ? ? ? 1_555 A G  11 N7 ? ? A C 7  A G  11  1_555 ? ? ? ? ? ? 'C-G PAIR'    ?     ? ? 
hydrog20 hydrog ?    ? A C 7  O2    ? ? ? 1_555 A A  29 N6 ? ? A C 7  A A  29  1_555 ? ? ? ? ? ? 'C-A MISPAIR' ?     ? ? 
hydrog21 hydrog ?    ? A C 7  O2    ? ? ? 1_555 A C  30 N4 ? ? A C 7  A C  30  1_555 ? ? ? ? ? ? 'C-C MISPAIR' ?     ? ? 
hydrog22 hydrog ?    ? A G 8  N2    ? ? ? 1_555 A A  31 N1 ? ? A G 8  A A  31  1_555 ? ? ? ? ? ? TYPE_10_PAIR  ?     ? ? 
hydrog23 hydrog ?    ? A G 8  N3    ? ? ? 1_555 A A  31 N6 ? ? A G 8  A A  31  1_555 ? ? ? ? ? ? TYPE_10_PAIR  ?     ? ? 
hydrog24 hydrog ?    ? A C 9  N3    ? ? ? 1_555 A G  33 N1 ? ? A C 9  A G  33  1_555 ? ? ? ? ? ? WATSON-CRICK  ?     ? ? 
hydrog25 hydrog ?    ? A C 9  N4    ? ? ? 1_555 A G  33 O6 ? ? A C 9  A G  33  1_555 ? ? ? ? ? ? WATSON-CRICK  ?     ? ? 
hydrog26 hydrog ?    ? A C 9  O2    ? ? ? 1_555 A G  33 N2 ? ? A C 9  A G  33  1_555 ? ? ? ? ? ? WATSON-CRICK  ?     ? ? 
hydrog27 hydrog ?    ? A A 10 N3    ? ? ? 1_555 A A  32 N6 ? ? A A 10 A A  32  1_555 ? ? ? ? ? ? 'A-A MISPAIR' ?     ? ? 
hydrog28 hydrog ?    ? A G 11 N1    ? ? ? 1_555 A C  30 N3 ? ? A G 11 A C  30  1_555 ? ? ? ? ? ? WATSON-CRICK  ?     ? ? 
hydrog29 hydrog ?    ? A G 11 N2    ? ? ? 1_555 A C  30 O2 ? ? A G 11 A C  30  1_555 ? ? ? ? ? ? WATSON-CRICK  ?     ? ? 
hydrog30 hydrog ?    ? A G 11 O6    ? ? ? 1_555 A C  30 N4 ? ? A G 11 A C  30  1_555 ? ? ? ? ? ? WATSON-CRICK  ?     ? ? 
hydrog31 hydrog ?    ? A C 16 O2    ? ? ? 1_555 A A  28 N6 ? ? A C 16 A A  28  1_555 ? ? ? ? ? ? 'C-A MISPAIR' ?     ? ? 
hydrog32 hydrog ?    ? A C 17 O2    ? ? ? 1_555 A A  26 N6 ? ? A C 17 A A  26  1_555 ? ? ? ? ? ? 'C-A MISPAIR' ?     ? ? 
# 
loop_
_struct_conn_type.id 
_struct_conn_type.criteria 
_struct_conn_type.reference 
covale ? ? 
metalc ? ? 
hydrog ? ? 
# 
loop_
_struct_site.id 
_struct_site.pdbx_evidence_code 
_struct_site.pdbx_auth_asym_id 
_struct_site.pdbx_auth_comp_id 
_struct_site.pdbx_auth_seq_id 
_struct_site.pdbx_auth_ins_code 
_struct_site.pdbx_num_residues 
_struct_site.details 
AC1 Software A HMJ 101 ? 7 'binding site for residue HMJ A 101' 
AC2 Software A MG  102 ? 2 'binding site for residue MG A 102'  
# 
loop_
_struct_site_gen.id 
_struct_site_gen.site_id 
_struct_site_gen.pdbx_num_res 
_struct_site_gen.label_comp_id 
_struct_site_gen.label_asym_id 
_struct_site_gen.label_seq_id 
_struct_site_gen.pdbx_auth_ins_code 
_struct_site_gen.auth_comp_id 
_struct_site_gen.auth_asym_id 
_struct_site_gen.auth_seq_id 
_struct_site_gen.label_atom_id 
_struct_site_gen.label_alt_id 
_struct_site_gen.symmetry 
_struct_site_gen.details 
1 AC1 7 G A 5  ? G A 5  . ? 1_555 ? 
2 AC1 7 U A 6  ? U A 6  . ? 1_555 ? 
3 AC1 7 C A 7  ? C A 7  . ? 1_555 ? 
4 AC1 7 G A 11 ? G A 11 . ? 1_555 ? 
5 AC1 7 C A 15 ? C A 15 . ? 1_555 ? 
6 AC1 7 C A 16 ? C A 16 . ? 1_555 ? 
7 AC1 7 A A 29 ? A A 29 . ? 1_555 ? 
8 AC2 2 G A 3  ? G A 3  . ? 1_555 ? 
9 AC2 2 G A 4  ? G A 4  . ? 1_555 ? 
# 
_atom_sites.entry_id                    6E1U 
_atom_sites.fract_transf_matrix[1][1]   0.00065049 
_atom_sites.fract_transf_matrix[1][2]   0.00453269 
_atom_sites.fract_transf_matrix[1][3]   0.00890033 
_atom_sites.fract_transf_matrix[2][1]   -0.00763827 
_atom_sites.fract_transf_matrix[2][2]   0.00551636 
_atom_sites.fract_transf_matrix[2][3]   0.00337737 
_atom_sites.fract_transf_matrix[3][1]   -0.00666174 
_atom_sites.fract_transf_matrix[3][2]   -0.01383653 
_atom_sites.fract_transf_matrix[3][3]   0.00753344 
_atom_sites.fract_transf_vector[1]      0.511969 
_atom_sites.fract_transf_vector[2]      0.384620 
_atom_sites.fract_transf_vector[3]      0.461568 
# 
loop_
_atom_type.symbol 
C  
MG 
N  
O  
P  
# 
loop_
_atom_site.group_PDB 
_atom_site.id 
_atom_site.type_symbol 
_atom_site.label_atom_id 
_atom_site.label_alt_id 
_atom_site.label_comp_id 
_atom_site.label_asym_id 
_atom_site.label_entity_id 
_atom_site.label_seq_id 
_atom_site.pdbx_PDB_ins_code 
_atom_site.Cartn_x 
_atom_site.Cartn_y 
_atom_site.Cartn_z 
_atom_site.occupancy 
_atom_site.B_iso_or_equiv 
_atom_site.pdbx_formal_charge 
_atom_site.auth_seq_id 
_atom_site.auth_comp_id 
_atom_site.auth_asym_id 
_atom_site.auth_atom_id 
_atom_site.pdbx_PDB_model_num 
ATOM   1   O  "O5'" . C   A 1 1  ? -11.746 11.403  -1.360  1.00 75.77  ? 1   C   A "O5'" 1 
ATOM   2   C  "C5'" . C   A 1 1  ? -11.163 10.955  -0.141  1.00 63.94  ? 1   C   A "C5'" 1 
ATOM   3   C  "C4'" . C   A 1 1  ? -12.204 10.358  0.779   1.00 57.61  ? 1   C   A "C4'" 1 
ATOM   4   O  "O4'" . C   A 1 1  ? -13.113 9.528   0.012   1.00 62.46  ? 1   C   A "O4'" 1 
ATOM   5   C  "C3'" . C   A 1 1  ? -11.666 9.434   1.861   1.00 57.69  ? 1   C   A "C3'" 1 
ATOM   6   O  "O3'" . C   A 1 1  ? -11.197 10.136  3.003   1.00 56.72  ? 1   C   A "O3'" 1 
ATOM   7   C  "C2'" . C   A 1 1  ? -12.846 8.514   2.141   1.00 55.96  ? 1   C   A "C2'" 1 
ATOM   8   O  "O2'" . C   A 1 1  ? -13.799 9.168   2.963   1.00 62.71  ? 1   C   A "O2'" 1 
ATOM   9   C  "C1'" . C   A 1 1  ? -13.449 8.364   0.743   1.00 57.80  ? 1   C   A "C1'" 1 
ATOM   10  N  N1    . C   A 1 1  ? -12.897 7.199   0.011   1.00 47.95  ? 1   C   A N1    1 
ATOM   11  C  C2    . C   A 1 1  ? -13.209 5.888   0.395   1.00 50.72  ? 1   C   A C2    1 
ATOM   12  O  O2    . C   A 1 1  ? -13.972 5.703   1.354   1.00 49.30  ? 1   C   A O2    1 
ATOM   13  N  N3    . C   A 1 1  ? -12.700 4.850   -0.306  1.00 43.93  ? 1   C   A N3    1 
ATOM   14  C  C4    . C   A 1 1  ? -11.881 5.078   -1.325  1.00 43.66  ? 1   C   A C4    1 
ATOM   15  N  N4    . C   A 1 1  ? -11.394 4.027   -1.976  1.00 45.86  ? 1   C   A N4    1 
ATOM   16  C  C5    . C   A 1 1  ? -11.539 6.392   -1.739  1.00 45.49  ? 1   C   A C5    1 
ATOM   17  C  C6    . C   A 1 1  ? -12.056 7.409   -1.045  1.00 50.03  ? 1   C   A C6    1 
ATOM   18  P  P     . U   A 1 2  ? -9.803  9.718   3.687   1.00 59.13  ? 2   U   A P     1 
ATOM   19  O  OP1   . U   A 1 2  ? -9.460  10.708  4.741   1.00 65.80  ? 2   U   A OP1   1 
ATOM   20  O  OP2   . U   A 1 2  ? -8.793  9.444   2.638   1.00 54.69  ? 2   U   A OP2   1 
ATOM   21  O  "O5'" . U   A 1 2  ? -10.138 8.331   4.419   1.00 53.49  ? 2   U   A "O5'" 1 
ATOM   22  C  "C5'" . U   A 1 2  ? -11.125 8.257   5.435   1.00 52.41  ? 2   U   A "C5'" 1 
ATOM   23  C  "C4'" . U   A 1 2  ? -11.489 6.826   5.760   1.00 53.95  ? 2   U   A "C4'" 1 
ATOM   24  O  "O4'" . U   A 1 2  ? -12.099 6.195   4.602   1.00 59.61  ? 2   U   A "O4'" 1 
ATOM   25  C  "C3'" . U   A 1 2  ? -10.338 5.894   6.112   1.00 52.30  ? 2   U   A "C3'" 1 
ATOM   26  O  "O3'" . U   A 1 2  ? -9.867  6.040   7.444   1.00 59.72  ? 2   U   A "O3'" 1 
ATOM   27  C  "C2'" . U   A 1 2  ? -10.943 4.529   5.825   1.00 53.56  ? 2   U   A "C2'" 1 
ATOM   28  O  "O2'" . U   A 1 2  ? -11.891 4.195   6.828   1.00 52.65  ? 2   U   A "O2'" 1 
ATOM   29  C  "C1'" . U   A 1 2  ? -11.730 4.831   4.552   1.00 57.84  ? 2   U   A "C1'" 1 
ATOM   30  N  N1    . U   A 1 2  ? -10.938 4.595   3.319   1.00 51.77  ? 2   U   A N1    1 
ATOM   31  C  C2    . U   A 1 2  ? -10.803 3.286   2.908   1.00 46.89  ? 2   U   A C2    1 
ATOM   32  O  O2    . U   A 1 2  ? -11.259 2.343   3.510   1.00 46.98  ? 2   U   A O2    1 
ATOM   33  N  N3    . U   A 1 2  ? -10.100 3.092   1.764   1.00 42.07  ? 2   U   A N3    1 
ATOM   34  C  C4    . U   A 1 2  ? -9.526  4.057   0.990   1.00 40.69  ? 2   U   A C4    1 
ATOM   35  O  O4    . U   A 1 2  ? -8.930  3.671   -0.008  1.00 42.27  ? 2   U   A O4    1 
ATOM   36  C  C5    . U   A 1 2  ? -9.682  5.407   1.458   1.00 41.92  ? 2   U   A C5    1 
ATOM   37  C  C6    . U   A 1 2  ? -10.380 5.623   2.582   1.00 52.11  ? 2   U   A C6    1 
ATOM   38  P  P     . G   A 1 3  ? -8.326  5.718   7.795   1.00 56.96  ? 3   G   A P     1 
ATOM   39  O  OP1   . G   A 1 3  ? -8.100  6.129   9.206   1.00 68.30  ? 3   G   A OP1   1 
ATOM   40  O  OP2   . G   A 1 3  ? -7.436  6.213   6.719   1.00 49.16  ? 3   G   A OP2   1 
ATOM   41  O  "O5'" . G   A 1 3  ? -8.223  4.123   7.726   1.00 55.59  ? 3   G   A "O5'" 1 
ATOM   42  C  "C5'" . G   A 1 3  ? -8.896  3.299   8.666   1.00 49.17  ? 3   G   A "C5'" 1 
ATOM   43  C  "C4'" . G   A 1 3  ? -8.732  1.835   8.339   1.00 46.12  ? 3   G   A "C4'" 1 
ATOM   44  O  "O4'" . G   A 1 3  ? -9.379  1.531   7.073   1.00 46.80  ? 3   G   A "O4'" 1 
ATOM   45  C  "C3'" . G   A 1 3  ? -7.314  1.327   8.140   1.00 46.71  ? 3   G   A "C3'" 1 
ATOM   46  O  "O3'" . G   A 1 3  ? -6.614  1.112   9.354   1.00 54.39  ? 3   G   A "O3'" 1 
ATOM   47  C  "C2'" . G   A 1 3  ? -7.551  0.053   7.346   1.00 48.20  ? 3   G   A "C2'" 1 
ATOM   48  O  "O2'" . G   A 1 3  ? -8.091  -0.959  8.189   1.00 50.95  ? 3   G   A "O2'" 1 
ATOM   49  C  "C1'" . G   A 1 3  ? -8.674  0.498   6.417   1.00 43.68  ? 3   G   A "C1'" 1 
ATOM   50  N  N9    . G   A 1 3  ? -8.169  0.991   5.125   1.00 43.15  ? 3   G   A N9    1 
ATOM   51  C  C8    . G   A 1 3  ? -7.996  2.301   4.728   1.00 41.01  ? 3   G   A C8    1 
ATOM   52  N  N7    . G   A 1 3  ? -7.519  2.385   3.523   1.00 39.54  ? 3   G   A N7    1 
ATOM   53  C  C5    . G   A 1 3  ? -7.373  1.072   3.097   1.00 45.95  ? 3   G   A C5    1 
ATOM   54  C  C6    . G   A 1 3  ? -6.903  0.548   1.870   1.00 44.97  ? 3   G   A C6    1 
ATOM   55  O  O6    . G   A 1 3  ? -6.520  1.157   0.875   1.00 38.32  ? 3   G   A O6    1 
ATOM   56  N  N1    . G   A 1 3  ? -6.898  -0.838  1.851   1.00 38.18  ? 3   G   A N1    1 
ATOM   57  C  C2    . G   A 1 3  ? -7.303  -1.631  2.892   1.00 41.50  ? 3   G   A C2    1 
ATOM   58  N  N2    . G   A 1 3  ? -7.230  -2.950  2.674   1.00 38.48  ? 3   G   A N2    1 
ATOM   59  N  N3    . G   A 1 3  ? -7.753  -1.160  4.048   1.00 43.67  ? 3   G   A N3    1 
ATOM   60  C  C4    . G   A 1 3  ? -7.758  0.195   4.078   1.00 46.25  ? 3   G   A C4    1 
ATOM   61  P  P     . G   A 1 4  ? -5.030  1.381   9.449   1.00 59.29  ? 4   G   A P     1 
ATOM   62  O  OP1   . G   A 1 4  ? -4.730  1.293   10.897  1.00 65.14  ? 4   G   A OP1   1 
ATOM   63  O  OP2   . G   A 1 4  ? -4.666  2.609   8.694   1.00 57.35  ? 4   G   A OP2   1 
ATOM   64  O  "O5'" . G   A 1 4  ? -4.340  0.177   8.656   1.00 56.18  ? 4   G   A "O5'" 1 
ATOM   65  C  "C5'" . G   A 1 4  ? -4.454  -1.162  9.121   1.00 53.93  ? 4   G   A "C5'" 1 
ATOM   66  C  "C4'" . G   A 1 4  ? -4.276  -2.179  8.017   1.00 53.67  ? 4   G   A "C4'" 1 
ATOM   67  O  "O4'" . G   A 1 4  ? -5.160  -1.898  6.893   1.00 50.64  ? 4   G   A "O4'" 1 
ATOM   68  C  "C3'" . G   A 1 4  ? -2.905  -2.277  7.366   1.00 47.44  ? 4   G   A "C3'" 1 
ATOM   69  O  "O3'" . G   A 1 4  ? -1.952  -2.955  8.163   1.00 56.52  ? 4   G   A "O3'" 1 
ATOM   70  C  "C2'" . G   A 1 4  ? -3.239  -3.019  6.081   1.00 50.65  ? 4   G   A "C2'" 1 
ATOM   71  O  "O2'" . G   A 1 4  ? -3.526  -4.381  6.359   1.00 51.59  ? 4   G   A "O2'" 1 
ATOM   72  C  "C1'" . G   A 1 4  ? -4.555  -2.354  5.697   1.00 47.21  ? 4   G   A "C1'" 1 
ATOM   73  N  N9    . G   A 1 4  ? -4.303  -1.220  4.797   1.00 44.86  ? 4   G   A N9    1 
ATOM   74  C  C8    . G   A 1 4  ? -4.366  0.125   5.061   1.00 43.90  ? 4   G   A C8    1 
ATOM   75  N  N7    . G   A 1 4  ? -4.058  0.845   4.013   1.00 45.97  ? 4   G   A N7    1 
ATOM   76  C  C5    . G   A 1 4  ? -3.781  -0.076  3.010   1.00 45.75  ? 4   G   A C5    1 
ATOM   77  C  C6    . G   A 1 4  ? -3.400  0.108   1.659   1.00 43.43  ? 4   G   A C6    1 
ATOM   78  O  O6    . G   A 1 4  ? -3.229  1.180   1.079   1.00 41.90  ? 4   G   A O6    1 
ATOM   79  N  N1    . G   A 1 4  ? -3.211  -1.097  0.984   1.00 38.57  ? 4   G   A N1    1 
ATOM   80  C  C2    . G   A 1 4  ? -3.392  -2.340  1.548   1.00 45.63  ? 4   G   A C2    1 
ATOM   81  N  N2    . G   A 1 4  ? -3.171  -3.424  0.782   1.00 39.05  ? 4   G   A N2    1 
ATOM   82  N  N3    . G   A 1 4  ? -3.740  -2.510  2.809   1.00 41.58  ? 4   G   A N3    1 
ATOM   83  C  C4    . G   A 1 4  ? -3.926  -1.353  3.478   1.00 43.73  ? 4   G   A C4    1 
ATOM   84  P  P     . G   A 1 5  ? -0.375  -2.712  7.953   1.00 57.53  ? 5   G   A P     1 
ATOM   85  O  OP1   . G   A 1 5  ? 0.320   -3.489  9.008   1.00 59.55  ? 5   G   A OP1   1 
ATOM   86  O  OP2   . G   A 1 5  ? -0.133  -1.247  7.837   1.00 53.18  ? 5   G   A OP2   1 
ATOM   87  O  "O5'" . G   A 1 5  ? -0.053  -3.382  6.538   1.00 57.95  ? 5   G   A "O5'" 1 
ATOM   88  C  "C5'" . G   A 1 5  ? -0.189  -4.782  6.334   1.00 52.37  ? 5   G   A "C5'" 1 
ATOM   89  C  "C4'" . G   A 1 5  ? 0.208   -5.189  4.936   1.00 48.03  ? 5   G   A "C4'" 1 
ATOM   90  O  "O4'" . G   A 1 5  ? -0.669  -4.563  3.964   1.00 45.11  ? 5   G   A "O4'" 1 
ATOM   91  C  "C3'" . G   A 1 5  ? 1.607   -4.779  4.498   1.00 45.58  ? 5   G   A "C3'" 1 
ATOM   92  O  "O3'" . G   A 1 5  ? 2.589   -5.685  4.946   1.00 62.79  ? 5   G   A "O3'" 1 
ATOM   93  C  "C2'" . G   A 1 5  ? 1.486   -4.728  2.980   1.00 47.68  ? 5   G   A "C2'" 1 
ATOM   94  O  "O2'" . G   A 1 5  ? 1.548   -6.037  2.424   1.00 55.42  ? 5   G   A "O2'" 1 
ATOM   95  C  "C1'" . G   A 1 5  ? 0.063   -4.207  2.809   1.00 42.43  ? 5   G   A "C1'" 1 
ATOM   96  N  N9    . G   A 1 5  ? 0.010   -2.740  2.661   1.00 44.77  ? 5   G   A N9    1 
ATOM   97  C  C8    . G   A 1 5  ? -0.233  -1.810  3.646   1.00 46.03  ? 5   G   A C8    1 
ATOM   98  N  N7    . G   A 1 5  ? -0.226  -0.579  3.193   1.00 48.32  ? 5   G   A N7    1 
ATOM   99  C  C5    . G   A 1 5  ? 0.024   -0.705  1.836   1.00 41.33  ? 5   G   A C5    1 
ATOM   100 C  C6    . G   A 1 5  ? 0.123   0.278   0.822   1.00 40.17  ? 5   G   A C6    1 
ATOM   101 O  O6    . G   A 1 5  ? 0.009   1.502   0.910   1.00 43.97  ? 5   G   A O6    1 
ATOM   102 N  N1    . G   A 1 5  ? 0.384   -0.281  -0.423  1.00 43.13  ? 5   G   A N1    1 
ATOM   103 C  C2    . G   A 1 5  ? 0.527   -1.616  -0.668  1.00 40.36  ? 5   G   A C2    1 
ATOM   104 N  N2    . G   A 1 5  ? 0.765   -1.940  -1.940  1.00 43.88  ? 5   G   A N2    1 
ATOM   105 N  N3    . G   A 1 5  ? 0.424   -2.553  0.261   1.00 40.82  ? 5   G   A N3    1 
ATOM   106 C  C4    . G   A 1 5  ? 0.170   -2.030  1.486   1.00 43.63  ? 5   G   A C4    1 
ATOM   107 P  P     . U   A 1 6  ? 4.121   -5.230  5.092   1.00 67.59  ? 6   U   A P     1 
ATOM   108 O  OP1   . U   A 1 6  ? 4.522   -5.716  6.432   1.00 71.20  ? 6   U   A OP1   1 
ATOM   109 O  OP2   . U   A 1 6  ? 4.256   -3.793  4.733   1.00 61.92  ? 6   U   A OP2   1 
ATOM   110 O  "O5'" . U   A 1 6  ? 4.876   -6.103  3.997   1.00 71.74  ? 6   U   A "O5'" 1 
ATOM   111 C  "C5'" . U   A 1 6  ? 4.769   -7.518  4.008   1.00 68.09  ? 6   U   A "C5'" 1 
ATOM   112 C  "C4'" . U   A 1 6  ? 5.130   -8.114  2.673   1.00 62.11  ? 6   U   A "C4'" 1 
ATOM   113 O  "O4'" . U   A 1 6  ? 4.135   -7.754  1.682   1.00 57.28  ? 6   U   A "O4'" 1 
ATOM   114 C  "C3'" . U   A 1 6  ? 6.426   -7.639  2.046   1.00 64.78  ? 6   U   A "C3'" 1 
ATOM   115 O  "O3'" . U   A 1 6  ? 7.588   -8.193  2.629   1.00 67.67  ? 6   U   A "O3'" 1 
ATOM   116 C  "C2'" . U   A 1 6  ? 6.222   -8.016  0.586   1.00 65.15  ? 6   U   A "C2'" 1 
ATOM   117 O  "O2'" . U   A 1 6  ? 6.384   -9.413  0.394   1.00 70.46  ? 6   U   A "O2'" 1 
ATOM   118 C  "C1'" . U   A 1 6  ? 4.745   -7.675  0.408   1.00 61.49  ? 6   U   A "C1'" 1 
ATOM   119 N  N1    . U   A 1 6  ? 4.579   -6.308  -0.125  1.00 56.08  ? 6   U   A N1    1 
ATOM   120 C  C2    . U   A 1 6  ? 4.784   -6.170  -1.479  1.00 56.86  ? 6   U   A C2    1 
ATOM   121 O  O2    . U   A 1 6  ? 5.066   -7.104  -2.207  1.00 62.02  ? 6   U   A O2    1 
ATOM   122 N  N3    . U   A 1 6  ? 4.631   -4.897  -1.955  1.00 55.02  ? 6   U   A N3    1 
ATOM   123 C  C4    . U   A 1 6  ? 4.315   -3.769  -1.230  1.00 47.14  ? 6   U   A C4    1 
ATOM   124 O  O4    . U   A 1 6  ? 4.223   -2.693  -1.824  1.00 49.89  ? 6   U   A O4    1 
ATOM   125 C  C5    . U   A 1 6  ? 4.134   -3.988  0.173   1.00 48.36  ? 6   U   A C5    1 
ATOM   126 C  C6    . U   A 1 6  ? 4.269   -5.229  0.671   1.00 52.69  ? 6   U   A C6    1 
ATOM   127 P  P     . C   A 1 7  ? 8.861   -7.251  2.905   1.00 67.03  ? 7   C   A P     1 
ATOM   128 O  OP1   . C   A 1 7  ? 10.002  -8.145  3.229   1.00 71.99  ? 7   C   A OP1   1 
ATOM   129 O  OP2   . C   A 1 7  ? 8.475   -6.186  3.864   1.00 69.08  ? 7   C   A OP2   1 
ATOM   130 O  "O5'" . C   A 1 7  ? 9.127   -6.540  1.500   1.00 71.02  ? 7   C   A "O5'" 1 
ATOM   131 C  "C5'" . C   A 1 7  ? 9.575   -7.279  0.371   1.00 68.37  ? 7   C   A "C5'" 1 
ATOM   132 C  "C4'" . C   A 1 7  ? 9.515   -6.466  -0.902  1.00 64.58  ? 7   C   A "C4'" 1 
ATOM   133 O  "O4'" . C   A 1 7  ? 8.213   -5.835  -1.048  1.00 58.01  ? 7   C   A "O4'" 1 
ATOM   134 C  "C3'" . C   A 1 7  ? 10.494  -5.306  -1.010  1.00 63.28  ? 7   C   A "C3'" 1 
ATOM   135 O  "O3'" . C   A 1 7  ? 11.812  -5.716  -1.334  1.00 69.13  ? 7   C   A "O3'" 1 
ATOM   136 C  "C2'" . C   A 1 7  ? 9.841   -4.433  -2.072  1.00 61.36  ? 7   C   A "C2'" 1 
ATOM   137 O  "O2'" . C   A 1 7  ? 10.074  -4.963  -3.369  1.00 64.59  ? 7   C   A "O2'" 1 
ATOM   138 C  "C1'" . C   A 1 7  ? 8.352   -4.604  -1.729  1.00 54.29  ? 7   C   A "C1'" 1 
ATOM   139 N  N1    . C   A 1 7  ? 7.875   -3.503  -0.852  1.00 53.29  ? 7   C   A N1    1 
ATOM   140 C  C2    . C   A 1 7  ? 7.698   -2.248  -1.437  1.00 52.46  ? 7   C   A C2    1 
ATOM   141 O  O2    . C   A 1 7  ? 7.898   -2.104  -2.645  1.00 56.87  ? 7   C   A O2    1 
ATOM   142 N  N3    . C   A 1 7  ? 7.299   -1.208  -0.683  1.00 53.48  ? 7   C   A N3    1 
ATOM   143 C  C4    . C   A 1 7  ? 7.073   -1.362  0.614   1.00 50.15  ? 7   C   A C4    1 
ATOM   144 N  N4    . C   A 1 7  ? 6.679   -0.266  1.270   1.00 48.14  ? 7   C   A N4    1 
ATOM   145 C  C5    . C   A 1 7  ? 7.241   -2.625  1.261   1.00 49.37  ? 7   C   A C5    1 
ATOM   146 C  C6    . C   A 1 7  ? 7.653   -3.656  0.498   1.00 52.74  ? 7   C   A C6    1 
ATOM   147 P  P     . G   A 1 8  ? 13.039  -5.325  -0.371  1.00 72.25  ? 8   G   A P     1 
ATOM   148 O  OP1   . G   A 1 8  ? 14.263  -6.025  -0.854  1.00 69.54  ? 8   G   A OP1   1 
ATOM   149 O  OP2   . G   A 1 8  ? 12.603  -5.463  1.041   1.00 70.43  ? 8   G   A OP2   1 
ATOM   150 O  "O5'" . G   A 1 8  ? 13.236  -3.769  -0.625  1.00 77.05  ? 8   G   A "O5'" 1 
ATOM   151 C  "C5'" . G   A 1 8  ? 13.390  -3.263  -1.939  1.00 69.88  ? 8   G   A "C5'" 1 
ATOM   152 C  "C4'" . G   A 1 8  ? 13.212  -1.769  -1.973  1.00 63.36  ? 8   G   A "C4'" 1 
ATOM   153 O  "O4'" . G   A 1 8  ? 11.807  -1.421  -1.804  1.00 62.82  ? 8   G   A "O4'" 1 
ATOM   154 C  "C3'" . G   A 1 8  ? 13.912  -0.978  -0.880  1.00 64.44  ? 8   G   A "C3'" 1 
ATOM   155 O  "O3'" . G   A 1 8  ? 15.309  -0.819  -1.099  1.00 70.07  ? 8   G   A "O3'" 1 
ATOM   156 C  "C2'" . G   A 1 8  ? 13.141  0.335   -0.908  1.00 65.34  ? 8   G   A "C2'" 1 
ATOM   157 O  "O2'" . G   A 1 8  ? 13.579  1.153   -1.980  1.00 63.27  ? 8   G   A "O2'" 1 
ATOM   158 C  "C1'" . G   A 1 8  ? 11.706  -0.157  -1.179  1.00 62.57  ? 8   G   A "C1'" 1 
ATOM   159 N  N9    . G   A 1 8  ? 11.008  -0.282  0.113   1.00 61.42  ? 8   G   A N9    1 
ATOM   160 C  C8    . G   A 1 8  ? 10.899  -1.367  0.945   1.00 54.65  ? 8   G   A C8    1 
ATOM   161 N  N7    . G   A 1 8  ? 10.303  -1.068  2.069   1.00 62.96  ? 8   G   A N7    1 
ATOM   162 C  C5    . G   A 1 8  ? 10.036  0.294   1.986   1.00 58.22  ? 8   G   A C5    1 
ATOM   163 C  C6    . G   A 1 8  ? 9.411   1.189   2.896   1.00 61.12  ? 8   G   A C6    1 
ATOM   164 O  O6    . G   A 1 8  ? 8.940   0.938   4.006   1.00 62.08  ? 8   G   A O6    1 
ATOM   165 N  N1    . G   A 1 8  ? 9.358   2.494   2.411   1.00 51.08  ? 8   G   A N1    1 
ATOM   166 C  C2    . G   A 1 8  ? 9.840   2.884   1.187   1.00 50.86  ? 8   G   A C2    1 
ATOM   167 N  N2    . G   A 1 8  ? 9.706   4.180   0.863   1.00 50.20  ? 8   G   A N2    1 
ATOM   168 N  N3    . G   A 1 8  ? 10.417  2.059   0.330   1.00 51.54  ? 8   G   A N3    1 
ATOM   169 C  C4    . G   A 1 8  ? 10.482  0.793   0.790   1.00 55.37  ? 8   G   A C4    1 
ATOM   170 P  P     . C   A 1 9  ? 16.399  -1.182  0.040   1.00 74.81  ? 9   C   A P     1 
ATOM   171 O  OP1   . C   A 1 9  ? 17.732  -1.072  -0.609  1.00 71.10  ? 9   C   A OP1   1 
ATOM   172 O  OP2   . C   A 1 9  ? 16.016  -2.439  0.733   1.00 81.37  ? 9   C   A OP2   1 
ATOM   173 O  "O5'" . C   A 1 9  ? 16.298  0.016   1.086   1.00 75.58  ? 9   C   A "O5'" 1 
ATOM   174 C  "C5'" . C   A 1 9  ? 17.002  -0.014  2.320   1.00 68.49  ? 9   C   A "C5'" 1 
ATOM   175 C  "C4'" . C   A 1 9  ? 17.123  1.371   2.909   1.00 68.36  ? 9   C   A "C4'" 1 
ATOM   176 O  "O4'" . C   A 1 9  ? 18.060  2.151   2.118   1.00 73.71  ? 9   C   A "O4'" 1 
ATOM   177 C  "C3'" . C   A 1 9  ? 15.852  2.213   2.909   1.00 64.87  ? 9   C   A "C3'" 1 
ATOM   178 O  "O3'" . C   A 1 9  ? 14.987  1.921   3.997   1.00 72.58  ? 9   C   A "O3'" 1 
ATOM   179 C  "C2'" . C   A 1 9  ? 16.397  3.633   2.934   1.00 67.12  ? 9   C   A "C2'" 1 
ATOM   180 O  "O2'" . C   A 1 9  ? 16.841  3.970   4.243   1.00 69.99  ? 9   C   A "O2'" 1 
ATOM   181 C  "C1'" . C   A 1 9  ? 17.629  3.495   2.042   1.00 71.77  ? 9   C   A "C1'" 1 
ATOM   182 N  N1    . C   A 1 9  ? 17.367  3.820   0.617   1.00 65.26  ? 9   C   A N1    1 
ATOM   183 C  C2    . C   A 1 9  ? 17.189  5.147   0.201   1.00 63.98  ? 9   C   A C2    1 
ATOM   184 O  O2    . C   A 1 9  ? 17.220  6.061   1.035   1.00 64.47  ? 9   C   A O2    1 
ATOM   185 N  N3    . C   A 1 9  ? 16.983  5.414   -1.108  1.00 62.53  ? 9   C   A N3    1 
ATOM   186 C  C4    . C   A 1 9  ? 16.958  4.413   -1.986  1.00 62.33  ? 9   C   A C4    1 
ATOM   187 N  N4    . C   A 1 9  ? 16.751  4.710   -3.268  1.00 61.23  ? 9   C   A N4    1 
ATOM   188 C  C5    . C   A 1 9  ? 17.138  3.057   -1.597  1.00 63.55  ? 9   C   A C5    1 
ATOM   189 C  C6    . C   A 1 9  ? 17.343  2.811   -0.303  1.00 65.01  ? 9   C   A C6    1 
ATOM   190 P  P     . A   A 1 10 ? 13.396  1.859   3.784   1.00 65.69  ? 10  A   A P     1 
ATOM   191 O  OP1   . A   A 1 10 ? 12.764  1.527   5.088   1.00 75.05  ? 10  A   A OP1   1 
ATOM   192 O  OP2   . A   A 1 10 ? 13.134  0.971   2.625   1.00 64.37  ? 10  A   A OP2   1 
ATOM   193 O  "O5'" . A   A 1 10 ? 12.984  3.352   3.403   1.00 62.08  ? 10  A   A "O5'" 1 
ATOM   194 C  "C5'" . A   A 1 10 ? 13.216  4.441   4.287   1.00 59.46  ? 10  A   A "C5'" 1 
ATOM   195 C  "C4'" . A   A 1 10 ? 13.076  5.766   3.573   1.00 58.15  ? 10  A   A "C4'" 1 
ATOM   196 O  "O4'" . A   A 1 10 ? 14.031  5.838   2.481   1.00 61.01  ? 10  A   A "O4'" 1 
ATOM   197 C  "C3'" . A   A 1 10 ? 11.726  6.041   2.924   1.00 55.00  ? 10  A   A "C3'" 1 
ATOM   198 O  "O3'" . A   A 1 10 ? 10.820  6.622   3.840   1.00 65.19  ? 10  A   A "O3'" 1 
ATOM   199 C  "C2'" . A   A 1 10 ? 12.070  6.982   1.775   1.00 63.54  ? 10  A   A "C2'" 1 
ATOM   200 O  "O2'" . A   A 1 10 ? 12.182  8.324   2.229   1.00 68.84  ? 10  A   A "O2'" 1 
ATOM   201 C  "C1'" . A   A 1 10 ? 13.462  6.505   1.378   1.00 58.59  ? 10  A   A "C1'" 1 
ATOM   202 N  N9    . A   A 1 10 ? 13.459  5.586   0.227   1.00 56.07  ? 10  A   A N9    1 
ATOM   203 C  C8    . A   A 1 10 ? 13.539  4.218   0.222   1.00 56.49  ? 10  A   A C8    1 
ATOM   204 N  N7    . A   A 1 10 ? 13.560  3.707   -0.979  1.00 55.98  ? 10  A   A N7    1 
ATOM   205 C  C5    . A   A 1 10 ? 13.508  4.821   -1.808  1.00 55.22  ? 10  A   A C5    1 
ATOM   206 C  C6    . A   A 1 10 ? 13.510  4.980   -3.201  1.00 54.75  ? 10  A   A C6    1 
ATOM   207 N  N6    . A   A 1 10 ? 13.550  3.968   -4.065  1.00 54.89  ? 10  A   A N6    1 
ATOM   208 N  N1    . A   A 1 10 ? 13.447  6.233   -3.692  1.00 57.98  ? 10  A   A N1    1 
ATOM   209 C  C2    . A   A 1 10 ? 13.394  7.261   -2.844  1.00 54.51  ? 10  A   A C2    1 
ATOM   210 N  N3    . A   A 1 10 ? 13.398  7.239   -1.522  1.00 60.83  ? 10  A   A N3    1 
ATOM   211 C  C4    . A   A 1 10 ? 13.451  5.980   -1.074  1.00 55.28  ? 10  A   A C4    1 
ATOM   212 P  P     . G   A 1 11 ? 9.363   6.001   4.103   1.00 58.23  ? 11  G   A P     1 
ATOM   213 O  OP1   . G   A 1 11 ? 8.789   6.864   5.155   1.00 63.84  ? 11  G   A OP1   1 
ATOM   214 O  OP2   . G   A 1 11 ? 9.374   4.519   4.228   1.00 54.46  ? 11  G   A OP2   1 
ATOM   215 O  "O5'" . G   A 1 11 ? 8.548   6.336   2.782   1.00 57.93  ? 11  G   A "O5'" 1 
ATOM   216 C  "C5'" . G   A 1 11 ? 8.451   7.676   2.315   1.00 53.76  ? 11  G   A "C5'" 1 
ATOM   217 C  "C4'" . G   A 1 11 ? 7.179   7.898   1.545   1.00 54.13  ? 11  G   A "C4'" 1 
ATOM   218 O  "O4'" . G   A 1 11 ? 7.077   6.900   0.490   1.00 52.86  ? 11  G   A "O4'" 1 
ATOM   219 C  "C3'" . G   A 1 11 ? 5.905   7.770   2.366   1.00 55.51  ? 11  G   A "C3'" 1 
ATOM   220 O  "O3'" . G   A 1 11 ? 4.896   8.575   1.761   1.00 62.28  ? 11  G   A "O3'" 1 
ATOM   221 C  "C2'" . G   A 1 11 ? 5.540   6.303   2.153   1.00 53.19  ? 11  G   A "C2'" 1 
ATOM   222 O  "O2'" . G   A 1 11 ? 4.187   6.004   2.377   1.00 53.43  ? 11  G   A "O2'" 1 
ATOM   223 C  "C1'" . G   A 1 11 ? 5.916   6.115   0.683   1.00 57.46  ? 11  G   A "C1'" 1 
ATOM   224 N  N9    . G   A 1 11 ? 6.241   4.738   0.288   1.00 51.19  ? 11  G   A N9    1 
ATOM   225 C  C8    . G   A 1 11 ? 6.344   3.611   1.061   1.00 45.72  ? 11  G   A C8    1 
ATOM   226 N  N7    . G   A 1 11 ? 6.668   2.547   0.381   1.00 45.89  ? 11  G   A N7    1 
ATOM   227 C  C5    . G   A 1 11 ? 6.807   2.999   -0.918  1.00 45.50  ? 11  G   A C5    1 
ATOM   228 C  C6    . G   A 1 11 ? 7.156   2.310   -2.107  1.00 47.27  ? 11  G   A C6    1 
ATOM   229 O  O6    . G   A 1 11 ? 7.433   1.117   -2.260  1.00 46.36  ? 11  G   A O6    1 
ATOM   230 N  N1    . G   A 1 11 ? 7.169   3.164   -3.205  1.00 46.51  ? 11  G   A N1    1 
ATOM   231 C  C2    . G   A 1 11 ? 6.899   4.508   -3.169  1.00 47.58  ? 11  G   A C2    1 
ATOM   232 N  N2    . G   A 1 11 ? 6.970   5.166   -4.340  1.00 46.72  ? 11  G   A N2    1 
ATOM   233 N  N3    . G   A 1 11 ? 6.580   5.164   -2.066  1.00 45.35  ? 11  G   A N3    1 
ATOM   234 C  C4    . G   A 1 11 ? 6.546   4.349   -0.992  1.00 47.04  ? 11  G   A C4    1 
ATOM   235 P  P     . U   A 1 12 ? 4.865   10.179  1.903   1.00 78.37  ? 12  U   A P     1 
ATOM   236 O  OP1   . U   A 1 12 ? 3.742   10.620  1.038   1.00 82.88  ? 12  U   A OP1   1 
ATOM   237 O  OP2   . U   A 1 12 ? 6.178   10.830  1.629   1.00 80.32  ? 12  U   A OP2   1 
ATOM   238 O  "O5'" . U   A 1 12 ? 4.406   10.392  3.404   1.00 69.22  ? 12  U   A "O5'" 1 
ATOM   239 C  "C5'" . U   A 1 12 ? 3.169   9.833   3.846   1.00 55.87  ? 12  U   A "C5'" 1 
ATOM   240 C  "C4'" . U   A 1 12 ? 2.181   10.889  4.270   1.00 59.35  ? 12  U   A "C4'" 1 
ATOM   241 O  "O4'" . U   A 1 12 ? 2.844   11.822  5.170   1.00 62.87  ? 12  U   A "O4'" 1 
ATOM   242 C  "C3'" . U   A 1 12 ? 1.572   11.736  3.144   1.00 62.78  ? 12  U   A "C3'" 1 
ATOM   243 O  "O3'" . U   A 1 12 ? 0.208   12.037  3.453   1.00 68.58  ? 12  U   A "O3'" 1 
ATOM   244 C  "C2'" . U   A 1 12 ? 2.391   13.020  3.218   1.00 58.78  ? 12  U   A "C2'" 1 
ATOM   245 O  "O2'" . U   A 1 12 ? 1.764   14.168  2.689   1.00 61.67  ? 12  U   A "O2'" 1 
ATOM   246 C  "C1'" . U   A 1 12 ? 2.626   13.140  4.723   1.00 57.08  ? 12  U   A "C1'" 1 
ATOM   247 N  N1    . U   A 1 12 ? 3.785   13.976  5.056   1.00 51.61  ? 12  U   A N1    1 
ATOM   248 C  C2    . U   A 1 12 ? 3.556   15.174  5.702   1.00 52.20  ? 12  U   A C2    1 
ATOM   249 O  O2    . U   A 1 12 ? 2.456   15.537  6.057   1.00 56.51  ? 12  U   A O2    1 
ATOM   250 N  N3    . U   A 1 12 ? 4.672   15.931  5.934   1.00 47.96  ? 12  U   A N3    1 
ATOM   251 C  C4    . U   A 1 12 ? 5.961   15.620  5.560   1.00 48.89  ? 12  U   A C4    1 
ATOM   252 O  O4    . U   A 1 12 ? 6.872   16.404  5.815   1.00 51.49  ? 12  U   A O4    1 
ATOM   253 C  C5    . U   A 1 12 ? 6.118   14.376  4.877   1.00 48.71  ? 12  U   A C5    1 
ATOM   254 C  C6    . U   A 1 12 ? 5.044   13.613  4.656   1.00 52.74  ? 12  U   A C6    1 
ATOM   255 P  P     . N   A 1 13 ? -1.000  11.344  2.645   1.00 81.37  ? 13  N   A P     1 
ATOM   256 O  OP1   . N   A 1 13 ? -0.949  11.797  1.203   1.00 81.19  ? 13  N   A OP1   1 
ATOM   257 O  OP2   . N   A 1 13 ? -2.236  11.614  3.457   1.00 86.45  ? 13  N   A OP2   1 
ATOM   258 O  "O5'" . N   A 1 13 ? -0.673  9.763   2.692   1.00 74.69  ? 13  N   A "O5'" 1 
ATOM   259 P  P     . N   A 1 14 ? -4.067  9.550   -0.048  1.00 159.04 ? 14  N   A P     1 
ATOM   260 O  OP1   . N   A 1 14 ? -5.043  9.905   1.051   1.00 160.01 ? 14  N   A OP1   1 
ATOM   261 O  OP2   . N   A 1 14 ? -3.665  8.112   -0.300  1.00 156.16 ? 14  N   A OP2   1 
ATOM   262 O  "O5'" . N   A 1 14 ? -4.580  10.197  -1.414  1.00 158.97 ? 14  N   A "O5'" 1 
ATOM   263 C  "C5'" . N   A 1 14 ? -4.438  11.589  -1.665  1.00 152.30 ? 14  N   A "C5'" 1 
ATOM   264 C  "C4'" . N   A 1 14 ? -3.111  11.906  -2.317  1.00 143.08 ? 14  N   A "C4'" 1 
ATOM   265 O  "O4'" . N   A 1 14 ? -2.028  11.713  -1.362  1.00 132.29 ? 14  N   A "O4'" 1 
ATOM   266 C  "C3'" . N   A 1 14 ? -2.719  11.047  -3.515  1.00 139.99 ? 14  N   A "C3'" 1 
ATOM   267 O  "O3'" . N   A 1 14 ? -3.314  11.485  -4.733  1.00 141.71 ? 14  N   A "O3'" 1 
ATOM   268 C  "C2'" . N   A 1 14 ? -1.197  11.135  -3.505  1.00 130.66 ? 14  N   A "C2'" 1 
ATOM   269 O  "O2'" . N   A 1 14 ? -0.754  12.371  -4.048  1.00 130.43 ? 14  N   A "O2'" 1 
ATOM   270 C  "C1'" . N   A 1 14 ? -0.908  11.147  -2.006  1.00 124.76 ? 14  N   A "C1'" 1 
ATOM   271 P  P     . C   A 1 15 ? -4.086  10.454  -5.705  1.00 142.78 ? 15  C   A P     1 
ATOM   272 O  OP1   . C   A 1 15 ? -4.425  11.161  -6.969  1.00 136.20 ? 15  C   A OP1   1 
ATOM   273 O  OP2   . C   A 1 15 ? -5.177  9.807   -4.929  1.00 147.27 ? 15  C   A OP2   1 
ATOM   274 O  "O5'" . C   A 1 15 ? -2.980  9.362   -6.069  1.00 132.69 ? 15  C   A "O5'" 1 
ATOM   275 C  "C5'" . C   A 1 15 ? -2.207  9.489   -7.254  1.00 122.66 ? 15  C   A "C5'" 1 
ATOM   276 C  "C4'" . C   A 1 15 ? -0.848  8.840   -7.132  1.00 107.36 ? 15  C   A "C4'" 1 
ATOM   277 O  "O4'" . C   A 1 15 ? -0.136  9.343   -5.980  1.00 95.94  ? 15  C   A "O4'" 1 
ATOM   278 C  "C3'" . C   A 1 15 ? -0.820  7.333   -6.948  1.00 104.22 ? 15  C   A "C3'" 1 
ATOM   279 O  "O3'" . C   A 1 15 ? -1.020  6.650   -8.173  1.00 115.18 ? 15  C   A "O3'" 1 
ATOM   280 C  "C2'" . C   A 1 15 ? 0.564   7.091   -6.348  1.00 95.59  ? 15  C   A "C2'" 1 
ATOM   281 O  "O2'" . C   A 1 15 ? 1.543   6.989   -7.368  1.00 87.29  ? 15  C   A "O2'" 1 
ATOM   282 C  "C1'" . C   A 1 15 ? 0.809   8.386   -5.556  1.00 97.03  ? 15  C   A "C1'" 1 
ATOM   283 N  N1    . C   A 1 15 ? 0.740   8.200   -4.081  1.00 105.23 ? 15  C   A N1    1 
ATOM   284 C  C2    . C   A 1 15 ? 1.874   8.612   -3.358  1.00 102.72 ? 15  C   A C2    1 
ATOM   285 O  O2    . C   A 1 15 ? 2.818   9.123   -3.987  1.00 97.10  ? 15  C   A O2    1 
ATOM   286 N  N3    . C   A 1 15 ? 1.908   8.473   -2.006  1.00 101.36 ? 15  C   A N3    1 
ATOM   287 C  C4    . C   A 1 15 ? 0.863   7.922   -1.371  1.00 110.66 ? 15  C   A C4    1 
ATOM   288 N  N4    . C   A 1 15 ? 0.941   7.798   -0.038  1.00 110.62 ? 15  C   A N4    1 
ATOM   289 C  C5    . C   A 1 15 ? -0.302  7.475   -2.081  1.00 110.35 ? 15  C   A C5    1 
ATOM   290 C  C6    . C   A 1 15 ? -0.322  7.626   -3.419  1.00 109.16 ? 15  C   A C6    1 
ATOM   291 P  P     . C   A 1 16 ? -1.697  5.194   -8.207  1.00 67.17  ? 16  C   A P     1 
ATOM   292 O  OP1   . C   A 1 16 ? -2.145  4.943   -9.598  1.00 70.33  ? 16  C   A OP1   1 
ATOM   293 O  OP2   . C   A 1 16 ? -2.681  5.081   -7.091  1.00 64.63  ? 16  C   A OP2   1 
ATOM   294 O  "O5'" . C   A 1 16 ? -0.488  4.212   -7.857  1.00 66.49  ? 16  C   A "O5'" 1 
ATOM   295 C  "C5'" . C   A 1 16 ? 0.257   3.552   -8.873  1.00 55.99  ? 16  C   A "C5'" 1 
ATOM   296 C  "C4'" . C   A 1 16 ? 0.764   2.217   -8.384  1.00 47.94  ? 16  C   A "C4'" 1 
ATOM   297 O  "O4'" . C   A 1 16 ? 1.601   2.409   -7.218  1.00 47.00  ? 16  C   A "O4'" 1 
ATOM   298 C  "C3'" . C   A 1 16 ? -0.297  1.240   -7.904  1.00 43.25  ? 16  C   A "C3'" 1 
ATOM   299 O  "O3'" . C   A 1 16 ? -0.923  0.555   -8.972  1.00 51.15  ? 16  C   A "O3'" 1 
ATOM   300 C  "C2'" . C   A 1 16 ? 0.499   0.332   -6.978  1.00 42.81  ? 16  C   A "C2'" 1 
ATOM   301 O  "O2'" . C   A 1 16 ? 1.313   -0.555  -7.733  1.00 47.09  ? 16  C   A "O2'" 1 
ATOM   302 C  "C1'" . C   A 1 16 ? 1.438   1.332   -6.324  1.00 44.67  ? 16  C   A "C1'" 1 
ATOM   303 N  N1    . C   A 1 16 ? 0.959   1.853   -5.026  1.00 43.79  ? 16  C   A N1    1 
ATOM   304 C  C2    . C   A 1 16 ? 1.017   1.028   -3.899  1.00 43.63  ? 16  C   A C2    1 
ATOM   305 O  O2    . C   A 1 16 ? 1.410   -0.145  -4.010  1.00 45.98  ? 16  C   A O2    1 
ATOM   306 N  N3    . C   A 1 16 ? 0.633   1.514   -2.695  1.00 40.58  ? 16  C   A N3    1 
ATOM   307 C  C4    . C   A 1 16 ? 0.199   2.772   -2.578  1.00 40.17  ? 16  C   A C4    1 
ATOM   308 N  N4    . C   A 1 16 ? -0.154  3.193   -1.352  1.00 37.81  ? 16  C   A N4    1 
ATOM   309 C  C5    . C   A 1 16 ? 0.144   3.639   -3.705  1.00 42.56  ? 16  C   A C5    1 
ATOM   310 C  C6    . C   A 1 16 ? 0.535   3.147   -4.898  1.00 45.10  ? 16  C   A C6    1 
ATOM   311 P  P     . C   A 1 17 ? -2.385  -0.068  -8.799  1.00 53.15  ? 17  C   A P     1 
ATOM   312 O  OP1   . C   A 1 17 ? -2.714  -0.698  -10.095 1.00 51.79  ? 17  C   A OP1   1 
ATOM   313 O  OP2   . C   A 1 17 ? -3.304  0.930   -8.195  1.00 50.31  ? 17  C   A OP2   1 
ATOM   314 O  "O5'" . C   A 1 17 ? -2.192  -1.219  -7.713  1.00 53.81  ? 17  C   A "O5'" 1 
ATOM   315 C  "C5'" . C   A 1 17 ? -1.549  -2.444  -8.037  1.00 50.91  ? 17  C   A "C5'" 1 
ATOM   316 C  "C4'" . C   A 1 17 ? -1.633  -3.421  -6.893  1.00 49.83  ? 17  C   A "C4'" 1 
ATOM   317 O  "O4'" . C   A 1 17 ? -0.931  -2.893  -5.739  1.00 47.97  ? 17  C   A "O4'" 1 
ATOM   318 C  "C3'" . C   A 1 17 ? -3.032  -3.701  -6.367  1.00 45.19  ? 17  C   A "C3'" 1 
ATOM   319 O  "O3'" . C   A 1 17 ? -3.726  -4.644  -7.160  1.00 49.87  ? 17  C   A "O3'" 1 
ATOM   320 C  "C2'" . C   A 1 17 ? -2.753  -4.184  -4.954  1.00 46.77  ? 17  C   A "C2'" 1 
ATOM   321 O  "O2'" . C   A 1 17 ? -2.222  -5.498  -5.007  1.00 47.91  ? 17  C   A "O2'" 1 
ATOM   322 C  "C1'" . C   A 1 17 ? -1.606  -3.266  -4.556  1.00 45.98  ? 17  C   A "C1'" 1 
ATOM   323 N  N1    . C   A 1 17 ? -2.020  -2.033  -3.841  1.00 39.24  ? 17  C   A N1    1 
ATOM   324 C  C2    . C   A 1 17 ? -2.304  -2.089  -2.472  1.00 42.38  ? 17  C   A C2    1 
ATOM   325 O  O2    . C   A 1 17 ? -2.249  -3.188  -1.903  1.00 41.71  ? 17  C   A O2    1 
ATOM   326 N  N3    . C   A 1 17 ? -2.626  -0.960  -1.800  1.00 35.40  ? 17  C   A N3    1 
ATOM   327 C  C4    . C   A 1 17 ? -2.666  0.196   -2.464  1.00 38.86  ? 17  C   A C4    1 
ATOM   328 N  N4    . C   A 1 17 ? -2.974  1.311   -1.785  1.00 39.33  ? 17  C   A N4    1 
ATOM   329 C  C5    . C   A 1 17 ? -2.395  0.285   -3.857  1.00 39.58  ? 17  C   A C5    1 
ATOM   330 C  C6    . C   A 1 17 ? -2.068  -0.840  -4.499  1.00 38.66  ? 17  C   A C6    1 
ATOM   331 P  P     . C   A 1 18 ? -5.328  -4.632  -7.205  1.00 52.02  ? 18  C   A P     1 
ATOM   332 O  OP1   . C   A 1 18 ? -5.730  -5.597  -8.257  1.00 50.17  ? 18  C   A OP1   1 
ATOM   333 O  OP2   . C   A 1 18 ? -5.798  -3.230  -7.293  1.00 46.20  ? 18  C   A OP2   1 
ATOM   334 O  "O5'" . C   A 1 18 ? -5.753  -5.154  -5.756  1.00 51.22  ? 18  C   A "O5'" 1 
ATOM   335 C  "C5'" . C   A 1 18 ? -5.443  -6.470  -5.322  1.00 49.64  ? 18  C   A "C5'" 1 
ATOM   336 C  "C4'" . C   A 1 18 ? -5.799  -6.672  -3.869  1.00 47.21  ? 18  C   A "C4'" 1 
ATOM   337 O  "O4'" . C   A 1 18 ? -4.973  -5.823  -3.027  1.00 44.73  ? 18  C   A "O4'" 1 
ATOM   338 C  "C3'" . C   A 1 18 ? -7.208  -6.301  -3.457  1.00 48.14  ? 18  C   A "C3'" 1 
ATOM   339 O  "O3'" . C   A 1 18 ? -8.180  -7.267  -3.817  1.00 54.59  ? 18  C   A "O3'" 1 
ATOM   340 C  "C2'" . C   A 1 18 ? -7.055  -6.130  -1.957  1.00 42.07  ? 18  C   A "C2'" 1 
ATOM   341 O  "O2'" . C   A 1 18 ? -6.890  -7.397  -1.338  1.00 43.36  ? 18  C   A "O2'" 1 
ATOM   342 C  "C1'" . C   A 1 18 ? -5.706  -5.429  -1.887  1.00 40.33  ? 18  C   A "C1'" 1 
ATOM   343 N  N1    . C   A 1 18 ? -5.831  -3.953  -1.872  1.00 38.57  ? 18  C   A N1    1 
ATOM   344 C  C2    . C   A 1 18 ? -6.109  -3.336  -0.647  1.00 41.30  ? 18  C   A C2    1 
ATOM   345 O  O2    . C   A 1 18 ? -6.273  -4.058  0.357   1.00 39.81  ? 18  C   A O2    1 
ATOM   346 N  N3    . C   A 1 18 ? -6.200  -1.976  -0.590  1.00 37.58  ? 18  C   A N3    1 
ATOM   347 C  C4    . C   A 1 18 ? -6.024  -1.253  -1.708  1.00 41.38  ? 18  C   A C4    1 
ATOM   348 N  N4    . C   A 1 18 ? -6.122  0.081   -1.620  1.00 35.00  ? 18  C   A N4    1 
ATOM   349 C  C5    . C   A 1 18 ? -5.740  -1.856  -2.972  1.00 38.16  ? 18  C   A C5    1 
ATOM   350 C  C6    . C   A 1 18 ? -5.645  -3.197  -3.003  1.00 39.74  ? 18  C   A C6    1 
ATOM   351 P  P     . A   A 1 19 ? -9.692  -6.807  -4.107  1.00 52.28  ? 19  A   A P     1 
ATOM   352 O  OP1   . A   A 1 19 ? -10.374 -7.986  -4.676  1.00 49.94  ? 19  A   A OP1   1 
ATOM   353 O  OP2   . A   A 1 19 ? -9.713  -5.536  -4.859  1.00 56.20  ? 19  A   A OP2   1 
ATOM   354 O  "O5'" . A   A 1 19 ? -10.265 -6.377  -2.683  1.00 47.24  ? 19  A   A "O5'" 1 
ATOM   355 C  "C5'" . A   A 1 19 ? -10.774 -7.323  -1.768  1.00 47.45  ? 19  A   A "C5'" 1 
ATOM   356 C  "C4'" . A   A 1 19 ? -10.770 -6.775  -0.364  1.00 42.32  ? 19  A   A "C4'" 1 
ATOM   357 O  "O4'" . A   A 1 19 ? -9.660  -5.861  -0.192  1.00 43.70  ? 19  A   A "O4'" 1 
ATOM   358 C  "C3'" . A   A 1 19 ? -11.979 -5.956  0.062   1.00 37.30  ? 19  A   A "C3'" 1 
ATOM   359 O  "O3'" . A   A 1 19 ? -13.067 -6.772  0.459   1.00 37.97  ? 19  A   A "O3'" 1 
ATOM   360 C  "C2'" . A   A 1 19 ? -11.421 -5.147  1.217   1.00 34.72  ? 19  A   A "C2'" 1 
ATOM   361 O  "O2'" . A   A 1 19 ? -11.260 -5.996  2.351   1.00 38.91  ? 19  A   A "O2'" 1 
ATOM   362 C  "C1'" . A   A 1 19 ? -10.025 -4.835  0.705   1.00 36.26  ? 19  A   A "C1'" 1 
ATOM   363 N  N9    . A   A 1 19 ? -9.899  -3.536  0.013   1.00 35.92  ? 19  A   A N9    1 
ATOM   364 C  C8    . A   A 1 19 ? -9.542  -3.348  -1.297  1.00 35.02  ? 19  A   A C8    1 
ATOM   365 N  N7    . A   A 1 19 ? -9.419  -2.082  -1.632  1.00 34.42  ? 19  A   A N7    1 
ATOM   366 C  C5    . A   A 1 19 ? -9.717  -1.407  -0.448  1.00 36.99  ? 19  A   A C5    1 
ATOM   367 C  C6    . A   A 1 19 ? -9.778  -0.044  -0.139  1.00 36.16  ? 19  A   A C6    1 
ATOM   368 N  N6    . A   A 1 19 ? -9.501  0.896   -1.053  1.00 37.18  ? 19  A   A N6    1 
ATOM   369 N  N1    . A   A 1 19 ? -10.098 0.316   1.131   1.00 33.34  ? 19  A   A N1    1 
ATOM   370 C  C2    . A   A 1 19 ? -10.364 -0.647  2.023   1.00 38.63  ? 19  A   A C2    1 
ATOM   371 N  N3    . A   A 1 19 ? -10.344 -1.971  1.845   1.00 34.21  ? 19  A   A N3    1 
ATOM   372 C  C4    . A   A 1 19 ? -10.011 -2.289  0.576   1.00 34.51  ? 19  A   A C4    1 
ATOM   373 P  P     . G   A 1 20 ? -14.578 -6.230  0.355   1.00 45.16  ? 20  G   A P     1 
ATOM   374 O  OP1   . G   A 1 20 ? -15.463 -7.359  0.719   1.00 45.80  ? 20  G   A OP1   1 
ATOM   375 O  OP2   . G   A 1 20 ? -14.739 -5.541  -0.945  1.00 43.82  ? 20  G   A OP2   1 
ATOM   376 O  "O5'" . G   A 1 20 ? -14.674 -5.136  1.509   1.00 41.61  ? 20  G   A "O5'" 1 
ATOM   377 C  "C5'" . G   A 1 20 ? -14.592 -5.481  2.891   1.00 39.94  ? 20  G   A "C5'" 1 
ATOM   378 C  "C4'" . G   A 1 20 ? -14.893 -4.281  3.757   1.00 42.36  ? 20  G   A "C4'" 1 
ATOM   379 O  "O4'" . G   A 1 20 ? -14.042 -3.182  3.322   1.00 46.24  ? 20  G   A "O4'" 1 
ATOM   380 C  "C3'" . G   A 1 20 ? -16.328 -3.759  3.659   1.00 40.40  ? 20  G   A "C3'" 1 
ATOM   381 O  "O3'" . G   A 1 20 ? -16.685 -3.105  4.881   1.00 43.33  ? 20  G   A "O3'" 1 
ATOM   382 C  "C2'" . G   A 1 20 ? -16.215 -2.708  2.559   1.00 40.91  ? 20  G   A "C2'" 1 
ATOM   383 O  "O2'" . G   A 1 20 ? -17.224 -1.724  2.581   1.00 42.98  ? 20  G   A "O2'" 1 
ATOM   384 C  "C1'" . G   A 1 20 ? -14.850 -2.105  2.860   1.00 40.38  ? 20  G   A "C1'" 1 
ATOM   385 N  N9    . G   A 1 20 ? -14.203 -1.500  1.694   1.00 36.11  ? 20  G   A N9    1 
ATOM   386 C  C8    . G   A 1 20 ? -13.716 -2.170  0.596   1.00 37.23  ? 20  G   A C8    1 
ATOM   387 N  N7    . G   A 1 20 ? -13.200 -1.366  -0.300  1.00 39.29  ? 20  G   A N7    1 
ATOM   388 C  C5    . G   A 1 20 ? -13.353 -0.095  0.228   1.00 34.97  ? 20  G   A C5    1 
ATOM   389 C  C6    . G   A 1 20 ? -12.982 1.171   -0.304  1.00 37.97  ? 20  G   A C6    1 
ATOM   390 O  O6    . G   A 1 20 ? -12.396 1.431   -1.367  1.00 38.17  ? 20  G   A O6    1 
ATOM   391 N  N1    . G   A 1 20 ? -13.321 2.202   0.559   1.00 36.79  ? 20  G   A N1    1 
ATOM   392 C  C2    . G   A 1 20 ? -13.959 2.038   1.760   1.00 40.46  ? 20  G   A C2    1 
ATOM   393 N  N2    . G   A 1 20 ? -14.211 3.156   2.439   1.00 41.31  ? 20  G   A N2    1 
ATOM   394 N  N3    . G   A 1 20 ? -14.309 0.872   2.266   1.00 40.69  ? 20  G   A N3    1 
ATOM   395 C  C4    . G   A 1 20 ? -13.979 -0.155  1.452   1.00 34.04  ? 20  G   A C4    1 
ATOM   396 P  P     . U   A 1 21 ? -17.597 -3.829  5.989   1.00 48.18  ? 21  U   A P     1 
ATOM   397 O  OP1   . U   A 1 21 ? -17.331 -5.274  5.950   1.00 42.09  ? 21  U   A OP1   1 
ATOM   398 O  OP2   . U   A 1 21 ? -18.993 -3.351  5.877   1.00 54.23  ? 21  U   A OP2   1 
ATOM   399 O  "O5'" . U   A 1 21 ? -17.031 -3.257  7.361   1.00 46.25  ? 21  U   A "O5'" 1 
ATOM   400 C  "C5'" . U   A 1 21 ? -15.733 -3.597  7.842   1.00 41.79  ? 21  U   A "C5'" 1 
ATOM   401 C  "C4'" . U   A 1 21 ? -15.345 -2.711  8.996   1.00 43.78  ? 21  U   A "C4'" 1 
ATOM   402 O  "O4'" . U   A 1 21 ? -14.824 -1.464  8.463   1.00 44.78  ? 21  U   A "O4'" 1 
ATOM   403 C  "C3'" . U   A 1 21 ? -16.499 -2.322  9.922   1.00 50.89  ? 21  U   A "C3'" 1 
ATOM   404 O  "O3'" . U   A 1 21 ? -16.017 -2.159  11.262  1.00 52.98  ? 21  U   A "O3'" 1 
ATOM   405 C  "C2'" . U   A 1 21 ? -16.931 -0.965  9.358   1.00 44.47  ? 21  U   A "C2'" 1 
ATOM   406 O  "O2'" . U   A 1 21 ? -17.584 -0.118  10.277  1.00 52.94  ? 21  U   A "O2'" 1 
ATOM   407 C  "C1'" . U   A 1 21 ? -15.601 -0.375  8.933   1.00 46.70  ? 21  U   A "C1'" 1 
ATOM   408 N  N1    . U   A 1 21 ? -15.712 0.618   7.849   1.00 48.05  ? 21  U   A N1    1 
ATOM   409 C  C2    . U   A 1 21 ? -15.468 1.937   8.168   1.00 55.96  ? 21  U   A C2    1 
ATOM   410 O  O2    . U   A 1 21 ? -15.178 2.285   9.299   1.00 51.17  ? 21  U   A O2    1 
ATOM   411 N  N3    . U   A 1 21 ? -15.557 2.824   7.114   1.00 58.63  ? 21  U   A N3    1 
ATOM   412 C  C4    . U   A 1 21 ? -15.881 2.507   5.811   1.00 55.93  ? 21  U   A C4    1 
ATOM   413 O  O4    . U   A 1 21 ? -15.932 3.391   4.961   1.00 61.90  ? 21  U   A O4    1 
ATOM   414 C  C5    . U   A 1 21 ? -16.123 1.117   5.568   1.00 54.26  ? 21  U   A C5    1 
ATOM   415 C  C6    . U   A 1 21 ? -16.032 0.236   6.568   1.00 49.84  ? 21  U   A C6    1 
ATOM   416 P  P     . U   A 1 22 ? -16.501 -3.161  12.420  1.00 55.95  ? 22  U   A P     1 
ATOM   417 O  OP1   . U   A 1 22 ? -17.946 -3.437  12.212  1.00 50.97  ? 22  U   A OP1   1 
ATOM   418 O  OP2   . U   A 1 22 ? -15.989 -2.679  13.736  1.00 60.47  ? 22  U   A OP2   1 
ATOM   419 O  "O5'" . U   A 1 22 ? -15.752 -4.512  12.049  1.00 47.05  ? 22  U   A "O5'" 1 
ATOM   420 C  "C5'" . U   A 1 22 ? -14.424 -4.771  12.479  1.00 46.79  ? 22  U   A "C5'" 1 
ATOM   421 C  "C4'" . U   A 1 22 ? -13.957 -6.109  11.967  1.00 50.75  ? 22  U   A "C4'" 1 
ATOM   422 O  "O4'" . U   A 1 22 ? -14.843 -7.170  12.450  1.00 51.17  ? 22  U   A "O4'" 1 
ATOM   423 C  "C3'" . U   A 1 22 ? -13.934 -6.229  10.456  1.00 42.52  ? 22  U   A "C3'" 1 
ATOM   424 O  "O3'" . U   A 1 22 ? -12.819 -7.040  10.107  1.00 48.68  ? 22  U   A "O3'" 1 
ATOM   425 C  "C2'" . U   A 1 22 ? -15.256 -6.949  10.136  1.00 46.00  ? 22  U   A "C2'" 1 
ATOM   426 O  "O2'" . U   A 1 22 ? -15.229 -7.694  8.936   1.00 40.02  ? 22  U   A "O2'" 1 
ATOM   427 C  "C1'" . U   A 1 22 ? -15.431 -7.861  11.355  1.00 42.35  ? 22  U   A "C1'" 1 
ATOM   428 N  N1    . U   A 1 22 ? -16.812 -8.157  11.774  1.00 45.77  ? 22  U   A N1    1 
ATOM   429 C  C2    . U   A 1 22 ? -17.265 -9.487  11.842  1.00 51.47  ? 22  U   A C2    1 
ATOM   430 O  O2    . U   A 1 22 ? -16.620 -10.446 11.465  1.00 45.35  ? 22  U   A O2    1 
ATOM   431 N  N3    . U   A 1 22 ? -18.531 -9.680  12.354  1.00 46.75  ? 22  U   A N3    1 
ATOM   432 C  C4    . U   A 1 22 ? -19.373 -8.694  12.825  1.00 45.81  ? 22  U   A C4    1 
ATOM   433 O  O4    . U   A 1 22 ? -20.482 -9.009  13.261  1.00 49.17  ? 22  U   A O4    1 
ATOM   434 C  C5    . U   A 1 22 ? -18.837 -7.365  12.756  1.00 44.50  ? 22  U   A C5    1 
ATOM   435 C  C6    . U   A 1 22 ? -17.610 -7.148  12.263  1.00 44.75  ? 22  U   A C6    1 
ATOM   436 P  P     . A   A 1 23 ? -11.402 -6.354  9.772   1.00 48.76  ? 23  A   A P     1 
ATOM   437 O  OP1   . A   A 1 23 ? -10.397 -7.444  9.650   1.00 52.10  ? 23  A   A OP1   1 
ATOM   438 O  OP2   . A   A 1 23 ? -11.153 -5.218  10.694  1.00 44.90  ? 23  A   A OP2   1 
ATOM   439 O  "O5'" . A   A 1 23 ? -11.646 -5.672  8.367   1.00 42.16  ? 23  A   A "O5'" 1 
ATOM   440 C  "C5'" . A   A 1 23 ? -11.972 -6.409  7.202   1.00 40.71  ? 23  A   A "C5'" 1 
ATOM   441 C  "C4'" . A   A 1 23 ? -11.730 -5.537  5.994   1.00 36.49  ? 23  A   A "C4'" 1 
ATOM   442 O  "O4'" . A   A 1 23 ? -12.530 -4.341  6.115   1.00 39.85  ? 23  A   A "O4'" 1 
ATOM   443 C  "C3'" . A   A 1 23 ? -10.295 -5.044  5.845   1.00 34.14  ? 23  A   A "C3'" 1 
ATOM   444 O  "O3'" . A   A 1 23 ? -9.542  -5.947  5.058   1.00 38.70  ? 23  A   A "O3'" 1 
ATOM   445 C  "C2'" . A   A 1 23 ? -10.440 -3.679  5.173   1.00 35.13  ? 23  A   A "C2'" 1 
ATOM   446 O  "O2'" . A   A 1 23 ? -10.517 -3.830  3.765   1.00 37.23  ? 23  A   A "O2'" 1 
ATOM   447 C  "C1'" . A   A 1 23 ? -11.808 -3.212  5.665   1.00 42.13  ? 23  A   A "C1'" 1 
ATOM   448 N  N9    . A   A 1 23 ? -11.751 -2.239  6.770   1.00 40.70  ? 23  A   A N9    1 
ATOM   449 C  C8    . A   A 1 23 ? -11.435 -2.452  8.093   1.00 38.57  ? 23  A   A C8    1 
ATOM   450 N  N7    . A   A 1 23 ? -11.528 -1.364  8.820   1.00 43.77  ? 23  A   A N7    1 
ATOM   451 C  C5    . A   A 1 23 ? -11.934 -0.379  7.920   1.00 37.57  ? 23  A   A C5    1 
ATOM   452 C  C6    . A   A 1 23 ? -12.224 0.990   8.060   1.00 43.04  ? 23  A   A C6    1 
ATOM   453 N  N6    . A   A 1 23 ? -12.129 1.664   9.206   1.00 45.17  ? 23  A   A N6    1 
ATOM   454 N  N1    . A   A 1 23 ? -12.612 1.662   6.955   1.00 45.11  ? 23  A   A N1    1 
ATOM   455 C  C2    . A   A 1 23 ? -12.711 1.010   5.793   1.00 42.89  ? 23  A   A C2    1 
ATOM   456 N  N3    . A   A 1 23 ? -12.473 -0.269  5.533   1.00 41.11  ? 23  A   A N3    1 
ATOM   457 C  C4    . A   A 1 23 ? -12.085 -0.911  6.655   1.00 41.93  ? 23  A   A C4    1 
ATOM   458 P  P     . A   A 1 24 ? -7.953  -6.105  5.225   1.00 42.07  ? 24  A   A P     1 
ATOM   459 O  OP1   . A   A 1 24 ? -7.566  -5.729  6.604   1.00 42.85  ? 24  A   A OP1   1 
ATOM   460 O  OP2   . A   A 1 24 ? -7.290  -5.490  4.035   1.00 35.70  ? 24  A   A OP2   1 
ATOM   461 O  "O5'" . A   A 1 24 ? -7.748  -7.676  5.060   1.00 42.12  ? 24  A   A "O5'" 1 
ATOM   462 C  "C5'" . A   A 1 24 ? -8.441  -8.581  5.904   1.00 42.89  ? 24  A   A "C5'" 1 
ATOM   463 C  "C4'" . A   A 1 24 ? -8.404  -9.979  5.348   1.00 44.72  ? 24  A   A "C4'" 1 
ATOM   464 O  "O4'" . A   A 1 24 ? -9.245  -10.083 4.174   1.00 40.26  ? 24  A   A "O4'" 1 
ATOM   465 C  "C3'" . A   A 1 24 ? -7.062  -10.464 4.859   1.00 43.28  ? 24  A   A "C3'" 1 
ATOM   466 O  "O3'" . A   A 1 24 ? -6.207  -10.842 5.921   1.00 50.94  ? 24  A   A "O3'" 1 
ATOM   467 C  "C2'" . A   A 1 24 ? -7.453  -11.622 3.948   1.00 44.68  ? 24  A   A "C2'" 1 
ATOM   468 O  "O2'" . A   A 1 24 ? -7.752  -12.774 4.727   1.00 54.20  ? 24  A   A "O2'" 1 
ATOM   469 C  "C1'" . A   A 1 24 ? -8.757  -11.108 3.337   1.00 42.23  ? 24  A   A "C1'" 1 
ATOM   470 N  N9    . A   A 1 24 ? -8.566  -10.575 1.986   1.00 45.31  ? 24  A   A N9    1 
ATOM   471 C  C8    . A   A 1 24 ? -8.404  -9.251  1.643   1.00 40.37  ? 24  A   A C8    1 
ATOM   472 N  N7    . A   A 1 24 ? -8.244  -9.084  0.354   1.00 40.47  ? 24  A   A N7    1 
ATOM   473 C  C5    . A   A 1 24 ? -8.286  -10.371 -0.179  1.00 44.62  ? 24  A   A C5    1 
ATOM   474 C  C6    . A   A 1 24 ? -8.176  -10.852 -1.497  1.00 49.56  ? 24  A   A C6    1 
ATOM   475 N  N6    . A   A 1 24 ? -7.974  -10.049 -2.555  1.00 44.39  ? 24  A   A N6    1 
ATOM   476 N  N1    . A   A 1 24 ? -8.266  -12.194 -1.691  1.00 53.65  ? 24  A   A N1    1 
ATOM   477 C  C2    . A   A 1 24 ? -8.462  -12.988 -0.625  1.00 55.75  ? 24  A   A C2    1 
ATOM   478 N  N3    . A   A 1 24 ? -8.586  -12.646 0.659   1.00 54.31  ? 24  A   A N3    1 
ATOM   479 C  C4    . A   A 1 24 ? -8.486  -11.307 0.821   1.00 49.65  ? 24  A   A C4    1 
ATOM   480 P  P     . C   A 1 25 ? -4.617  -10.709 5.762   1.00 55.94  ? 25  C   A P     1 
ATOM   481 O  OP1   . C   A 1 25 ? -4.029  -10.978 7.090   1.00 56.05  ? 25  C   A OP1   1 
ATOM   482 O  OP2   . C   A 1 25 ? -4.311  -9.424  5.069   1.00 48.58  ? 25  C   A OP2   1 
ATOM   483 O  "O5'" . C   A 1 25 ? -4.230  -11.890 4.770   1.00 62.33  ? 25  C   A "O5'" 1 
ATOM   484 C  "C5'" . C   A 1 25 ? -4.603  -13.228 5.057   1.00 60.02  ? 25  C   A "C5'" 1 
ATOM   485 C  "C4'" . C   A 1 25 ? -4.318  -14.136 3.890   1.00 63.46  ? 25  C   A "C4'" 1 
ATOM   486 O  "O4'" . C   A 1 25 ? -5.245  -13.881 2.802   1.00 59.97  ? 25  C   A "O4'" 1 
ATOM   487 C  "C3'" . C   A 1 25 ? -2.954  -13.969 3.250   1.00 67.34  ? 25  C   A "C3'" 1 
ATOM   488 O  "O3'" . C   A 1 25 ? -1.923  -14.594 3.995   1.00 74.50  ? 25  C   A "O3'" 1 
ATOM   489 C  "C2'" . C   A 1 25 ? -3.166  -14.558 1.859   1.00 66.97  ? 25  C   A "C2'" 1 
ATOM   490 O  "O2'" . C   A 1 25 ? -3.111  -15.977 1.894   1.00 73.18  ? 25  C   A "O2'" 1 
ATOM   491 C  "C1'" . C   A 1 25 ? -4.608  -14.135 1.564   1.00 63.09  ? 25  C   A "C1'" 1 
ATOM   492 N  N1    . C   A 1 25 ? -4.682  -12.919 0.719   1.00 56.32  ? 25  C   A N1    1 
ATOM   493 C  C2    . C   A 1 25 ? -4.668  -13.085 -0.672  1.00 64.79  ? 25  C   A C2    1 
ATOM   494 O  O2    . C   A 1 25 ? -4.591  -14.233 -1.131  1.00 73.19  ? 25  C   A O2    1 
ATOM   495 N  N3    . C   A 1 25 ? -4.740  -12.003 -1.485  1.00 62.44  ? 25  C   A N3    1 
ATOM   496 C  C4    . C   A 1 25 ? -4.827  -10.786 -0.945  1.00 55.76  ? 25  C   A C4    1 
ATOM   497 N  N4    . C   A 1 25 ? -4.899  -9.746  -1.774  1.00 55.77  ? 25  C   A N4    1 
ATOM   498 C  C5    . C   A 1 25 ? -4.842  -10.583 0.469   1.00 50.07  ? 25  C   A C5    1 
ATOM   499 C  C6    . C   A 1 25 ? -4.765  -11.665 1.261   1.00 51.06  ? 25  C   A C6    1 
ATOM   500 P  P     . A   A 1 26 ? -0.424  -14.025 3.914   1.00 78.51  ? 26  A   A P     1 
ATOM   501 O  OP1   . A   A 1 26 ? 0.442   -14.891 4.761   1.00 86.19  ? 26  A   A OP1   1 
ATOM   502 O  OP2   . A   A 1 26 ? -0.459  -12.552 4.134   1.00 73.47  ? 26  A   A OP2   1 
ATOM   503 O  "O5'" . A   A 1 26 ? -0.022  -14.312 2.403   1.00 79.30  ? 26  A   A "O5'" 1 
ATOM   504 C  "C5'" . A   A 1 26 ? 0.646   -13.340 1.621   1.00 76.09  ? 26  A   A "C5'" 1 
ATOM   505 C  "C4'" . A   A 1 26 ? 0.196   -13.412 0.188   1.00 72.55  ? 26  A   A "C4'" 1 
ATOM   506 O  "O4'" . A   A 1 26 ? -1.042  -12.682 0.035   1.00 73.27  ? 26  A   A "O4'" 1 
ATOM   507 C  "C3'" . A   A 1 26 ? 1.138   -12.789 -0.825  1.00 72.18  ? 26  A   A "C3'" 1 
ATOM   508 O  "O3'" . A   A 1 26 ? 2.134   -13.713 -1.227  1.00 78.84  ? 26  A   A "O3'" 1 
ATOM   509 C  "C2'" . A   A 1 26 ? 0.210   -12.375 -1.959  1.00 70.17  ? 26  A   A "C2'" 1 
ATOM   510 O  "O2'" . A   A 1 26 ? -0.068  -13.483 -2.799  1.00 75.35  ? 26  A   A "O2'" 1 
ATOM   511 C  "C1'" . A   A 1 26 ? -1.070  -12.022 -1.207  1.00 64.28  ? 26  A   A "C1'" 1 
ATOM   512 N  N9    . A   A 1 26 ? -1.257  -10.578 -0.953  1.00 55.45  ? 26  A   A N9    1 
ATOM   513 C  C8    . A   A 1 26 ? -1.376  -9.999  0.288   1.00 52.05  ? 26  A   A C8    1 
ATOM   514 N  N7    . A   A 1 26 ? -1.583  -8.704  0.261   1.00 53.64  ? 26  A   A N7    1 
ATOM   515 C  C5    . A   A 1 26 ? -1.622  -8.412  -1.094  1.00 52.00  ? 26  A   A C5    1 
ATOM   516 C  C6    . A   A 1 26 ? -1.812  -7.200  -1.785  1.00 47.83  ? 26  A   A C6    1 
ATOM   517 N  N6    . A   A 1 26 ? -2.019  -6.031  -1.171  1.00 40.55  ? 26  A   A N6    1 
ATOM   518 N  N1    . A   A 1 26 ? -1.795  -7.237  -3.137  1.00 46.96  ? 26  A   A N1    1 
ATOM   519 C  C2    . A   A 1 26 ? -1.599  -8.421  -3.740  1.00 52.54  ? 26  A   A C2    1 
ATOM   520 N  N3    . A   A 1 26 ? -1.407  -9.626  -3.197  1.00 59.43  ? 26  A   A N3    1 
ATOM   521 C  C4    . A   A 1 26 ? -1.435  -9.556  -1.856  1.00 53.77  ? 26  A   A C4    1 
ATOM   522 P  P     . A   A 1 27 ? 3.674   -13.276 -1.324  1.00 87.25  ? 27  A   A P     1 
ATOM   523 O  OP1   . A   A 1 27 ? 4.456   -14.517 -1.563  1.00 87.22  ? 27  A   A OP1   1 
ATOM   524 O  OP2   . A   A 1 27 ? 4.018   -12.398 -0.169  1.00 81.74  ? 27  A   A OP2   1 
ATOM   525 O  "O5'" . A   A 1 27 ? 3.716   -12.378 -2.638  1.00 86.14  ? 27  A   A "O5'" 1 
ATOM   526 C  "C5'" . A   A 1 27 ? 3.130   -12.823 -3.854  1.00 85.52  ? 27  A   A "C5'" 1 
ATOM   527 C  "C4'" . A   A 1 27 ? 2.997   -11.685 -4.832  1.00 83.30  ? 27  A   A "C4'" 1 
ATOM   528 O  "O4'" . A   A 1 27 ? 1.888   -10.837 -4.454  1.00 80.18  ? 27  A   A "O4'" 1 
ATOM   529 C  "C3'" . A   A 1 27 ? 4.186   -10.743 -4.894  1.00 84.79  ? 27  A   A "C3'" 1 
ATOM   530 O  "O3'" . A   A 1 27 ? 5.202   -11.243 -5.737  1.00 92.27  ? 27  A   A "O3'" 1 
ATOM   531 C  "C2'" . A   A 1 27 ? 3.571   -9.440  -5.387  1.00 76.47  ? 27  A   A "C2'" 1 
ATOM   532 O  "O2'" . A   A 1 27 ? 3.397   -9.476  -6.795  1.00 77.57  ? 27  A   A "O2'" 1 
ATOM   533 C  "C1'" . A   A 1 27 ? 2.185   -9.489  -4.751  1.00 71.22  ? 27  A   A "C1'" 1 
ATOM   534 N  N9    . A   A 1 27 ? 2.046   -8.696  -3.516  1.00 58.34  ? 27  A   A N9    1 
ATOM   535 C  C8    . A   A 1 27 ? 2.130   -9.136  -2.220  1.00 55.65  ? 27  A   A C8    1 
ATOM   536 N  N7    . A   A 1 27 ? 1.909   -8.200  -1.330  1.00 56.38  ? 27  A   A N7    1 
ATOM   537 C  C5    . A   A 1 27 ? 1.642   -7.068  -2.090  1.00 53.50  ? 27  A   A C5    1 
ATOM   538 C  C6    . A   A 1 27 ? 1.319   -5.742  -1.743  1.00 45.84  ? 27  A   A C6    1 
ATOM   539 N  N6    . A   A 1 27 ? 1.199   -5.308  -0.485  1.00 45.02  ? 27  A   A N6    1 
ATOM   540 N  N1    . A   A 1 27 ? 1.118   -4.861  -2.742  1.00 47.65  ? 27  A   A N1    1 
ATOM   541 C  C2    . A   A 1 27 ? 1.227   -5.295  -4.006  1.00 47.72  ? 27  A   A C2    1 
ATOM   542 N  N3    . A   A 1 27 ? 1.519   -6.512  -4.456  1.00 52.38  ? 27  A   A N3    1 
ATOM   543 C  C4    . A   A 1 27 ? 1.716   -7.363  -3.439  1.00 53.96  ? 27  A   A C4    1 
ATOM   544 P  P     . A   A 1 28 ? 6.740   -10.912 -5.437  1.00 92.88  ? 28  A   A P     1 
ATOM   545 O  OP1   . A   A 1 28 ? 7.492   -12.179 -5.593  1.00 96.59  ? 28  A   A OP1   1 
ATOM   546 O  OP2   . A   A 1 28 ? 6.828   -10.141 -4.168  1.00 94.28  ? 28  A   A OP2   1 
ATOM   547 O  "O5'" . A   A 1 28 ? 7.129   -9.933  -6.629  1.00 99.43  ? 28  A   A "O5'" 1 
ATOM   548 C  "C5'" . A   A 1 28 ? 6.313   -9.863  -7.795  1.00 96.30  ? 28  A   A "C5'" 1 
ATOM   549 C  "C4'" . A   A 1 28 ? 6.507   -8.569  -8.548  1.00 91.99  ? 28  A   A "C4'" 1 
ATOM   550 O  "O4'" . A   A 1 28 ? 5.564   -7.561  -8.069  1.00 85.10  ? 28  A   A "O4'" 1 
ATOM   551 C  "C3'" . A   A 1 28 ? 7.898   -7.939  -8.432  1.00 90.13  ? 28  A   A "C3'" 1 
ATOM   552 O  "O3'" . A   A 1 28 ? 8.244   -7.340  -9.680  1.00 100.79 ? 28  A   A "O3'" 1 
ATOM   553 C  "C2'" . A   A 1 28 ? 7.674   -6.837  -7.405  1.00 78.00  ? 28  A   A "C2'" 1 
ATOM   554 O  "O2'" . A   A 1 28 ? 8.613   -5.785  -7.448  1.00 82.02  ? 28  A   A "O2'" 1 
ATOM   555 C  "C1'" . A   A 1 28 ? 6.275   -6.378  -7.788  1.00 77.19  ? 28  A   A "C1'" 1 
ATOM   556 N  N9    . A   A 1 28 ? 5.596   -5.593  -6.756  1.00 69.56  ? 28  A   A N9    1 
ATOM   557 C  C8    . A   A 1 28 ? 5.786   -5.637  -5.397  1.00 67.35  ? 28  A   A C8    1 
ATOM   558 N  N7    . A   A 1 28 ? 5.066   -4.762  -4.735  1.00 57.43  ? 28  A   A N7    1 
ATOM   559 C  C5    . A   A 1 28 ? 4.372   -4.083  -5.725  1.00 57.64  ? 28  A   A C5    1 
ATOM   560 C  C6    . A   A 1 28 ? 3.443   -3.026  -5.677  1.00 47.11  ? 28  A   A C6    1 
ATOM   561 N  N6    . A   A 1 28 ? 3.048   -2.440  -4.548  1.00 44.53  ? 28  A   A N6    1 
ATOM   562 N  N1    . A   A 1 28 ? 2.937   -2.578  -6.846  1.00 47.39  ? 28  A   A N1    1 
ATOM   563 C  C2    . A   A 1 28 ? 3.350   -3.156  -7.982  1.00 52.78  ? 28  A   A C2    1 
ATOM   564 N  N3    . A   A 1 28 ? 4.221   -4.150  -8.154  1.00 60.16  ? 28  A   A N3    1 
ATOM   565 C  C4    . A   A 1 28 ? 4.701   -4.575  -6.975  1.00 62.43  ? 28  A   A C4    1 
ATOM   566 P  P     . A   A 1 29 ? 9.785   -7.152  -10.111 1.00 104.47 ? 29  A   A P     1 
ATOM   567 O  OP1   . A   A 1 29 ? 10.125  -8.285  -11.012 1.00 101.38 ? 29  A   A OP1   1 
ATOM   568 O  OP2   . A   A 1 29 ? 10.621  -6.866  -8.910  1.00 100.05 ? 29  A   A OP2   1 
ATOM   569 O  "O5'" . A   A 1 29 ? 9.772   -5.809  -10.967 1.00 96.62  ? 29  A   A "O5'" 1 
ATOM   570 C  "C5'" . A   A 1 29 ? 9.840   -4.544  -10.328 1.00 84.52  ? 29  A   A "C5'" 1 
ATOM   571 C  "C4'" . A   A 1 29 ? 8.863   -3.566  -10.930 1.00 76.40  ? 29  A   A "C4'" 1 
ATOM   572 O  "O4'" . A   A 1 29 ? 7.571   -3.697  -10.279 1.00 75.91  ? 29  A   A "O4'" 1 
ATOM   573 C  "C3'" . A   A 1 29 ? 9.223   -2.101  -10.755 1.00 72.44  ? 29  A   A "C3'" 1 
ATOM   574 O  "O3'" . A   A 1 29 ? 10.136  -1.650  -11.732 1.00 79.42  ? 29  A   A "O3'" 1 
ATOM   575 C  "C2'" . A   A 1 29 ? 7.872   -1.411  -10.829 1.00 71.73  ? 29  A   A "C2'" 1 
ATOM   576 O  "O2'" . A   A 1 29 ? 7.448   -1.306  -12.179 1.00 74.27  ? 29  A   A "O2'" 1 
ATOM   577 C  "C1'" . A   A 1 29 ? 6.983   -2.423  -10.111 1.00 70.05  ? 29  A   A "C1'" 1 
ATOM   578 N  N9    . A   A 1 29 ? 6.893   -2.154  -8.659  1.00 61.38  ? 29  A   A N9    1 
ATOM   579 C  C8    . A   A 1 29 ? 7.550   -2.832  -7.663  1.00 60.93  ? 29  A   A C8    1 
ATOM   580 N  N7    . A   A 1 29 ? 7.286   -2.399  -6.455  1.00 60.59  ? 29  A   A N7    1 
ATOM   581 C  C5    . A   A 1 29 ? 6.392   -1.359  -6.661  1.00 54.97  ? 29  A   A C5    1 
ATOM   582 C  C6    . A   A 1 29 ? 5.738   -0.493  -5.768  1.00 47.58  ? 29  A   A C6    1 
ATOM   583 N  N6    . A   A 1 29 ? 5.886   -0.526  -4.438  1.00 46.56  ? 29  A   A N6    1 
ATOM   584 N  N1    . A   A 1 29 ? 4.924   0.440   -6.300  1.00 50.05  ? 29  A   A N1    1 
ATOM   585 C  C2    . A   A 1 29 ? 4.768   0.477   -7.630  1.00 52.34  ? 29  A   A C2    1 
ATOM   586 N  N3    . A   A 1 29 ? 5.324   -0.288  -8.568  1.00 56.53  ? 29  A   A N3    1 
ATOM   587 C  C4    . A   A 1 29 ? 6.142   -1.196  -8.014  1.00 55.81  ? 29  A   A C4    1 
ATOM   588 P  P     . C   A 1 30 ? 11.352  -0.689  -11.318 1.00 78.01  ? 30  C   A P     1 
ATOM   589 O  OP1   . C   A 1 30 ? 12.170  -0.477  -12.539 1.00 85.72  ? 30  C   A OP1   1 
ATOM   590 O  OP2   . C   A 1 30 ? 11.989  -1.228  -10.089 1.00 80.42  ? 30  C   A OP2   1 
ATOM   591 O  "O5'" . C   A 1 30 ? 10.647  0.690   -10.946 1.00 76.19  ? 30  C   A "O5'" 1 
ATOM   592 C  "C5'" . C   A 1 30 ? 9.797   1.346   -11.877 1.00 73.05  ? 30  C   A "C5'" 1 
ATOM   593 C  "C4'" . C   A 1 30 ? 8.954   2.406   -11.213 1.00 67.01  ? 30  C   A "C4'" 1 
ATOM   594 O  "O4'" . C   A 1 30 ? 8.027   1.797   -10.266 1.00 70.72  ? 30  C   A "O4'" 1 
ATOM   595 C  "C3'" . C   A 1 30 ? 9.702   3.435   -10.381 1.00 63.28  ? 30  C   A "C3'" 1 
ATOM   596 O  "O3'" . C   A 1 30 ? 10.326  4.439   -11.169 1.00 64.99  ? 30  C   A "O3'" 1 
ATOM   597 C  "C2'" . C   A 1 30 ? 8.609   3.954   -9.448  1.00 63.21  ? 30  C   A "C2'" 1 
ATOM   598 O  "O2'" . C   A 1 30 ? 7.750   4.858   -10.128 1.00 60.55  ? 30  C   A "O2'" 1 
ATOM   599 C  "C1'" . C   A 1 30 ? 7.816   2.671   -9.175  1.00 62.68  ? 30  C   A "C1'" 1 
ATOM   600 N  N1    . C   A 1 30 ? 8.245   1.994   -7.932  1.00 58.90  ? 30  C   A N1    1 
ATOM   601 C  C2    . C   A 1 30 ? 7.741   2.467   -6.714  1.00 56.07  ? 30  C   A C2    1 
ATOM   602 O  O2    . C   A 1 30 ? 6.970   3.440   -6.728  1.00 50.99  ? 30  C   A O2    1 
ATOM   603 N  N3    . C   A 1 30 ? 8.108   1.854   -5.561  1.00 49.43  ? 30  C   A N3    1 
ATOM   604 C  C4    . C   A 1 30 ? 8.942   0.811   -5.596  1.00 54.04  ? 30  C   A C4    1 
ATOM   605 N  N4    . C   A 1 30 ? 9.275   0.237   -4.438  1.00 54.91  ? 30  C   A N4    1 
ATOM   606 C  C5    . C   A 1 30 ? 9.468   0.308   -6.822  1.00 59.61  ? 30  C   A C5    1 
ATOM   607 C  C6    . C   A 1 30 ? 9.096   0.923   -7.955  1.00 57.62  ? 30  C   A C6    1 
ATOM   608 P  P     . A   A 1 31 ? 11.581  5.275   -10.608 1.00 69.62  ? 31  A   A P     1 
ATOM   609 O  OP1   . A   A 1 31 ? 12.020  6.189   -11.692 1.00 69.95  ? 31  A   A OP1   1 
ATOM   610 O  OP2   . A   A 1 31 ? 12.590  4.387   -9.977  1.00 73.20  ? 31  A   A OP2   1 
ATOM   611 O  "O5'" . A   A 1 31 ? 10.944  6.170   -9.464  1.00 70.86  ? 31  A   A "O5'" 1 
ATOM   612 C  "C5'" . A   A 1 31 ? 10.086  7.255   -9.778  1.00 66.63  ? 31  A   A "C5'" 1 
ATOM   613 C  "C4'" . A   A 1 31 ? 9.918   8.153   -8.582  1.00 62.90  ? 31  A   A "C4'" 1 
ATOM   614 O  "O4'" . A   A 1 31 ? 9.148   7.463   -7.567  1.00 64.53  ? 31  A   A "O4'" 1 
ATOM   615 C  "C3'" . A   A 1 31 ? 11.212  8.550   -7.881  1.00 61.56  ? 31  A   A "C3'" 1 
ATOM   616 O  "O3'" . A   A 1 31 ? 11.781  9.698   -8.487  1.00 60.87  ? 31  A   A "O3'" 1 
ATOM   617 C  "C2'" . A   A 1 31 ? 10.759  8.800   -6.452  1.00 59.18  ? 31  A   A "C2'" 1 
ATOM   618 O  "O2'" . A   A 1 31 ? 10.141  10.077  -6.380  1.00 59.37  ? 31  A   A "O2'" 1 
ATOM   619 C  "C1'" . A   A 1 31 ? 9.651   7.761   -6.287  1.00 58.31  ? 31  A   A "C1'" 1 
ATOM   620 N  N9    . A   A 1 31 ? 10.035  6.482   -5.642  1.00 52.44  ? 31  A   A N9    1 
ATOM   621 C  C8    . A   A 1 31 ? 10.384  5.310   -6.269  1.00 55.04  ? 31  A   A C8    1 
ATOM   622 N  N7    . A   A 1 31 ? 10.595  4.293   -5.460  1.00 55.07  ? 31  A   A N7    1 
ATOM   623 C  C5    . A   A 1 31 ? 10.344  4.818   -4.199  1.00 54.96  ? 31  A   A C5    1 
ATOM   624 C  C6    . A   A 1 31 ? 10.375  4.243   -2.910  1.00 54.40  ? 31  A   A C6    1 
ATOM   625 N  N6    . A   A 1 31 ? 10.700  2.969   -2.649  1.00 51.38  ? 31  A   A N6    1 
ATOM   626 N  N1    . A   A 1 31 ? 10.068  5.052   -1.873  1.00 50.69  ? 31  A   A N1    1 
ATOM   627 C  C2    . A   A 1 31 ? 9.742   6.329   -2.116  1.00 50.15  ? 31  A   A C2    1 
ATOM   628 N  N3    . A   A 1 31 ? 9.668   6.979   -3.276  1.00 49.24  ? 31  A   A N3    1 
ATOM   629 C  C4    . A   A 1 31 ? 9.981   6.160   -4.297  1.00 55.65  ? 31  A   A C4    1 
ATOM   630 P  P     . A   A 1 32 ? 13.290  10.160  -8.188  1.00 69.19  ? 32  A   A P     1 
ATOM   631 O  OP1   . A   A 1 32 ? 13.893  10.456  -9.508  1.00 75.40  ? 32  A   A OP1   1 
ATOM   632 O  OP2   . A   A 1 32 ? 13.946  9.186   -7.285  1.00 68.53  ? 32  A   A OP2   1 
ATOM   633 O  "O5'" . A   A 1 32 ? 13.133  11.542  -7.409  1.00 74.97  ? 32  A   A "O5'" 1 
ATOM   634 C  "C5'" . A   A 1 32 ? 12.420  12.633  -7.977  1.00 73.42  ? 32  A   A "C5'" 1 
ATOM   635 C  "C4'" . A   A 1 32 ? 12.123  13.696  -6.946  1.00 73.32  ? 32  A   A "C4'" 1 
ATOM   636 O  "O4'" . A   A 1 32 ? 11.214  13.170  -5.941  1.00 72.50  ? 32  A   A "O4'" 1 
ATOM   637 C  "C3'" . A   A 1 32 ? 13.317  14.190  -6.145  1.00 72.04  ? 32  A   A "C3'" 1 
ATOM   638 O  "O3'" . A   A 1 32 ? 14.046  15.192  -6.821  1.00 81.05  ? 32  A   A "O3'" 1 
ATOM   639 C  "C2'" . A   A 1 32 ? 12.676  14.690  -4.860  1.00 75.21  ? 32  A   A "C2'" 1 
ATOM   640 O  "O2'" . A   A 1 32 ? 12.078  15.961  -5.065  1.00 78.53  ? 32  A   A "O2'" 1 
ATOM   641 C  "C1'" . A   A 1 32 ? 11.563  13.671  -4.666  1.00 71.04  ? 32  A   A "C1'" 1 
ATOM   642 N  N9    . A   A 1 32 ? 11.984  12.540  -3.816  1.00 67.11  ? 32  A   A N9    1 
ATOM   643 C  C8    . A   A 1 32 ? 12.224  11.246  -4.205  1.00 60.12  ? 32  A   A C8    1 
ATOM   644 N  N7    . A   A 1 32 ? 12.576  10.462  -3.217  1.00 58.29  ? 32  A   A N7    1 
ATOM   645 C  C5    . A   A 1 32 ? 12.551  11.290  -2.102  1.00 59.55  ? 32  A   A C5    1 
ATOM   646 C  C6    . A   A 1 32 ? 12.818  11.051  -0.744  1.00 61.85  ? 32  A   A C6    1 
ATOM   647 N  N6    . A   A 1 32 ? 13.177  9.860   -0.265  1.00 62.61  ? 32  A   A N6    1 
ATOM   648 N  N1    . A   A 1 32 ? 12.708  12.093  0.109   1.00 64.55  ? 32  A   A N1    1 
ATOM   649 C  C2    . A   A 1 32 ? 12.348  13.286  -0.379  1.00 65.69  ? 32  A   A C2    1 
ATOM   650 N  N3    . A   A 1 32 ? 12.070  13.635  -1.636  1.00 69.61  ? 32  A   A N3    1 
ATOM   651 C  C4    . A   A 1 32 ? 12.189  12.574  -2.456  1.00 63.54  ? 32  A   A C4    1 
ATOM   652 P  P     . G   A 1 33 ? 15.644  15.098  -6.906  1.00 83.45  ? 33  G   A P     1 
ATOM   653 O  OP1   . G   A 1 33 ? 16.153  16.438  -7.285  1.00 81.94  ? 33  G   A OP1   1 
ATOM   654 O  OP2   . G   A 1 33 ? 15.951  13.897  -7.730  1.00 84.24  ? 33  G   A OP2   1 
ATOM   655 O  "O5'" . G   A 1 33 ? 16.100  14.801  -5.407  1.00 84.32  ? 33  G   A "O5'" 1 
ATOM   656 C  "C5'" . G   A 1 33 ? 16.210  15.841  -4.444  1.00 78.78  ? 33  G   A "C5'" 1 
ATOM   657 C  "C4'" . G   A 1 33 ? 16.334  15.279  -3.048  1.00 76.35  ? 33  G   A "C4'" 1 
ATOM   658 O  "O4'" . G   A 1 33 ? 15.413  14.173  -2.894  1.00 73.24  ? 33  G   A "O4'" 1 
ATOM   659 C  "C3'" . G   A 1 33 ? 17.683  14.686  -2.678  1.00 77.47  ? 33  G   A "C3'" 1 
ATOM   660 O  "O3'" . G   A 1 33 ? 18.618  15.671  -2.282  1.00 78.42  ? 33  G   A "O3'" 1 
ATOM   661 C  "C2'" . G   A 1 33 ? 17.328  13.698  -1.571  1.00 79.42  ? 33  G   A "C2'" 1 
ATOM   662 O  "O2'" . G   A 1 33 ? 17.172  14.362  -0.330  1.00 86.83  ? 33  G   A "O2'" 1 
ATOM   663 C  "C1'" . G   A 1 33 ? 15.957  13.201  -2.026  1.00 71.44  ? 33  G   A "C1'" 1 
ATOM   664 N  N9    . G   A 1 33 ? 16.051  11.916  -2.746  1.00 71.35  ? 33  G   A N9    1 
ATOM   665 C  C8    . G   A 1 33 ? 15.980  11.713  -4.105  1.00 71.92  ? 33  G   A C8    1 
ATOM   666 N  N7    . G   A 1 33 ? 16.094  10.456  -4.447  1.00 68.35  ? 33  G   A N7    1 
ATOM   667 C  C5    . G   A 1 33 ? 16.261  9.795   -3.242  1.00 64.62  ? 33  G   A C5    1 
ATOM   668 C  C6    . G   A 1 33 ? 16.456  8.420   -2.984  1.00 62.95  ? 33  G   A C6    1 
ATOM   669 O  O6    . G   A 1 33 ? 16.524  7.490   -3.793  1.00 63.91  ? 33  G   A O6    1 
ATOM   670 N  N1    . G   A 1 33 ? 16.577  8.169   -1.624  1.00 62.42  ? 33  G   A N1    1 
ATOM   671 C  C2    . G   A 1 33 ? 16.526  9.125   -0.643  1.00 62.58  ? 33  G   A C2    1 
ATOM   672 N  N2    . G   A 1 33 ? 16.672  8.678   0.610   1.00 65.64  ? 33  G   A N2    1 
ATOM   673 N  N3    . G   A 1 33 ? 16.359  10.414  -0.867  1.00 67.56  ? 33  G   A N3    1 
ATOM   674 C  C4    . G   A 1 33 ? 16.232  10.675  -2.183  1.00 68.78  ? 33  G   A C4    1 
HETATM 675 C  C10   . HMJ B 2 .  ? 3.033   2.631   0.475   1.00 36.27  ? 101 HMJ A C10   1 
HETATM 676 C  C15   . HMJ B 2 .  ? 3.927   3.382   -4.413  1.00 39.46  ? 101 HMJ A C15   1 
HETATM 677 C  C17   . HMJ B 2 .  ? 3.233   5.480   -3.460  1.00 40.22  ? 101 HMJ A C17   1 
HETATM 678 C  C01   . HMJ B 2 .  ? -0.688  3.096   3.693   1.00 60.83  ? 101 HMJ A C01   1 
HETATM 679 C  C03   . HMJ B 2 .  ? -0.235  1.625   5.518   1.00 70.47  ? 101 HMJ A C03   1 
HETATM 680 C  C04   . HMJ B 2 .  ? 1.596   2.699   4.360   1.00 55.99  ? 101 HMJ A C04   1 
HETATM 681 C  C05   . HMJ B 2 .  ? 2.245   2.889   2.980   1.00 41.04  ? 101 HMJ A C05   1 
HETATM 682 C  C07   . HMJ B 2 .  ? 3.140   1.455   1.218   1.00 36.11  ? 101 HMJ A C07   1 
HETATM 683 C  C08   . HMJ B 2 .  ? 3.538   0.234   0.686   1.00 36.26  ? 101 HMJ A C08   1 
HETATM 684 C  C09   . HMJ B 2 .  ? 3.846   0.196   -0.668  1.00 31.82  ? 101 HMJ A C09   1 
HETATM 685 C  C11   . HMJ B 2 .  ? 3.352   2.559   -0.904  1.00 29.35  ? 101 HMJ A C11   1 
HETATM 686 C  C12   . HMJ B 2 .  ? 3.752   1.361   -1.450  1.00 30.71  ? 101 HMJ A C12   1 
HETATM 687 C  C14   . HMJ B 2 .  ? 3.788   2.776   -3.137  1.00 32.24  ? 101 HMJ A C14   1 
HETATM 688 C  C16   . HMJ B 2 .  ? 3.643   4.725   -4.567  1.00 39.58  ? 101 HMJ A C16   1 
HETATM 689 C  C18   . HMJ B 2 .  ? 3.093   4.882   -2.195  1.00 35.57  ? 101 HMJ A C18   1 
HETATM 690 C  C19   . HMJ B 2 .  ? 3.378   3.513   -2.047  1.00 29.32  ? 101 HMJ A C19   1 
HETATM 691 N  N02   . HMJ B 2 .  ? 0.248   2.111   4.229   1.00 67.11  ? 101 HMJ A N02   1 
HETATM 692 O  O06   . HMJ B 2 .  ? 2.794   1.656   2.581   1.00 42.71  ? 101 HMJ A O06   1 
HETATM 693 O  O13   . HMJ B 2 .  ? 3.998   1.523   -2.755  1.00 34.93  ? 101 HMJ A O13   1 
HETATM 694 MG MG    . MG  C 3 .  ? -5.380  4.860   6.727   1.00 73.41  ? 102 MG  A MG    1 
HETATM 695 O  O     . HOH D 4 .  ? 13.782  -1.394  2.763   1.00 65.13  ? 201 HOH A O     1 
HETATM 696 O  O     . HOH D 4 .  ? -7.731  -3.550  7.941   1.00 49.56  ? 202 HOH A O     1 
HETATM 697 O  O     . HOH D 4 .  ? -10.543 -9.669  8.310   1.00 45.18  ? 203 HOH A O     1 
HETATM 698 O  O     . HOH D 4 .  ? -6.825  -6.496  1.671   1.00 41.91  ? 204 HOH A O     1 
HETATM 699 O  O     . HOH D 4 .  ? 16.233  10.788  -7.040  1.00 75.52  ? 205 HOH A O     1 
HETATM 700 O  O     . HOH D 4 .  ? -22.038 -7.484  14.719  1.00 53.85  ? 206 HOH A O     1 
HETATM 701 O  O     . HOH D 4 .  ? -4.520  -5.062  4.006   1.00 45.96  ? 207 HOH A O     1 
HETATM 702 O  O     . HOH D 4 .  ? -16.729 -3.757  -1.126  1.00 62.65  ? 208 HOH A O     1 
HETATM 703 O  O     . HOH D 4 .  ? -12.799 -2.011  -2.883  1.00 54.38  ? 209 HOH A O     1 
HETATM 704 O  O     . HOH D 4 .  ? -8.234  -2.815  -6.216  1.00 57.32  ? 210 HOH A O     1 
HETATM 705 O  O     . HOH D 4 .  ? 1.346   -0.821  -10.425 1.00 59.55  ? 211 HOH A O     1 
HETATM 706 O  O     . HOH D 4 .  ? 8.165   11.411  3.380   1.00 51.87  ? 212 HOH A O     1 
HETATM 707 O  O     . HOH D 4 .  ? 13.675  6.534   -6.788  1.00 57.74  ? 213 HOH A O     1 
HETATM 708 O  O     . HOH D 4 .  ? 1.597   -6.568  -7.169  1.00 57.44  ? 214 HOH A O     1 
HETATM 709 O  O     . HOH D 4 .  ? 16.750  7.897   -6.500  1.00 59.24  ? 215 HOH A O     1 
HETATM 710 O  O     . HOH D 4 .  ? -11.785 -3.785  -4.400  1.00 63.75  ? 216 HOH A O     1 
HETATM 711 O  O     . HOH D 4 .  ? 9.783   -2.990  -5.270  1.00 58.56  ? 217 HOH A O     1 
HETATM 712 O  O     . HOH D 4 .  ? -4.149  3.604   4.035   1.00 48.46  ? 218 HOH A O     1 
HETATM 713 O  O     . HOH D 4 .  ? 5.874   7.819   -2.350  1.00 54.51  ? 219 HOH A O     1 
HETATM 714 O  O     . HOH D 4 .  ? -7.710  -6.903  9.100   1.00 59.81  ? 220 HOH A O     1 
HETATM 715 O  O     . HOH D 4 .  ? -16.318 6.490   2.593   0.50 49.15  ? 221 HOH A O     1 
HETATM 716 O  O     . HOH D 4 .  ? -9.228  -0.969  -4.165  1.00 54.44  ? 222 HOH A O     1 
HETATM 717 O  O     . HOH D 4 .  ? -5.771  3.816   1.178   1.00 49.16  ? 223 HOH A O     1 
HETATM 718 O  O     . HOH D 4 .  ? -11.514 0.100   -3.642  1.00 46.52  ? 224 HOH A O     1 
HETATM 719 O  O     . HOH D 4 .  ? -19.422 -4.674  10.206  1.00 50.91  ? 225 HOH A O     1 
HETATM 720 O  O     . HOH D 4 .  ? -7.569  4.838   -2.137  1.00 61.46  ? 226 HOH A O     1 
HETATM 721 O  O     . HOH D 4 .  ? 5.924   -0.359  3.964   1.00 52.02  ? 227 HOH A O     1 
HETATM 722 O  O     . HOH D 4 .  ? -8.729  -0.769  10.915  1.00 54.80  ? 228 HOH A O     1 
HETATM 723 O  O     . HOH D 4 .  ? -7.752  -13.159 7.518   1.00 50.45  ? 229 HOH A O     1 
HETATM 724 O  O     . HOH D 4 .  ? -6.652  5.063   3.256   1.00 50.59  ? 230 HOH A O     1 
HETATM 725 O  O     . HOH D 4 .  ? -17.996 -6.453  8.432   1.00 64.99  ? 231 HOH A O     1 
HETATM 726 O  O     . HOH D 4 .  ? -5.295  -0.549  -6.522  1.00 53.15  ? 232 HOH A O     1 
HETATM 727 O  O     . HOH D 4 .  ? -8.723  -14.631 2.784   1.00 51.22  ? 233 HOH A O     1 
HETATM 728 O  O     . HOH D 4 .  ? 4.010   15.938  2.479   1.00 52.40  ? 234 HOH A O     1 
HETATM 729 O  O     . HOH D 4 .  ? -4.748  -10.083 -4.629  1.00 62.34  ? 235 HOH A O     1 
HETATM 730 O  O     . HOH D 4 .  ? -8.676  -3.749  10.804  1.00 56.68  ? 236 HOH A O     1 
HETATM 731 O  O     . HOH D 4 .  ? -18.855 -2.855  0.459   1.00 58.58  ? 237 HOH A O     1 
HETATM 732 O  O     . HOH D 4 .  ? 6.157   7.853   -5.127  1.00 51.30  ? 238 HOH A O     1 
HETATM 733 O  O     . HOH D 4 .  ? -6.077  1.474   -4.202  1.00 50.83  ? 239 HOH A O     1 
HETATM 734 O  O     . HOH D 4 .  ? -3.442  -5.964  8.845   1.00 61.08  ? 240 HOH A O     1 
HETATM 735 O  O     . HOH D 4 .  ? 1.683   -9.781  1.149   1.00 60.02  ? 241 HOH A O     1 
HETATM 736 O  O     . HOH D 4 .  ? -9.616  4.148   -4.341  1.00 48.32  ? 242 HOH A O     1 
HETATM 737 O  O     . HOH D 4 .  ? -2.481  -6.404  1.920   1.00 56.84  ? 243 HOH A O     1 
HETATM 738 O  O     . HOH D 4 .  ? -12.060 -2.033  11.675  1.00 60.18  ? 244 HOH A O     1 
HETATM 739 O  O     . HOH D 4 .  ? -10.799 0.801   11.792  1.00 68.99  ? 245 HOH A O     1 
HETATM 740 O  O     . HOH D 4 .  ? -7.774  -13.255 -4.525  1.00 65.78  ? 246 HOH A O     1 
HETATM 741 O  O     . HOH D 4 .  ? -3.726  4.028   -3.039  1.00 48.55  ? 247 HOH A O     1 
HETATM 742 O  O     . HOH D 4 .  ? -4.886  -8.021  2.183   1.00 66.04  ? 248 HOH A O     1 
HETATM 743 O  O     . HOH D 4 .  ? -5.942  -9.162  9.162   1.00 66.50  ? 249 HOH A O     1 
HETATM 744 O  O     . HOH D 4 .  ? -1.448  -8.098  6.287   1.00 61.35  ? 250 HOH A O     1 
# 
loop_
_atom_site_anisotrop.id 
_atom_site_anisotrop.type_symbol 
_atom_site_anisotrop.pdbx_label_atom_id 
_atom_site_anisotrop.pdbx_label_alt_id 
_atom_site_anisotrop.pdbx_label_comp_id 
_atom_site_anisotrop.pdbx_label_asym_id 
_atom_site_anisotrop.pdbx_label_seq_id 
_atom_site_anisotrop.pdbx_PDB_ins_code 
_atom_site_anisotrop.U[1][1] 
_atom_site_anisotrop.U[2][2] 
_atom_site_anisotrop.U[3][3] 
_atom_site_anisotrop.U[1][2] 
_atom_site_anisotrop.U[1][3] 
_atom_site_anisotrop.U[2][3] 
_atom_site_anisotrop.pdbx_auth_seq_id 
_atom_site_anisotrop.pdbx_auth_comp_id 
_atom_site_anisotrop.pdbx_auth_asym_id 
_atom_site_anisotrop.pdbx_auth_atom_id 
1   O "O5'" . C A 1  ? 0.7321 0.8088 1.3380 -0.1609 -0.1018 0.2305  1  C A "O5'" 
2   C "C5'" . C A 1  ? 0.5865 0.6765 1.1665 -0.1656 -0.0761 0.2010  1  C A "C5'" 
3   C "C4'" . C A 1  ? 0.4934 0.5920 1.1036 -0.1569 -0.0638 0.1889  1  C A "C4'" 
4   O "O4'" . C A 1  ? 0.5484 0.6532 1.1714 -0.1486 -0.0887 0.2082  1  C A "O4'" 
5   C "C3'" . C A 1  ? 0.5015 0.6177 1.0727 -0.1634 -0.0471 0.1666  1  C A "C3'" 
6   O "O3'" . C A 1  ? 0.4900 0.6052 1.0600 -0.1736 -0.0178 0.1423  1  C A "O3'" 
7   C "C2'" . C A 1  ? 0.4706 0.5921 1.0636 -0.1543 -0.0483 0.1666  1  C A "C2'" 
8   O "O2'" . C A 1  ? 0.5426 0.6543 1.1859 -0.1502 -0.0258 0.1526  1  C A "O2'" 
9   C "C1'" . C A 1  ? 0.4896 0.6080 1.0986 -0.1470 -0.0797 0.1942  1  C A "C1'" 
10  N N1    . C A 1  ? 0.3788 0.5073 0.9356 -0.1513 -0.0986 0.2038  1  C A N1    
11  C C2    . C A 1  ? 0.4163 0.5552 0.9556 -0.1501 -0.0951 0.1970  1  C A C2    
12  O O2    . C A 1  ? 0.3892 0.5294 0.9546 -0.1463 -0.0775 0.1832  1  C A O2    
13  N N3    . C A 1  ? 0.3431 0.4876 0.8384 -0.1545 -0.1085 0.2050  1  C A N3    
14  C C4    . C A 1  ? 0.3509 0.4918 0.8164 -0.1612 -0.1239 0.2168  1  C A C4    
15  N N4    . C A 1  ? 0.3916 0.5359 0.8152 -0.1672 -0.1318 0.2211  1  C A N4    
16  C C5    . C A 1  ? 0.3733 0.5042 0.8512 -0.1639 -0.1290 0.2240  1  C A C5    
17  C C6    . C A 1  ? 0.4172 0.5419 0.9417 -0.1582 -0.1162 0.2181  1  C A C6    
18  P P     . U A 2  ? 0.5309 0.6684 1.0473 -0.1888 -0.0097 0.1282  2  U A P     
19  O OP1   . U A 2  ? 0.6151 0.7496 1.1356 -0.2035 0.0198  0.1036  2  U A OP1   
20  O OP2   . U A 2  ? 0.4837 0.6292 0.9651 -0.1904 -0.0319 0.1434  2  U A OP2   
21  O "O5'" . U A 2  ? 0.4589 0.6133 0.9601 -0.1867 -0.0083 0.1248  2  U A "O5'" 
22  C "C5'" . U A 2  ? 0.4395 0.5875 0.9646 -0.1870 0.0129  0.1096  2  U A "C5'" 
23  C "C4'" . U A 2  ? 0.4605 0.6193 0.9699 -0.1837 0.0088  0.1139  2  U A "C4'" 
24  O "O4'" . U A 2  ? 0.5307 0.6846 1.0497 -0.1695 -0.0149 0.1334  2  U A "O4'" 
25  C "C3'" . U A 2  ? 0.4530 0.6322 0.9018 -0.1863 0.0029  0.1154  2  U A "C3'" 
26  O "O3'" . U A 2  ? 0.5531 0.7418 0.9743 -0.1995 0.0229  0.0964  2  U A "O3'" 
27  C "C2'" . U A 2  ? 0.4721 0.6496 0.9132 -0.1755 -0.0070 0.1272  2  U A "C2'" 
28  O "O2'" . U A 2  ? 0.4588 0.6286 0.9130 -0.1792 0.0132  0.1146  2  U A "O2'" 
29  C "C1'" . U A 2  ? 0.5155 0.6824 0.9998 -0.1691 -0.0240 0.1421  2  U A "C1'" 
30  N N1    . U A 2  ? 0.4460 0.6168 0.9040 -0.1659 -0.0475 0.1588  2  U A N1    
31  C C2    . U A 2  ? 0.3934 0.5677 0.8205 -0.1608 -0.0568 0.1675  2  U A C2    
32  O O2    . U A 2  ? 0.3976 0.5710 0.8165 -0.1577 -0.0477 0.1636  2  U A O2    
33  N N3    . U A 2  ? 0.3398 0.5151 0.7435 -0.1613 -0.0739 0.1797  2  U A N3    
34  C C4    . U A 2  ? 0.3227 0.4958 0.7276 -0.1669 -0.0840 0.1852  2  U A C4    
35  O O4    . U A 2  ? 0.3520 0.5243 0.7299 -0.1697 -0.0964 0.1944  2  U A O4    
36  C C5    . U A 2  ? 0.3309 0.4978 0.7641 -0.1691 -0.0746 0.1768  2  U A C5    
37  C C6    . U A 2  ? 0.4513 0.6174 0.9112 -0.1683 -0.0563 0.1635  2  U A C6    
38  P P     . G A 3  ? 0.5282 0.7442 0.8918 -0.2041 0.0150  0.0967  3  G A P     
39  O OP1   . G A 3  ? 0.6757 0.9007 1.0187 -0.2235 0.0365  0.0758  3  G A OP1   
40  O OP2   . G A 3  ? 0.4275 0.6502 0.7899 -0.2012 -0.0012 0.1054  3  G A OP2   
41  O "O5'" . G A 3  ? 0.5190 0.7418 0.8511 -0.1899 0.0018  0.1128  3  G A "O5'" 
42  C "C5'" . G A 3  ? 0.4446 0.6603 0.7634 -0.1906 0.0140  0.1096  3  G A "C5'" 
43  C "C4'" . G A 3  ? 0.4142 0.6307 0.7074 -0.1751 0.0015  0.1277  3  G A "C4'" 
44  O "O4'" . G A 3  ? 0.4184 0.6201 0.7398 -0.1645 -0.0094 0.1383  3  G A "O4'" 
45  C "C3'" . G A 3  ? 0.4252 0.6656 0.6840 -0.1672 -0.0139 0.1401  3  G A "C3'" 
46  O "O3'" . G A 3  ? 0.5280 0.7884 0.7502 -0.1738 -0.0104 0.1384  3  G A "O3'" 
47  C "C2'" . G A 3  ? 0.4494 0.6770 0.7050 -0.1508 -0.0217 0.1565  3  G A "C2'" 
48  O "O2'" . G A 3  ? 0.4948 0.7104 0.7307 -0.1479 -0.0112 0.1596  3  G A "O2'" 
49  C "C1'" . G A 3  ? 0.3857 0.5926 0.6814 -0.1525 -0.0226 0.1538  3  G A "C1'" 
50  N N9    . G A 3  ? 0.3741 0.5845 0.6810 -0.1512 -0.0379 0.1602  3  G A N9    
51  C C8    . G A 3  ? 0.3393 0.5519 0.6669 -0.1593 -0.0414 0.1548  3  G A C8    
52  N N7    . G A 3  ? 0.3217 0.5333 0.6474 -0.1581 -0.0553 0.1639  3  G A N7    
53  C C5    . G A 3  ? 0.4104 0.6200 0.7155 -0.1494 -0.0594 0.1737  3  G A C5    
54  C C6    . G A 3  ? 0.4037 0.6091 0.6958 -0.1482 -0.0693 0.1830  3  G A C6    
55  O O6    . G A 3  ? 0.3200 0.5233 0.6129 -0.1553 -0.0786 0.1857  3  G A O6    
56  N N1    . G A 3  ? 0.3253 0.5256 0.5999 -0.1397 -0.0645 0.1886  3  G A N1    
57  C C2    . G A 3  ? 0.3704 0.5682 0.6383 -0.1321 -0.0535 0.1881  3  G A C2    
58  N N2    . G A 3  ? 0.3411 0.5286 0.5924 -0.1241 -0.0477 0.1950  3  G A N2    
59  N N3    . G A 3  ? 0.3942 0.5957 0.6692 -0.1345 -0.0459 0.1805  3  G A N3    
60  C C4    . G A 3  ? 0.4182 0.6263 0.7128 -0.1437 -0.0487 0.1724  3  G A C4    
61  P P     . G A 4  ? 0.5841 0.8832 0.7855 -0.1753 -0.0238 0.1419  4  G A P     
62  O OP1   . G A 4  ? 0.6641 0.9810 0.8302 -0.1884 -0.0187 0.1382  4  G A OP1   
63  O OP2   . G A 4  ? 0.5497 0.8541 0.7751 -0.1835 -0.0258 0.1311  4  G A OP2   
64  O "O5'" . G A 4  ? 0.5447 0.8502 0.7398 -0.1527 -0.0388 0.1637  4  G A "O5'" 
65  C "C5'" . G A 4  ? 0.5257 0.8240 0.6995 -0.1395 -0.0384 0.1797  4  G A "C5'" 
66  C "C4'" . G A 4  ? 0.5233 0.8097 0.7061 -0.1198 -0.0435 0.1946  4  G A "C4'" 
67  O "O4'" . G A 4  ? 0.4854 0.7453 0.6934 -0.1224 -0.0407 0.1878  4  G A "O4'" 
68  C "C3'" . G A 4  ? 0.4336 0.7475 0.6216 -0.1103 -0.0552 0.2024  4  G A "C3'" 
69  O "O3'" . G A 4  ? 0.5447 0.8864 0.7165 -0.0997 -0.0620 0.2174  4  G A "O3'" 
70  C "C2'" . G A 4  ? 0.4791 0.7656 0.6800 -0.1000 -0.0520 0.2079  4  G A "C2'" 
71  O "O2'" . G A 4  ? 0.5011 0.7691 0.6900 -0.0857 -0.0447 0.2219  4  G A "O2'" 
72  C "C1'" . G A 4  ? 0.4400 0.6996 0.6543 -0.1129 -0.0473 0.1958  4  G A "C1'" 
73  N N9    . G A 4  ? 0.4027 0.6677 0.6340 -0.1233 -0.0541 0.1868  4  G A N9    
74  C C8    . G A 4  ? 0.3843 0.6573 0.6262 -0.1373 -0.0546 0.1742  4  G A C8    
75  N N7    . G A 4  ? 0.4074 0.6785 0.6607 -0.1433 -0.0606 0.1716  4  G A N7    
76  C C5    . G A 4  ? 0.4093 0.6722 0.6569 -0.1352 -0.0642 0.1813  4  G A C5    
77  C C6    . G A 4  ? 0.3821 0.6372 0.6308 -0.1405 -0.0695 0.1826  4  G A C6    
78  O O6    . G A 4  ? 0.3612 0.6147 0.6160 -0.1524 -0.0742 0.1776  4  G A O6    
79  N N1    . G A 4  ? 0.3270 0.5723 0.5661 -0.1331 -0.0663 0.1900  4  G A N1    
80  C C2    . G A 4  ? 0.4200 0.6611 0.6526 -0.1193 -0.0586 0.1971  4  G A C2    
81  N N2    . G A 4  ? 0.3435 0.5708 0.5694 -0.1143 -0.0515 0.2020  4  G A N2    
82  N N3    . G A 4  ? 0.3674 0.6146 0.5975 -0.1127 -0.0556 0.1987  4  G A N3    
83  C C4    . G A 4  ? 0.3888 0.6474 0.6253 -0.1223 -0.0589 0.1900  4  G A C4    
84  P P     . G A 5  ? 0.5385 0.9265 0.7210 -0.0949 -0.0752 0.2214  5  G A P     
85  O OP1   . G A 5  ? 0.5599 0.9755 0.7271 -0.0834 -0.0844 0.2414  5  G A OP1   
86  O OP2   . G A 5  ? 0.4751 0.8810 0.6645 -0.1159 -0.0773 0.2007  5  G A OP2   
87  O "O5'" . G A 5  ? 0.5416 0.9142 0.7459 -0.0800 -0.0715 0.2265  5  G A "O5'" 
88  C "C5'" . G A 5  ? 0.4784 0.8286 0.6827 -0.0603 -0.0641 0.2432  5  G A "C5'" 
89  C "C4'" . G A 5  ? 0.4211 0.7587 0.6451 -0.0541 -0.0568 0.2412  5  G A "C4'" 
90  O "O4'" . G A 5  ? 0.3938 0.7024 0.6176 -0.0709 -0.0528 0.2258  5  G A "O4'" 
91  C "C3'" . G A 5  ? 0.3702 0.7466 0.6151 -0.0526 -0.0628 0.2379  5  G A "C3'" 
92  O "O3'" . G A 5  ? 0.5745 0.9768 0.8343 -0.0310 -0.0649 0.2561  5  G A "O3'" 
93  C "C2'" . G A 5  ? 0.4033 0.7524 0.6560 -0.0609 -0.0522 0.2262  5  G A "C2'" 
94  O "O2'" . G A 5  ? 0.5069 0.8321 0.7667 -0.0464 -0.0373 0.2351  5  G A "O2'" 
95  C "C1'" . G A 5  ? 0.3537 0.6684 0.5900 -0.0767 -0.0520 0.2177  5  G A "C1'" 
96  N N9    . G A 5  ? 0.3798 0.7047 0.6165 -0.0959 -0.0604 0.2036  5  G A N9    
97  C C8    . G A 5  ? 0.3921 0.7326 0.6243 -0.1049 -0.0668 0.1976  5  G A C8    
98  N N7    . G A 5  ? 0.4193 0.7604 0.6560 -0.1216 -0.0694 0.1847  5  G A N7    
99  C C5    . G A 5  ? 0.3349 0.6604 0.5751 -0.1246 -0.0672 0.1837  5  G A C5    
100 C C6    . G A 5  ? 0.3234 0.6383 0.5646 -0.1413 -0.0689 0.1747  5  G A C6    
101 O O6    . G A 5  ? 0.3703 0.6863 0.6140 -0.1547 -0.0719 0.1662  5  G A O6    
102 N N1    . G A 5  ? 0.3680 0.6660 0.6049 -0.1435 -0.0643 0.1763  5  G A N1    
103 C C2    . G A 5  ? 0.3355 0.6264 0.5717 -0.1309 -0.0559 0.1832  5  G A C2    
104 N N2    . G A 5  ? 0.3889 0.6605 0.6180 -0.1404 -0.0484 0.1799  5  G A N2    
105 N N3    . G A 5  ? 0.3375 0.6358 0.5775 -0.1126 -0.0530 0.1925  5  G A N3    
106 C C4    . G A 5  ? 0.3673 0.6832 0.6072 -0.1104 -0.0605 0.1934  5  G A C4    
107 P P     . U A 6  ? 0.6068 1.0685 0.8926 -0.0279 -0.0766 0.2563  6  U A P     
108 O OP1   . U A 6  ? 0.6427 1.1371 0.9252 -0.0138 -0.0909 0.2786  6  U A OP1   
109 O OP2   . U A 6  ? 0.5312 1.0075 0.8138 -0.0528 -0.0812 0.2330  6  U A OP2   
110 O "O5'" . U A 6  ? 0.6506 1.1056 0.9696 -0.0123 -0.0614 0.2589  6  U A "O5'" 
111 C "C5'" . U A 6  ? 0.6095 1.0395 0.9381 0.0113  -0.0488 0.2779  6  U A "C5'" 
112 C "C4'" . U A 6  ? 0.5339 0.9397 0.8862 0.0144  -0.0254 0.2690  6  U A "C4'" 
113 O "O4'" . U A 6  ? 0.4969 0.8573 0.8222 -0.0088 -0.0149 0.2498  6  U A "O4'" 
114 C "C3'" . U A 6  ? 0.5432 0.9876 0.9306 0.0114  -0.0238 0.2572  6  U A "C3'" 
115 O "O3'" . U A 6  ? 0.5501 1.0402 0.9807 0.0365  -0.0292 0.2752  6  U A "O3'" 
116 C "C2'" . U A 6  ? 0.5632 0.9621 0.9502 0.0003  0.0032  0.2404  6  U A "C2'" 
117 O "O2'" . U A 6  ? 0.6307 1.0059 1.0406 0.0220  0.0255  0.2525  6  U A "O2'" 
118 C "C1'" . U A 6  ? 0.5471 0.9017 0.8877 -0.0191 0.0006  0.2335  6  U A "C1'" 
119 N N1    . U A 6  ? 0.4834 0.8420 0.8056 -0.0468 -0.0092 0.2145  6  U A N1    
120 C C2    . U A 6  ? 0.5013 0.8386 0.8206 -0.0650 0.0060  0.1978  6  U A C2    
121 O O2    . U A 6  ? 0.5699 0.8862 0.9005 -0.0612 0.0285  0.1954  6  U A O2    
122 N N3    . U A 6  ? 0.4841 0.8218 0.7845 -0.0898 -0.0040 0.1839  6  U A N3    
123 C C4    . U A 6  ? 0.3816 0.7379 0.6716 -0.0971 -0.0241 0.1831  6  U A C4    
124 O O4    . U A 6  ? 0.4233 0.7728 0.6993 -0.1191 -0.0283 0.1711  6  U A O4    
125 C C5    . U A 6  ? 0.3880 0.7668 0.6825 -0.0793 -0.0360 0.1972  6  U A C5    
126 C C6    . U A 6  ? 0.4381 0.8179 0.7459 -0.0557 -0.0299 0.2130  6  U A C6    
127 P P     . C A 7  ? 0.5084 1.0696 0.9689 0.0313  -0.0468 0.2683  7  C A P     
128 O OP1   . C A 7  ? 0.5387 1.1401 1.0564 0.0616  -0.0471 0.2894  7  C A OP1   
129 O OP2   . C A 7  ? 0.5381 1.1233 0.9634 0.0139  -0.0717 0.2659  7  C A OP2   
130 O "O5'" . C A 7  ? 0.5631 1.1095 1.0259 0.0065  -0.0288 0.2368  7  C A "O5'" 
131 C "C5'" . C A 7  ? 0.5277 1.0507 1.0192 0.0112  0.0001  0.2285  7  C A "C5'" 
132 C "C4'" . C A 7  ? 0.4948 0.9930 0.9658 -0.0209 0.0144  0.1988  7  C A "C4'" 
133 O "O4'" . C A 7  ? 0.4441 0.9010 0.8590 -0.0424 0.0063  0.1929  7  C A "O4'" 
134 C "C3'" . C A 7  ? 0.4576 1.0032 0.9436 -0.0376 0.0063  0.1812  7  C A "C3'" 
135 O "O3'" . C A 7  ? 0.5002 1.0822 1.0441 -0.0264 0.0209  0.1766  7  C A "O3'" 
136 C "C2'" . C A 7  ? 0.4635 0.9644 0.9034 -0.0718 0.0142  0.1593  7  C A "C2'" 
137 O "O2'" . C A 7  ? 0.5147 0.9807 0.9589 -0.0819 0.0439  0.1452  7  C A "O2'" 
138 C "C1'" . C A 7  ? 0.4027 0.8605 0.7996 -0.0716 0.0045  0.1715  7  C A "C1'" 
139 N N1    . C A 7  ? 0.3921 0.8673 0.7655 -0.0808 -0.0200 0.1727  7  C A N1    
140 C C2    . C A 7  ? 0.3936 0.8572 0.7425 -0.1091 -0.0224 0.1552  7  C A C2    
141 O O2    . C A 7  ? 0.4602 0.8991 0.8016 -0.1263 -0.0072 0.1416  7  C A O2    
142 N N3    . C A 7  ? 0.4079 0.8840 0.7401 -0.1189 -0.0392 0.1535  7  C A N3    
143 C C4    . C A 7  ? 0.3571 0.8576 0.6909 -0.1052 -0.0536 0.1664  7  C A C4    
144 N N4    . C A 7  ? 0.3349 0.8433 0.6509 -0.1201 -0.0646 0.1600  7  C A N4    
145 C C5    . C A 7  ? 0.3364 0.8506 0.6888 -0.0778 -0.0548 0.1862  7  C A C5    
146 C C6    . C A 7  ? 0.3762 0.8771 0.7507 -0.0648 -0.0380 0.1896  7  C A C6    
147 P P     . G A 8  ? 0.4952 1.1620 1.0880 -0.0140 -0.0004 0.1833  8  G A P     
148 O OP1   . G A 8  ? 0.4277 1.1235 1.0909 0.0022  0.0204  0.1804  8  G A OP1   
149 O OP2   . G A 8  ? 0.4686 1.1589 1.0485 0.0028  -0.0302 0.2103  8  G A OP2   
150 O "O5'" . G A 8  ? 0.5594 1.2428 1.1254 -0.0493 -0.0078 0.1570  8  G A "O5'" 
151 C "C5'" . G A 8  ? 0.4838 1.1349 1.0365 -0.0764 0.0160  0.1296  8  G A "C5'" 
152 C "C4'" . G A 8  ? 0.4139 1.0666 0.9270 -0.1081 0.0053  0.1118  8  G A "C4'" 
153 O "O4'" . G A 8  ? 0.4422 1.0462 0.8985 -0.1166 -0.0060 0.1192  8  G A "O4'" 
154 C "C3'" . G A 8  ? 0.3979 1.1209 0.9297 -0.1099 -0.0176 0.1111  8  G A "C3'" 
155 O "O3'" . G A 8  ? 0.4335 1.2115 1.0171 -0.1129 -0.0092 0.0963  8  G A "O3'" 
156 C "C2'" . G A 8  ? 0.4377 1.1312 0.9137 -0.1396 -0.0242 0.0983  8  G A "C2'" 
157 O "O2'" . G A 8  ? 0.4203 1.0969 0.8868 -0.1679 -0.0060 0.0728  8  G A "O2'" 
158 C "C1'" . G A 8  ? 0.4391 1.0641 0.8741 -0.1343 -0.0230 0.1118  8  G A "C1'" 
159 N N9    . G A 8  ? 0.4249 1.0616 0.8473 -0.1205 -0.0448 0.1307  8  G A N9    
160 C C8    . G A 8  ? 0.3284 0.9807 0.7674 -0.0920 -0.0543 0.1546  8  G A C8    
161 N N7    . G A 8  ? 0.4381 1.1001 0.8539 -0.0919 -0.0728 0.1645  8  G A N7    
162 C C5    . G A 8  ? 0.3897 1.0441 0.7781 -0.1207 -0.0738 0.1447  8  G A C5    
163 C C6    . G A 8  ? 0.4356 1.0923 0.7945 -0.1358 -0.0851 0.1411  8  G A C6    
164 O O6    . G A 8  ? 0.4487 1.1155 0.7946 -0.1287 -0.0976 0.1543  8  G A O6    
165 N N1    . G A 8  ? 0.3187 0.9606 0.6617 -0.1636 -0.0776 0.1188  8  G A N1    
166 C C2    . G A 8  ? 0.3194 0.9451 0.6681 -0.1764 -0.0631 0.1037  8  G A C2    
167 N N2    . G A 8  ? 0.3235 0.9312 0.6528 -0.2029 -0.0569 0.0857  8  G A N2    
168 N N3    . G A 8  ? 0.3211 0.9449 0.6922 -0.1655 -0.0526 0.1056  8  G A N3    
169 C C4    . G A 8  ? 0.3575 0.9964 0.7499 -0.1373 -0.0577 0.1255  8  G A C4    
170 P P     . C A 9  ? 0.4424 1.3114 1.0890 -0.0897 -0.0300 0.1111  9  C A P     
171 O OP1   . C A 9  ? 0.3623 1.2731 1.0661 -0.0960 -0.0119 0.0901  9  C A OP1   
172 O OP2   . C A 9  ? 0.5205 1.3881 1.1830 -0.0535 -0.0414 0.1450  9  C A OP2   
173 O "O5'" . C A 9  ? 0.4607 1.3471 1.0639 -0.1078 -0.0551 0.1034  9  C A "O5'" 
174 C "C5'" . C A 9  ? 0.3504 1.2849 0.9670 -0.0946 -0.0797 0.1121  9  C A "C5'" 
175 C "C4'" . C A 9  ? 0.3614 1.3006 0.9351 -0.1232 -0.0889 0.0911  9  C A "C4'" 
176 O "O4'" . C A 9  ? 0.4196 1.3688 1.0121 -0.1439 -0.0715 0.0612  9  C A "O4'" 
177 C "C3'" . C A 9  ? 0.3566 1.2424 0.8656 -0.1452 -0.0859 0.0844  9  C A "C3'" 
178 O "O3'" . C A 9  ? 0.4668 1.3465 0.9446 -0.1361 -0.1041 0.1055  9  C A "O3'" 
179 C "C2'" . C A 9  ? 0.3910 1.2803 0.8788 -0.1752 -0.0802 0.0546  9  C A "C2'" 
180 O "O2'" . C A 9  ? 0.4171 1.3470 0.8951 -0.1779 -0.0995 0.0565  9  C A "O2'" 
181 C "C1'" . C A 9  ? 0.4244 1.3397 0.9627 -0.1752 -0.0654 0.0398  9  C A "C1'" 
182 N N1    . C A 9  ? 0.3607 1.2291 0.8895 -0.1925 -0.0387 0.0233  9  C A N1    
183 C C2    . C A 9  ? 0.3717 1.2020 0.8571 -0.2228 -0.0266 0.0004  9  C A C2    
184 O O2    . C A 9  ? 0.3847 1.2219 0.8429 -0.2349 -0.0355 -0.0077 9  C A O2    
185 N N3    . C A 9  ? 0.3738 1.1574 0.8446 -0.2396 -0.0041 -0.0117 9  C A N3    
186 C C4    . C A 9  ? 0.3647 1.1416 0.8618 -0.2308 0.0089  -0.0050 9  C A C4    
187 N N4    . C A 9  ? 0.3761 1.1021 0.8484 -0.2525 0.0314  -0.0178 9  C A N4    
188 C C5    . C A 9  ? 0.3502 1.1677 0.8969 -0.2002 0.0010  0.0159  9  C A C5    
189 C C6    . C A 9  ? 0.3491 1.2101 0.9108 -0.1802 -0.0238 0.0309  9  C A C6    
190 P P     . A A 10 ? 0.4120 1.2334 0.8505 -0.1394 -0.0995 0.1149  10 A A P     
191 O OP1   . A A 10 ? 0.5370 1.3644 0.9500 -0.1307 -0.1181 0.1349  10 A A OP1   
192 O OP2   . A A 10 ? 0.3941 1.1927 0.8590 -0.1267 -0.0847 0.1241  10 A A OP2   
193 O "O5'" . A A 10 ? 0.3913 1.1763 0.7911 -0.1726 -0.0873 0.0873  10 A A "O5'" 
194 C "C5'" . A A 10 ? 0.3623 1.1611 0.7358 -0.1923 -0.0920 0.0713  10 A A "C5'" 
195 C "C4'" . A A 10 ? 0.3659 1.1266 0.7170 -0.2196 -0.0738 0.0452  10 A A "C4'" 
196 O "O4'" . A A 10 ? 0.3917 1.1579 0.7685 -0.2236 -0.0606 0.0317  10 A A "O4'" 
197 C "C3'" . A A 10 ? 0.3553 1.0529 0.6815 -0.2264 -0.0645 0.0481  10 A A "C3'" 
198 O "O3'" . A A 10 ? 0.4995 1.1809 0.7968 -0.2357 -0.0677 0.0476  10 A A "O3'" 
199 C "C2'" . A A 10 ? 0.4759 1.1426 0.7959 -0.2464 -0.0461 0.0274  10 A A "C2'" 
200 O "O2'" . A A 10 ? 0.5533 1.2120 0.8504 -0.2679 -0.0389 0.0075  10 A A "O2'" 
201 C "C1'" . A A 10 ? 0.3867 1.0970 0.7423 -0.2405 -0.0434 0.0209  10 A A "C1'" 
202 N N9    . A A 10 ? 0.3521 1.0495 0.7289 -0.2317 -0.0348 0.0293  10 A A N9    
203 C C8    . A A 10 ? 0.3380 1.0602 0.7482 -0.2076 -0.0402 0.0487  10 A A C8    
204 N N7    . A A 10 ? 0.3341 1.0363 0.7566 -0.2103 -0.0240 0.0484  10 A A N7    
205 C C5    . A A 10 ? 0.3492 1.0093 0.7394 -0.2382 -0.0101 0.0283  10 A A C5    
206 C C6    . A A 10 ? 0.3625 0.9802 0.7376 -0.2577 0.0099  0.0182  10 A A C6    
207 N N6    . A A 10 ? 0.3680 0.9651 0.7524 -0.2497 0.0229  0.0227  10 A A N6    
208 N N1    . A A 10 ? 0.4294 1.0062 0.7672 -0.2816 0.0180  0.0028  10 A A N1    
209 C C2    . A A 10 ? 0.3891 0.9701 0.7119 -0.2859 0.0099  -0.0040 10 A A C2    
210 N N3    . A A 10 ? 0.4525 1.0723 0.7866 -0.2727 -0.0056 0.0008  10 A A N3    
211 C C4    . A A 10 ? 0.3593 1.0164 0.7247 -0.2491 -0.0165 0.0178  10 A A C4    
212 P P     . G A 11 ? 0.4251 1.0757 0.7116 -0.2250 -0.0737 0.0683  11 G A P     
213 O OP1   . G A 11 ? 0.5064 1.1514 0.7681 -0.2418 -0.0719 0.0584  11 G A OP1   
214 O OP2   . G A 11 ? 0.3634 1.0362 0.6697 -0.1987 -0.0860 0.0935  11 G A OP2   
215 O "O5'" . G A 11 ? 0.4429 1.0340 0.7242 -0.2316 -0.0616 0.0675  11 G A "O5'" 
216 C "C5'" . G A 11 ? 0.4065 0.9634 0.6726 -0.2530 -0.0481 0.0489  11 G A "C5'" 
217 C "C4'" . G A 11 ? 0.4339 0.9320 0.6910 -0.2560 -0.0443 0.0582  11 G A "C4'" 
218 O "O4'" . G A 11 ? 0.4194 0.9053 0.6838 -0.2457 -0.0475 0.0735  11 G A "O4'" 
219 C "C3'" . G A 11 ? 0.4575 0.9405 0.7114 -0.2509 -0.0492 0.0687  11 G A "C3'" 
220 O "O3'" . G A 11 ? 0.5627 0.9917 0.8120 -0.2598 -0.0422 0.0698  11 G A "O3'" 
221 C "C2'" . G A 11 ? 0.4269 0.9081 0.6861 -0.2267 -0.0593 0.0903  11 G A "C2'" 
222 O "O2'" . G A 11 ? 0.4440 0.8887 0.6974 -0.2173 -0.0616 0.1020  11 G A "O2'" 
223 C "C1'" . G A 11 ? 0.4883 0.9469 0.7481 -0.2278 -0.0548 0.0916  11 G A "C1'" 
224 N N9    . G A 11 ? 0.4031 0.8702 0.6717 -0.2082 -0.0575 0.1036  11 G A N9    
225 C C8    . G A 11 ? 0.3212 0.8153 0.6009 -0.1865 -0.0644 0.1162  11 G A C8    
226 N N7    . G A 11 ? 0.3213 0.8110 0.6112 -0.1726 -0.0603 0.1241  11 G A N7    
227 C C5    . G A 11 ? 0.3292 0.7892 0.6103 -0.1890 -0.0502 0.1144  11 G A C5    
228 C C6    . G A 11 ? 0.3576 0.7983 0.6400 -0.1891 -0.0385 0.1136  11 G A C6    
229 O O6    . G A 11 ? 0.3395 0.7849 0.6371 -0.1724 -0.0323 0.1207  11 G A O6    
230 N N1    . G A 11 ? 0.3653 0.7748 0.6272 -0.2138 -0.0312 0.1030  11 G A N1    
231 C C2    . G A 11 ? 0.3879 0.7850 0.6349 -0.2324 -0.0347 0.0961  11 G A C2    
232 N N2    . G A 11 ? 0.3957 0.7584 0.6209 -0.2550 -0.0273 0.0897  11 G A N2    
233 N N3    . G A 11 ? 0.3526 0.7665 0.6040 -0.2309 -0.0426 0.0953  11 G A N3    
234 C C4    . G A 11 ? 0.3584 0.8040 0.6250 -0.2102 -0.0501 0.1037  11 G A C4    
235 P P     . U A 12 ? 0.9629 1.1110 0.9039 -0.0578 0.1377  0.1538  12 U A P     
236 O OP1   . U A 12 ? 1.0369 1.1392 0.9728 -0.0207 0.0392  0.0852  12 U A OP1   
237 O OP2   . U A 12 ? 1.0853 1.1047 0.8617 -0.0484 0.1650  0.1922  12 U A OP2   
238 O "O5'" . U A 12 ? 0.7302 1.0805 0.8195 -0.0627 0.1764  0.1590  12 U A "O5'" 
239 C "C5'" . U A 12 ? 0.4529 0.9481 0.7217 -0.0693 0.1646  0.1323  12 U A "C5'" 
240 C "C4'" . U A 12 ? 0.4496 1.0307 0.7746 -0.0239 0.1197  0.0864  12 U A "C4'" 
241 O "O4'" . U A 12 ? 0.5083 1.1130 0.7675 -0.0075 0.1589  0.1082  12 U A "O4'" 
242 C "C3'" . U A 12 ? 0.5555 1.0292 0.8007 0.0209  0.0196  0.0273  12 U A "C3'" 
243 O "O3'" . U A 12 ? 0.5407 1.1361 0.9288 0.0482  -0.0229 -0.0151 12 U A "O3'" 
244 C "C2'" . U A 12 ? 0.5860 0.9762 0.6713 0.0525  0.0198  0.0322  12 U A "C2'" 
245 O "O2'" . U A 12 ? 0.6586 0.9986 0.6858 0.1048  -0.0583 -0.0214 12 U A "O2'" 
246 C "C1'" . U A 12 ? 0.4931 1.0245 0.6515 0.0427  0.0938  0.0667  12 U A "C1'" 
247 N N1    . U A 12 ? 0.4937 0.9542 0.5129 0.0490  0.1203  0.0975  12 U A N1    
248 C C2    . U A 12 ? 0.4999 0.9943 0.4892 0.0888  0.1043  0.0776  12 U A C2    
249 O O2    . U A 12 ? 0.4949 1.0817 0.5705 0.1205  0.0795  0.0392  12 U A O2    
250 N N3    . U A 12 ? 0.5167 0.9308 0.3747 0.0906  0.1196  0.1076  12 U A N3    
251 C C4    . U A 12 ? 0.5951 0.8843 0.3780 0.0542  0.1400  0.1472  12 U A C4    
252 O O4    . U A 12 ? 0.6803 0.8640 0.4120 0.0440  0.1235  0.1421  12 U A O4    
253 C C5    . U A 12 ? 0.5927 0.8506 0.4074 0.0199  0.1599  0.1635  12 U A C5    
254 C C6    . U A 12 ? 0.5782 0.9297 0.4962 0.0190  0.1543  0.1449  12 U A C6    
255 P P     . N A 13 ? 0.6585 1.2663 1.1670 0.0437  -0.0974 -0.0544 13 N A P     
256 O OP1   . N A 13 ? 0.7715 1.1900 1.1234 0.0691  -0.1876 -0.0935 13 N A OP1   
257 O OP2   . N A 13 ? 0.6004 1.3865 1.2978 0.0664  -0.1032 -0.0742 13 N A OP2   
258 O "O5'" . N A 13 ? 0.5424 1.1700 1.1256 -0.0178 -0.0457 -0.0137 13 N A "O5'" 
259 P P     . N A 14 ? 1.5785 2.1119 2.3524 0.0252  -0.3660 -0.1637 14 N A P     
260 O OP1   . N A 14 ? 1.4477 2.1973 2.4350 0.0419  -0.3430 -0.1644 14 N A OP1   
261 O OP2   . N A 14 ? 1.5517 2.0415 2.3403 -0.0315 -0.3384 -0.1332 14 N A OP2   
262 O "O5'" . N A 14 ? 1.6683 2.0415 2.3303 0.0646  -0.4952 -0.2224 14 N A "O5'" 
263 C "C5'" . N A 14 ? 1.6526 1.9569 2.1772 0.1196  -0.5267 -0.2511 14 N A "C5'" 
264 C "C4'" . N A 14 ? 1.6890 1.7947 1.9528 0.1272  -0.5046 -0.2380 14 N A "C4'" 
265 O "O4'" . N A 14 ? 1.5407 1.7030 1.7829 0.1006  -0.3865 -0.1814 14 N A "O4'" 
266 C "C3'" . N A 14 ? 1.7570 1.6699 1.8922 0.1069  -0.5439 -0.2398 14 N A "C3'" 
267 O "O3'" . N A 14 ? 1.8593 1.6249 1.9000 0.1435  -0.6624 -0.2938 14 N A "O3'" 
268 C "C2'" . N A 14 ? 1.7382 1.5404 1.6859 0.1006  -0.4574 -0.1939 14 N A "C2'" 
269 O "O2'" . N A 14 ? 1.8394 1.5126 1.6039 0.1500  -0.4851 -0.2130 14 N A "O2'" 
270 C "C1'" . N A 14 ? 1.5537 1.5539 1.6328 0.0783  -0.3554 -0.1513 14 N A "C1'" 
271 P P     . C A 15 ? 1.8891 1.5669 1.9689 0.1224  -0.7596 -0.3217 15 C A P     
272 O OP1   . C A 15 ? 1.9213 1.4117 1.8418 0.1710  -0.8710 -0.3729 15 C A OP1   
273 O OP2   . C A 15 ? 1.7796 1.6716 2.1444 0.0904  -0.7676 -0.3199 15 C A OP2   
274 O "O5'" . C A 15 ? 1.8514 1.3921 1.7983 0.0843  -0.6969 -0.2792 15 C A "O5'" 
275 C "C5'" . C A 15 ? 1.8989 1.1813 1.5805 0.1096  -0.7212 -0.2851 15 C A "C5'" 
276 C "C4'" . C A 15 ? 1.7686 0.9762 1.3343 0.0828  -0.6099 -0.2246 15 C A "C4'" 
277 O "O4'" . C A 15 ? 1.5593 0.9109 1.1752 0.0759  -0.5030 -0.1816 15 C A "O4'" 
278 C "C3'" . C A 15 ? 1.6881 0.9260 1.3455 0.0261  -0.5751 -0.1942 15 C A "C3'" 
279 O "O3'" . C A 15 ? 1.9375 0.9684 1.4705 0.0285  -0.6542 -0.2186 15 C A "O3'" 
280 C "C2'" . C A 15 ? 1.5979 0.8442 1.1898 0.0054  -0.4395 -0.1260 15 C A "C2'" 
281 O "O2'" . C A 15 ? 1.6568 0.6587 1.0009 0.0257  -0.4243 -0.1081 15 C A "O2'" 
282 C "C1'" . C A 15 ? 1.5709 0.9320 1.1838 0.0326  -0.4010 -0.1212 15 C A "C1'" 
283 N N1    . C A 15 ? 1.5251 1.1305 1.3428 -0.0018 -0.3215 -0.0886 15 C A N1    
284 C C2    . C A 15 ? 1.4999 1.1386 1.2646 -0.0051 -0.2224 -0.0380 15 C A C2    
285 O O2    . C A 15 ? 1.5480 1.0232 1.1181 0.0197  -0.2075 -0.0223 15 C A O2    
286 N N3    . C A 15 ? 1.3621 1.2029 1.2861 -0.0328 -0.1481 -0.0062 15 C A N3    
287 C C4    . C A 15 ? 1.3533 1.3637 1.4874 -0.0552 -0.1604 -0.0205 15 C A C4    
288 N N4    . C A 15 ? 1.2448 1.4404 1.5179 -0.0773 -0.0809 0.0134  15 C A N4    
289 C C5    . C A 15 ? 1.3300 1.3217 1.5412 -0.0548 -0.2568 -0.0674 15 C A C5    
290 C C6    . C A 15 ? 1.4375 1.2244 1.4856 -0.0294 -0.3387 -0.1012 15 C A C6    
291 P P     . C A 16 ? 0.7453 1.0709 0.7361 -0.2309 -0.0632 0.1681  16 C A P     
292 O OP1   . C A 16 ? 0.7964 1.1411 0.7347 -0.2589 -0.0635 0.1776  16 C A OP1   
293 O OP2   . C A 16 ? 0.7122 1.0184 0.7251 -0.2134 -0.0804 0.1712  16 C A OP2   
294 O "O5'" . C A 16 ? 0.7342 1.0565 0.7355 -0.2196 -0.0427 0.1302  16 C A "O5'" 
295 C "C5'" . C A 16 ? 0.6054 0.9393 0.5824 -0.2355 -0.0186 0.1087  16 C A "C5'" 
296 C "C4'" . C A 16 ? 0.5001 0.8228 0.4985 -0.2204 -0.0041 0.0753  16 C A "C4'" 
297 O "O4'" . C A 16 ? 0.4709 0.7918 0.5232 -0.1960 -0.0076 0.0745  16 C A "O4'" 
298 C "C3'" . C A 16 ? 0.4491 0.7539 0.4402 -0.2118 -0.0160 0.0691  16 C A "C3'" 
299 O "O3'" . C A 16 ? 0.5629 0.8713 0.5091 -0.2360 -0.0072 0.0549  16 C A "O3'" 
300 C "C2'" . C A 16 ? 0.4304 0.7254 0.4709 -0.1874 -0.0062 0.0511  16 C A "C2'" 
301 O "O2'" . C A 16 ? 0.4799 0.7782 0.5311 -0.1956 0.0264  0.0216  16 C A "O2'" 
302 C "C1'" . C A 16 ? 0.4383 0.7455 0.5133 -0.1762 -0.0122 0.0639  16 C A "C1'" 
303 N N1    . C A 16 ? 0.4245 0.7254 0.5138 -0.1606 -0.0381 0.0817  16 C A N1    
304 C C2    . C A 16 ? 0.4161 0.7102 0.5315 -0.1407 -0.0461 0.0796  16 C A C2    
305 O O2    . C A 16 ? 0.4402 0.7307 0.5761 -0.1331 -0.0323 0.0666  16 C A O2    
306 N N3    . C A 16 ? 0.3763 0.6687 0.4969 -0.1320 -0.0665 0.0923  16 C A N3    
307 C C4    . C A 16 ? 0.3741 0.6674 0.4850 -0.1409 -0.0750 0.1023  16 C A C4    
308 N N4    . C A 16 ? 0.3429 0.6338 0.4598 -0.1358 -0.0889 0.1072  16 C A N4    
309 C C5    . C A 16 ? 0.4072 0.7048 0.5050 -0.1571 -0.0671 0.1085  16 C A C5    
310 C C6    . C A 16 ? 0.4425 0.7459 0.5252 -0.1671 -0.0507 0.1002  16 C A C6    
311 P P     . C A 17 ? 0.5987 0.8950 0.5257 -0.2377 -0.0255 0.0573  17 C A P     
312 O OP1   . C A 17 ? 0.5932 0.9033 0.4716 -0.2712 -0.0118 0.0359  17 C A OP1   
313 O OP2   . C A 17 ? 0.5614 0.8557 0.4943 -0.2294 -0.0560 0.0933  17 C A OP2   
314 O "O5'" . C A 17 ? 0.6003 0.8721 0.5722 -0.2104 -0.0174 0.0384  17 C A "O5'" 
315 C "C5'" . C A 17 ? 0.5595 0.8243 0.5504 -0.2119 0.0136  0.0037  17 C A "C5'" 
316 C "C4'" . C A 17 ? 0.5373 0.7791 0.5768 -0.1841 0.0133  0.0017  17 C A "C4'" 
317 O "O4'" . C A 17 ? 0.5002 0.7446 0.5779 -0.1581 -0.0008 0.0242  17 C A "O4'" 
318 C "C3'" . C A 17 ? 0.4886 0.7145 0.5140 -0.1803 -0.0074 0.0131  17 C A "C3'" 
319 O "O3'" . C A 17 ? 0.5562 0.7757 0.5630 -0.2006 0.0072  -0.0135 17 C A "O3'" 
320 C "C2'" . C A 17 ? 0.4972 0.7076 0.5722 -0.1489 -0.0128 0.0265  17 C A "C2'" 
321 O "O2'" . C A 17 ? 0.5010 0.6989 0.6205 -0.1413 0.0144  0.0054  17 C A "O2'" 
322 C "C1'" . C A 17 ? 0.4752 0.7037 0.5680 -0.1388 -0.0188 0.0404  17 C A "C1'" 
323 N N1    . C A 17 ? 0.3937 0.6280 0.4694 -0.1353 -0.0458 0.0658  17 C A N1    
324 C C2    . C A 17 ? 0.4308 0.6576 0.5217 -0.1178 -0.0620 0.0824  17 C A C2    
325 O O2    . C A 17 ? 0.4174 0.6332 0.5342 -0.1040 -0.0572 0.0825  17 C A O2    
326 N N3    . C A 17 ? 0.3445 0.5763 0.4242 -0.1183 -0.0796 0.0975  17 C A N3    
327 C C4    . C A 17 ? 0.3902 0.6319 0.4547 -0.1322 -0.0818 0.1008  17 C A C4    
328 N N4    . C A 17 ? 0.3948 0.6382 0.4612 -0.1331 -0.0934 0.1124  17 C A N4    
329 C C5    . C A 17 ? 0.4014 0.6524 0.4500 -0.1483 -0.0696 0.0926  17 C A C5    
330 C C6    . C A 17 ? 0.3903 0.6387 0.4399 -0.1511 -0.0515 0.0731  17 C A C6    
331 P P     . C A 18 ? 0.5949 0.8112 0.5703 -0.2123 -0.0159 -0.0037 18 C A P     
332 O OP1   . C A 18 ? 0.5776 0.7966 0.5319 -0.2415 0.0042  -0.0405 18 C A OP1   
333 O OP2   . C A 18 ? 0.5245 0.7592 0.4717 -0.2183 -0.0451 0.0294  18 C A OP2   
334 O "O5'" . C A 18 ? 0.5800 0.7692 0.5971 -0.1815 -0.0242 0.0110  18 C A "O5'" 
335 C "C5'" . C A 18 ? 0.5523 0.7194 0.6142 -0.1675 -0.0014 -0.0057 18 C A "C5'" 
336 C "C4'" . C A 18 ? 0.5180 0.6667 0.6089 -0.1400 -0.0153 0.0212  18 C A "C4'" 
337 O "O4'" . C A 18 ? 0.4798 0.6401 0.5797 -0.1225 -0.0298 0.0463  18 C A "O4'" 
338 C "C3'" . C A 18 ? 0.5400 0.6819 0.6073 -0.1434 -0.0373 0.0369  18 C A "C3'" 
339 O "O3'" . C A 18 ? 0.6254 0.7529 0.6961 -0.1549 -0.0277 0.0186  18 C A "O3'" 
340 C "C2'" . C A 18 ? 0.4592 0.5922 0.5470 -0.1181 -0.0485 0.0649  18 C A "C2'" 
341 O "O2'" . C A 18 ? 0.4686 0.5819 0.5967 -0.1026 -0.0335 0.0659  18 C A "O2'" 
342 C "C1'" . C A 18 ? 0.4288 0.5817 0.5221 -0.1115 -0.0506 0.0711  18 C A "C1'" 
343 N N1    . C A 18 ? 0.4104 0.5795 0.4754 -0.1186 -0.0692 0.0839  18 C A N1    
344 C C2    . C A 18 ? 0.4459 0.6130 0.5103 -0.1090 -0.0839 0.1034  18 C A C2    
345 O O2    . C A 18 ? 0.4267 0.5815 0.5045 -0.0963 -0.0835 0.1124  18 C A O2    
346 N N3    . C A 18 ? 0.3992 0.5780 0.4507 -0.1160 -0.0950 0.1113  18 C A N3    
347 C C4    . C A 18 ? 0.4464 0.6391 0.4867 -0.1299 -0.0951 0.1081  18 C A C4    
348 N N4    . C A 18 ? 0.3627 0.5642 0.4029 -0.1354 -0.1035 0.1196  18 C A N4    
349 C C5    . C A 18 ? 0.4070 0.6057 0.4372 -0.1415 -0.0835 0.0926  18 C A C5    
350 C C6    . C A 18 ? 0.4270 0.6133 0.4696 -0.1364 -0.0692 0.0770  18 C A C6    
351 P P     . A A 19 ? 0.6035 0.7370 0.6459 -0.1724 -0.0487 0.0249  19 A A P     
352 O OP1   . A A 19 ? 0.5745 0.6981 0.6251 -0.1888 -0.0329 -0.0042 19 A A OP1   
353 O OP2   . A A 19 ? 0.6553 0.8181 0.6620 -0.1887 -0.0679 0.0366  19 A A OP2   
354 O "O5'" . A A 19 ? 0.5399 0.6585 0.5965 -0.1506 -0.0635 0.0554  19 A A "O5'" 
355 C "C5'" . A A 19 ? 0.5422 0.6344 0.6261 -0.1371 -0.0542 0.0586  19 A A "C5'" 
356 C "C4'" . A A 19 ? 0.4785 0.5638 0.5657 -0.1184 -0.0636 0.0867  19 A A "C4'" 
357 O "O4'" . A A 19 ? 0.4935 0.5970 0.5699 -0.1123 -0.0715 0.0961  19 A A "O4'" 
358 C "C3'" . A A 19 ? 0.4181 0.5022 0.4968 -0.1235 -0.0771 0.0993  19 A A "C3'" 
359 O "O3'" . A A 19 ? 0.4280 0.4911 0.5237 -0.1236 -0.0694 0.0980  19 A A "O3'" 
360 C "C2'" . A A 19 ? 0.3867 0.4739 0.4587 -0.1114 -0.0823 0.1173  19 A A "C2'" 
361 O "O2'" . A A 19 ? 0.4419 0.5135 0.5230 -0.0979 -0.0735 0.1282  19 A A "O2'" 
362 C "C1'" . A A 19 ? 0.4019 0.5081 0.4679 -0.1095 -0.0839 0.1134  19 A A "C1'" 
363 N N9    . A A 19 ? 0.3953 0.5216 0.4477 -0.1207 -0.0949 0.1140  19 A A N9    
364 C C8    . A A 19 ? 0.3820 0.5246 0.4239 -0.1336 -0.0958 0.1045  19 A A C8    
365 N N7    . A A 19 ? 0.3712 0.5304 0.4063 -0.1409 -0.1060 0.1146  19 A A N7    
366 C C5    . A A 19 ? 0.4025 0.5537 0.4491 -0.1323 -0.1092 0.1260  19 A A C5    
367 C C6    . A A 19 ? 0.3864 0.5444 0.4430 -0.1352 -0.1139 0.1362  19 A A C6    
368 N N6    . A A 19 ? 0.3928 0.5680 0.4520 -0.1448 -0.1195 0.1441  19 A A N6    
369 N N1    . A A 19 ? 0.3514 0.4983 0.4170 -0.1302 -0.1094 0.1373  19 A A N1    
370 C C2    . A A 19 ? 0.4258 0.5579 0.4843 -0.1227 -0.1039 0.1344  19 A A C2    
371 N N3    . A A 19 ? 0.3742 0.4979 0.4277 -0.1166 -0.1010 0.1316  19 A A N3    
372 C C4    . A A 19 ? 0.3759 0.5083 0.4269 -0.1216 -0.1027 0.1249  19 A A C4    
373 P P     . G A 20 ? 0.5163 0.5807 0.6189 -0.1357 -0.0793 0.1017  20 G A P     
374 O OP1   . G A 20 ? 0.5245 0.5658 0.6498 -0.1351 -0.0661 0.0959  20 G A OP1   
375 O OP2   . G A 20 ? 0.4936 0.5856 0.5856 -0.1541 -0.0956 0.0973  20 G A OP2   
376 O "O5'" . G A 20 ? 0.4728 0.5349 0.5734 -0.1273 -0.0824 0.1201  20 G A "O5'" 
377 C "C5'" . G A 20 ? 0.4584 0.5026 0.5566 -0.1157 -0.0703 0.1294  20 G A "C5'" 
378 C "C4'" . G A 20 ? 0.4895 0.5361 0.5840 -0.1180 -0.0702 0.1365  20 G A "C4'" 
379 O "O4'" . G A 20 ? 0.5346 0.6025 0.6199 -0.1204 -0.0810 0.1362  20 G A "O4'" 
380 C "C3'" . G A 20 ? 0.4564 0.4978 0.5809 -0.1273 -0.0680 0.1357  20 G A "C3'" 
381 O "O3'" . G A 20 ? 0.4962 0.5282 0.6219 -0.1289 -0.0535 0.1371  20 G A "O3'" 
382 C "C2'" . G A 20 ? 0.4513 0.5159 0.5870 -0.1346 -0.0847 0.1382  20 G A "C2'" 
383 O "O2'" . G A 20 ? 0.4636 0.5307 0.6386 -0.1411 -0.0848 0.1450  20 G A "O2'" 
384 C "C1'" . G A 20 ? 0.4500 0.5247 0.5595 -0.1297 -0.0861 0.1381  20 G A "C1'" 
385 N N9    . G A 20 ? 0.3897 0.4866 0.4958 -0.1344 -0.1004 0.1406  20 G A N9    
386 C C8    . G A 20 ? 0.4053 0.5133 0.4958 -0.1379 -0.1078 0.1354  20 G A C8    
387 N N7    . G A 20 ? 0.4259 0.5554 0.5114 -0.1452 -0.1181 0.1407  20 G A N7    
388 C C5    . G A 20 ? 0.3638 0.4945 0.4705 -0.1443 -0.1179 0.1515  20 G A C5    
389 C C6    . G A 20 ? 0.3916 0.5394 0.5115 -0.1500 -0.1244 0.1640  20 G A C6    
390 O O6    . G A 20 ? 0.3919 0.5597 0.4986 -0.1575 -0.1337 0.1706  20 G A O6    
391 N N1    . G A 20 ? 0.3684 0.5075 0.5219 -0.1483 -0.1148 0.1673  20 G A N1    
392 C C2    . G A 20 ? 0.4180 0.5368 0.5825 -0.1447 -0.0999 0.1575  20 G A C2    
393 N N2    . G A 20 ? 0.4191 0.5317 0.6188 -0.1480 -0.0858 0.1553  20 G A N2    
394 N N3    . G A 20 ? 0.4322 0.5368 0.5769 -0.1403 -0.0953 0.1492  20 G A N3    
395 C C4    . G A 20 ? 0.3541 0.4649 0.4743 -0.1390 -0.1054 0.1482  20 G A C4    
396 P P     . U A 21 ? 0.5646 0.5723 0.6936 -0.1297 -0.0323 0.1379  21 U A P     
397 O OP1   . U A 21 ? 0.4946 0.4918 0.6129 -0.1217 -0.0312 0.1433  21 U A OP1   
398 O OP2   . U A 21 ? 0.6280 0.6289 0.8038 -0.1375 -0.0240 0.1342  21 U A OP2   
399 O "O5'" . U A 21 ? 0.5512 0.5605 0.6458 -0.1339 -0.0195 0.1372  21 U A "O5'" 
400 C "C5'" . U A 21 ? 0.5047 0.5259 0.5574 -0.1288 -0.0274 0.1456  21 U A "C5'" 
401 C "C4'" . U A 21 ? 0.5364 0.5687 0.5584 -0.1416 -0.0183 0.1392  21 U A "C4'" 
402 O "O4'" . U A 21 ? 0.5399 0.5879 0.5737 -0.1455 -0.0259 0.1267  21 U A "O4'" 
403 C "C3'" . U A 21 ? 0.6301 0.6463 0.6571 -0.1567 0.0096  0.1273  21 U A "C3'" 
404 O "O3'" . U A 21 ? 0.6701 0.6976 0.6453 -0.1720 0.0199  0.1252  21 U A "O3'" 
405 C "C2'" . U A 21 ? 0.5333 0.5508 0.6056 -0.1628 0.0151  0.1093  21 U A "C2'" 
406 O "O2'" . U A 21 ? 0.6398 0.6493 0.7223 -0.1807 0.0453  0.0890  21 U A "O2'" 
407 C "C1'" . U A 21 ? 0.5592 0.6004 0.6148 -0.1601 -0.0048 0.1090  21 U A "C1'" 
408 N N1    . U A 21 ? 0.5588 0.6048 0.6621 -0.1580 -0.0119 0.1058  21 U A N1    
409 C C2    . U A 21 ? 0.6513 0.7040 0.7710 -0.1698 0.0005  0.0897  21 U A C2    
410 O O2    . U A 21 ? 0.5994 0.6551 0.6898 -0.1847 0.0174  0.0722  21 U A O2    
411 N N3    . U A 21 ? 0.6665 0.7240 0.8372 -0.1664 -0.0072 0.0952  21 U A N3    
412 C C4    . U A 21 ? 0.6224 0.6843 0.8184 -0.1558 -0.0284 0.1157  21 U A C4    
413 O O4    . U A 21 ? 0.6807 0.7518 0.9194 -0.1561 -0.0357 0.1259  21 U A O4    
414 C C5    . U A 21 ? 0.6116 0.6686 0.7815 -0.1479 -0.0395 0.1242  21 U A C5    
415 C C6    . U A 21 ? 0.5720 0.6188 0.7028 -0.1476 -0.0296 0.1191  21 U A C6    
416 P P     . U A 22 ? 0.7231 0.7401 0.6627 -0.1795 0.0365  0.1401  22 U A P     
417 O OP1   . U A 22 ? 0.6554 0.6425 0.6385 -0.1784 0.0583  0.1338  22 U A OP1   
418 O OP2   . U A 22 ? 0.7933 0.8321 0.6723 -0.2039 0.0454  0.1339  22 U A OP2   
419 O "O5'" . U A 22 ? 0.6110 0.6318 0.5451 -0.1585 0.0128  0.1735  22 U A "O5'" 
420 C "C5'" . U A 22 ? 0.6101 0.6597 0.5079 -0.1563 -0.0082 0.1945  22 U A "C5'" 
421 C "C4'" . U A 22 ? 0.6540 0.6984 0.5760 -0.1334 -0.0222 0.2243  22 U A "C4'" 
422 O "O4'" . U A 22 ? 0.6654 0.6847 0.5940 -0.1319 -0.0046 0.2427  22 U A "O4'" 
423 C "C3'" . U A 22 ? 0.5373 0.5699 0.5084 -0.1169 -0.0299 0.2107  22 U A "C3'" 
424 O "O3'" . U A 22 ? 0.6066 0.6508 0.5921 -0.1005 -0.0454 0.2314  22 U A "O3'" 
425 C "C2'" . U A 22 ? 0.5815 0.5810 0.5851 -0.1143 -0.0116 0.2066  22 U A "C2'" 
426 O "O2'" . U A 22 ? 0.4958 0.4845 0.5403 -0.1011 -0.0165 0.2027  22 U A "O2'" 
427 C "C1'" . U A 22 ? 0.5449 0.5371 0.5273 -0.1166 0.0001  0.2358  22 U A "C1'" 
428 N N1    . U A 22 ? 0.5941 0.5591 0.5858 -0.1252 0.0260  0.2314  22 U A N1    
429 C C2    . U A 22 ? 0.6651 0.6064 0.6841 -0.1164 0.0379  0.2519  22 U A C2    
430 O O2    . U A 22 ? 0.5798 0.5188 0.6244 -0.1005 0.0299  0.2710  22 U A O2    
431 N N3    . U A 22 ? 0.6108 0.5290 0.6365 -0.1269 0.0639  0.2478  22 U A N3    
432 C C4    . U A 22 ? 0.6042 0.5208 0.6154 -0.1452 0.0812  0.2248  22 U A C4    
433 O O4    . U A 22 ? 0.6490 0.5440 0.6750 -0.1535 0.1074  0.2225  22 U A O4    
434 C C5    . U A 22 ? 0.5874 0.5277 0.5755 -0.1535 0.0699  0.2041  22 U A C5    
435 C C6    . U A 22 ? 0.5867 0.5497 0.5638 -0.1438 0.0427  0.2087  22 U A C6    
436 P P     . A A 23 ? 0.5988 0.6762 0.5778 -0.0978 -0.0668 0.2288  23 A A P     
437 O OP1   . A A 23 ? 0.6289 0.7151 0.6356 -0.0801 -0.0767 0.2565  23 A A OP1   
438 O OP2   . A A 23 ? 0.5565 0.6583 0.4913 -0.1170 -0.0708 0.2211  23 A A OP2   
439 O "O5'" . A A 23 ? 0.5095 0.5795 0.5130 -0.0968 -0.0668 0.1981  23 A A "O5'" 
440 C "C5'" . A A 23 ? 0.4854 0.5373 0.5242 -0.0877 -0.0625 0.1902  23 A A "C5'" 
441 C "C4'" . A A 23 ? 0.4260 0.4887 0.4717 -0.0916 -0.0704 0.1690  23 A A "C4'" 
442 O "O4'" . A A 23 ? 0.4711 0.5337 0.5093 -0.1044 -0.0685 0.1574  23 A A "O4'" 
443 C "C3'" . A A 23 ? 0.3894 0.4792 0.4287 -0.0881 -0.0831 0.1708  23 A A "C3'" 
444 O "O3'" . A A 23 ? 0.4383 0.5288 0.5034 -0.0772 -0.0820 0.1714  23 A A "O3'" 
445 C "C2'" . A A 23 ? 0.4002 0.4993 0.4352 -0.0990 -0.0875 0.1538  23 A A "C2'" 
446 O "O2'" . A A 23 ? 0.4222 0.5199 0.4724 -0.0996 -0.0886 0.1431  23 A A "O2'" 
447 C "C1'" . A A 23 ? 0.4946 0.5774 0.5286 -0.1087 -0.0781 0.1493  23 A A "C1'" 
448 N N9    . A A 23 ? 0.4799 0.5713 0.4954 -0.1193 -0.0738 0.1459  23 A A N9    
449 C C8    . A A 23 ? 0.4604 0.5592 0.4461 -0.1239 -0.0710 0.1539  23 A A C8    
450 N N7    . A A 23 ? 0.5283 0.6352 0.4997 -0.1403 -0.0630 0.1395  23 A A N7    
451 C C5    . A A 23 ? 0.4407 0.5417 0.4452 -0.1426 -0.0595 0.1250  23 A A C5    
452 C C6    . A A 23 ? 0.5035 0.6053 0.5266 -0.1565 -0.0468 0.1065  23 A A C6    
453 N N6    . A A 23 ? 0.5346 0.6435 0.5383 -0.1748 -0.0319 0.0894  23 A A N6    
454 N N1    . A A 23 ? 0.5169 0.6139 0.5831 -0.1533 -0.0487 0.1065  23 A A N1    
455 C C2    . A A 23 ? 0.4857 0.5814 0.5627 -0.1415 -0.0634 0.1203  23 A A C2    
456 N N3    . A A 23 ? 0.4701 0.5638 0.5282 -0.1311 -0.0724 0.1294  23 A A N3    
457 C C4    . A A 23 ? 0.4903 0.5845 0.5181 -0.1302 -0.0689 0.1324  23 A A C4    
458 P P     . A A 24 ? 0.4683 0.5839 0.5462 -0.0670 -0.0907 0.1841  24 A A P     
459 O OP1   . A A 24 ? 0.4793 0.6151 0.5336 -0.0694 -0.1028 0.2050  24 A A OP1   
460 O OP2   . A A 24 ? 0.3814 0.5098 0.4653 -0.0707 -0.0920 0.1642  24 A A OP2   
461 O "O5'" . A A 24 ? 0.4595 0.5593 0.5815 -0.0524 -0.0782 0.1953  24 A A "O5'" 
462 C "C5'" . A A 24 ? 0.4731 0.5538 0.6027 -0.0473 -0.0712 0.2162  24 A A "C5'" 
463 C "C4'" . A A 24 ? 0.4853 0.5437 0.6702 -0.0361 -0.0518 0.2159  24 A A "C4'" 
464 O "O4'" . A A 24 ? 0.4347 0.4735 0.6214 -0.0472 -0.0378 0.1795  24 A A "O4'" 
465 C "C3'" . A A 24 ? 0.4461 0.5177 0.6808 -0.0238 -0.0477 0.2186  24 A A "C3'" 
466 O "O3'" . A A 24 ? 0.5283 0.6193 0.7877 -0.0097 -0.0598 0.2620  24 A A "O3'" 
467 C "C2'" . A A 24 ? 0.4578 0.4987 0.7411 -0.0226 -0.0187 0.1957  24 A A "C2'" 
468 O "O2'" . A A 24 ? 0.5709 0.5915 0.8969 -0.0102 -0.0074 0.2255  24 A A "O2'" 
469 C "C1'" . A A 24 ? 0.4463 0.4741 0.6843 -0.0421 -0.0176 0.1646  24 A A "C1'" 
470 N N9    . A A 24 ? 0.4870 0.5250 0.7098 -0.0568 -0.0149 0.1273  24 A A N9    
471 C C8    . A A 24 ? 0.4316 0.4927 0.6094 -0.0670 -0.0328 0.1204  24 A A C8    
472 N N7    . A A 24 ? 0.4328 0.5013 0.6035 -0.0816 -0.0256 0.0906  24 A A N7    
473 C C5    . A A 24 ? 0.4782 0.5276 0.6897 -0.0830 0.0008  0.0704  24 A A C5    
474 C C6    . A A 24 ? 0.5384 0.5871 0.7574 -0.1015 0.0226  0.0306  24 A A C6    
475 N N6    . A A 24 ? 0.4790 0.5505 0.6570 -0.1219 0.0173  0.0101  24 A A N6    
476 N N1    . A A 24 ? 0.5808 0.6056 0.8520 -0.1011 0.0528  0.0118  24 A A N1    
477 C C2    . A A 24 ? 0.6000 0.6023 0.9159 -0.0804 0.0583  0.0392  24 A A C2    
478 N N3    . A A 24 ? 0.5845 0.5879 0.8912 -0.0624 0.0364  0.0830  24 A A N3    
479 C C4    . A A 24 ? 0.5359 0.5641 0.7864 -0.0661 0.0086  0.0934  24 A A C4    
480 P P     . C A 25 ? 0.5672 0.6916 0.8668 0.0007  -0.0693 0.2727  25 C A P     
481 O OP1   . C A 25 ? 0.5552 0.7073 0.8673 0.0102  -0.0909 0.3262  25 C A OP1   
482 O OP2   . C A 25 ? 0.4819 0.6237 0.7401 -0.0126 -0.0774 0.2401  25 C A OP2   
483 O "O5'" . C A 25 ? 0.6282 0.7300 1.0103 0.0122  -0.0376 0.2569  25 C A "O5'" 
484 C "C5'" . C A 25 ? 0.5884 0.6626 1.0296 0.0242  -0.0179 0.2768  25 C A "C5'" 
485 C "C4'" . C A 25 ? 0.6154 0.6656 1.1301 0.0272  0.0200  0.2424  25 C A "C4'" 
486 O "O4'" . C A 25 ? 0.5934 0.6226 1.0624 0.0052  0.0359  0.1873  25 C A "O4'" 
487 C "C3'" . C A 25 ? 0.6415 0.7142 1.2031 0.0327  0.0267  0.2304  25 C A "C3'" 
488 O "O3'" . C A 25 ? 0.6979 0.7888 1.3440 0.0559  0.0212  0.2801  25 C A "O3'" 
489 C "C2'" . C A 25 ? 0.6365 0.6801 1.2280 0.0201  0.0694  0.1722  25 C A "C2'" 
490 O "O2'" . C A 25 ? 0.6912 0.7065 1.3827 0.0333  0.1032  0.1791  25 C A "O2'" 
491 C "C1'" . C A 25 ? 0.6214 0.6481 1.1276 -0.0017 0.0639  0.1449  25 C A "C1'" 
492 N N1    . C A 25 ? 0.5550 0.6004 0.9844 -0.0231 0.0518  0.1110  25 C A N1    
493 C C2    . C A 25 ? 0.6647 0.7037 1.0933 -0.0438 0.0798  0.0585  25 C A C2    
494 O O2    . C A 25 ? 0.7571 0.7735 1.2504 -0.0446 0.1165  0.0354  25 C A O2    
495 N N3    . C A 25 ? 0.6515 0.7102 1.0108 -0.0649 0.0681  0.0346  25 C A N3    
496 C C4    . C A 25 ? 0.5784 0.6579 0.8822 -0.0632 0.0331  0.0593  25 C A C4    
497 N N4    . C A 25 ? 0.5916 0.6889 0.8386 -0.0830 0.0239  0.0406  25 C A N4    
498 C C5    . C A 25 ? 0.5045 0.5886 0.8095 -0.0439 0.0082  0.1043  25 C A C5    
499 C C6    . C A 25 ? 0.5028 0.5719 0.8654 -0.0256 0.0168  0.1299  25 C A C6    
500 P P     . A A 26 ? 0.7229 0.8568 1.4034 0.0635  0.0073  0.2898  26 A A P     
501 O OP1   . A A 26 ? 0.7795 0.9321 1.5633 0.0886  0.0004  0.3508  26 A A OP1   
502 O OP2   . A A 26 ? 0.6828 0.8464 1.2623 0.0478  -0.0270 0.2828  26 A A OP2   
503 O "O5'" . A A 26 ? 0.7245 0.8389 1.4499 0.0558  0.0523  0.2294  26 A A "O5'" 
504 C "C5'" . A A 26 ? 0.6874 0.8239 1.3795 0.0431  0.0514  0.1958  26 A A "C5'" 
505 C "C4'" . A A 26 ? 0.6600 0.7698 1.3266 0.0201  0.0895  0.1294  26 A A "C4'" 
506 O "O4'" . A A 26 ? 0.7082 0.8096 1.2661 -0.0004 0.0718  0.1124  26 A A "O4'" 
507 C "C3'" . A A 26 ? 0.6492 0.7780 1.3152 0.0078  0.1054  0.0934  26 A A "C3'" 
508 O "O3'" . A A 26 ? 0.6968 0.8209 1.4779 0.0189  0.1454  0.0827  26 A A "O3'" 
509 C "C2'" . A A 26 ? 0.6584 0.7718 1.2360 -0.0242 0.1191  0.0408  26 A A "C2'" 
510 O "O2'" . A A 26 ? 0.7193 0.8027 1.3408 -0.0358 0.1665  -0.0021 26 A A "O2'" 
511 C "C1'" . A A 26 ? 0.6105 0.7159 1.1159 -0.0256 0.0848  0.0642  26 A A "C1'" 
512 N N9    . A A 26 ? 0.5188 0.6486 0.9392 -0.0338 0.0470  0.0766  26 A A N9    
513 C C8    . A A 26 ? 0.4790 0.6238 0.8749 -0.0220 0.0101  0.1185  26 A A C8    
514 N N7    . A A 26 ? 0.5163 0.6779 0.8437 -0.0346 -0.0125 0.1160  26 A A N7    
515 C C5    . A A 26 ? 0.5047 0.6635 0.8076 -0.0546 0.0069  0.0769  26 A A C5    
516 C C6    . A A 26 ? 0.4680 0.6403 0.7092 -0.0742 -0.0027 0.0629  26 A A C6    
517 N N6    . A A 26 ? 0.3843 0.5707 0.5859 -0.0750 -0.0311 0.0823  26 A A N6    
518 N N1    . A A 26 ? 0.4629 0.6345 0.6869 -0.0954 0.0202  0.0283  26 A A N1    
519 C C2    . A A 26 ? 0.5246 0.6809 0.7908 -0.0986 0.0546  0.0010  26 A A C2    
520 N N3    . A A 26 ? 0.5945 0.7327 0.9309 -0.0800 0.0711  0.0066  26 A A N3    
521 C C4    . A A 26 ? 0.5166 0.6576 0.8688 -0.0568 0.0434  0.0498  26 A A C4    
522 P P     . A A 27 ? 0.7710 0.9310 1.6131 0.0287  0.1463  0.0910  27 A A P     
523 O OP1   . A A 27 ? 0.7275 0.8739 1.7125 0.0444  0.1922  0.0863  27 A A OP1   
524 O OP2   . A A 27 ? 0.6980 0.8973 1.5104 0.0415  0.0904  0.1450  27 A A OP2   
525 O "O5'" . A A 27 ? 0.7822 0.9462 1.5445 -0.0031 0.1645  0.0332  27 A A "O5'" 
526 C "C5'" . A A 27 ? 0.7928 0.9288 1.5279 -0.0306 0.2079  -0.0264 27 A A "C5'" 
527 C "C4'" . A A 27 ? 0.7946 0.9458 1.4247 -0.0621 0.2046  -0.0599 27 A A "C4'" 
528 O "O4'" . A A 27 ? 0.7887 0.9432 1.3147 -0.0695 0.1599  -0.0402 27 A A "O4'" 
529 C "C3'" . A A 27 ? 0.7992 0.9843 1.4382 -0.0587 0.1958  -0.0501 27 A A "C3'" 
530 O "O3'" . A A 27 ? 0.8692 1.0544 1.5824 -0.0653 0.2476  -0.0870 27 A A "O3'" 
531 C "C2'" . A A 27 ? 0.7308 0.9287 1.2459 -0.0842 0.1704  -0.0578 27 A A "C2'" 
532 O "O2'" . A A 27 ? 0.7617 0.9539 1.2315 -0.1193 0.2075  -0.1097 27 A A "O2'" 
533 C "C1'" . A A 27 ? 0.6884 0.8697 1.1479 -0.0818 0.1385  -0.0376 27 A A "C1'" 
534 N N9    . A A 27 ? 0.5276 0.7247 0.9643 -0.0635 0.0890  0.0108  27 A A N9    
535 C C8    . A A 27 ? 0.4772 0.6761 0.9613 -0.0368 0.0669  0.0525  27 A A C8    
536 N N7    . A A 27 ? 0.4961 0.7127 0.9334 -0.0330 0.0262  0.0831  27 A A N7    
537 C C5    . A A 27 ? 0.4815 0.7047 0.8463 -0.0552 0.0223  0.0621  27 A A C5    
538 C C6    . A A 27 ? 0.4004 0.6381 0.7031 -0.0631 -0.0078 0.0748  27 A A C6    
539 N N6    . A A 27 ? 0.3889 0.6386 0.6829 -0.0530 -0.0392 0.1052  27 A A N6    
540 N N1    . A A 27 ? 0.4392 0.6803 0.6910 -0.0848 -0.0023 0.0548  27 A A N1    
541 C C2    . A A 27 ? 0.4432 0.6773 0.6926 -0.1011 0.0295  0.0229  27 A A C2    
542 N N3    . A A 27 ? 0.4909 0.7114 0.7879 -0.0996 0.0626  0.0002  27 A A N3    
543 C C4    . A A 27 ? 0.4921 0.7056 0.8526 -0.0740 0.0580  0.0218  27 A A C4    
544 P P     . A A 28 ? 0.8372 1.0538 1.6379 -0.0460 0.2485  -0.0664 28 A A P     
545 O OP1   . A A 28 ? 0.8423 1.0450 1.7827 -0.0322 0.2988  -0.0810 28 A A OP1   
546 O OP2   . A A 28 ? 0.8511 1.0956 1.6355 -0.0241 0.1868  -0.0070 28 A A OP2   
547 O "O5'" . A A 28 ? 0.9386 1.1703 1.6690 -0.0786 0.2684  -0.1063 28 A A "O5'" 
548 C "C5'" . A A 28 ? 0.9355 1.1519 1.5714 -0.1169 0.2928  -0.1535 28 A A "C5'" 
549 C "C4'" . A A 28 ? 0.9031 1.1431 1.4492 -0.1435 0.2856  -0.1627 28 A A "C4'" 
550 O "O4'" . A A 28 ? 0.8450 1.0922 1.2960 -0.1441 0.2298  -0.1277 28 A A "O4'" 
551 C "C3'" . A A 28 ? 0.8507 1.1183 1.4552 -0.1321 0.2896  -0.1505 28 A A "C3'" 
552 O "O3'" . A A 28 ? 1.0008 1.2789 1.5498 -0.1675 0.3221  -0.1866 28 A A "O3'" 
553 C "C2'" . A A 28 ? 0.7045 0.9915 1.2677 -0.1151 0.2261  -0.0986 28 A A "C2'" 
554 O "O2'" . A A 28 ? 0.7439 1.0600 1.3126 -0.1166 0.2185  -0.0885 28 A A "O2'" 
555 C "C1'" . A A 28 ? 0.7383 1.0128 1.1816 -0.1380 0.2056  -0.1020 28 A A "C1'" 
556 N N9    . A A 28 ? 0.6541 0.9341 1.0547 -0.1237 0.1500  -0.0589 28 A A N9    
557 C C8    . A A 28 ? 0.6078 0.8958 1.0555 -0.0938 0.1162  -0.0207 28 A A C8    
558 N N7    . A A 28 ? 0.5004 0.7928 0.8887 -0.0929 0.0753  0.0053  28 A A N7    
559 C C5    . A A 28 ? 0.5321 0.8190 0.8390 -0.1203 0.0805  -0.0114 28 A A C5    
560 C C6    . A A 28 ? 0.4229 0.7105 0.6564 -0.1317 0.0518  0.0042  28 A A C6    
561 N N6    . A A 28 ? 0.3918 0.6823 0.6179 -0.1183 0.0165  0.0326  28 A A N6    
562 N N1    . A A 28 ? 0.4473 0.7348 0.6185 -0.1598 0.0624  -0.0098 28 A A N1    
563 C C2    . A A 28 ? 0.5158 0.8037 0.6858 -0.1795 0.1010  -0.0430 28 A A C2    
564 N N3    . A A 28 ? 0.5894 0.8733 0.8232 -0.1735 0.1366  -0.0687 28 A A N3    
565 C C4    . A A 28 ? 0.5940 0.8765 0.9015 -0.1409 0.1235  -0.0488 28 A A C4    
566 P P     . A A 29 ? 1.0146 1.3124 1.6425 -0.1683 0.3619  -0.2036 29 A A P     
567 O OP1   . A A 29 ? 0.9632 1.2428 1.6460 -0.1865 0.4329  -0.2609 29 A A OP1   
568 O OP2   . A A 29 ? 0.9215 1.2412 1.6387 -0.1299 0.3269  -0.1570 29 A A OP2   
569 O "O5'" . A A 29 ? 0.9446 1.2620 1.4644 -0.2015 0.3572  -0.2076 29 A A "O5'" 
570 C "C5'" . A A 29 ? 0.7947 1.1327 1.2838 -0.1896 0.3069  -0.1631 29 A A "C5'" 
571 C "C4'" . A A 29 ? 0.7339 1.0742 1.0947 -0.2185 0.2849  -0.1549 29 A A "C4'" 
572 O "O4'" . A A 29 ? 0.7476 1.0730 1.0634 -0.2083 0.2425  -0.1318 29 A A "O4'" 
573 C "C3'" . A A 29 ? 0.6848 1.0472 1.0203 -0.2189 0.2570  -0.1230 29 A A "C3'" 
574 O "O3'" . A A 29 ? 0.7685 1.1461 1.1031 -0.2429 0.2969  -0.1435 29 A A "O3'" 
575 C "C2'" . A A 29 ? 0.7113 1.0685 0.9457 -0.2321 0.2191  -0.0992 29 A A "C2'" 
576 O "O2'" . A A 29 ? 0.7698 1.1305 0.9217 -0.2729 0.2436  -0.1192 29 A A "O2'" 
577 C "C1'" . A A 29 ? 0.6933 1.0290 0.9393 -0.2135 0.2012  -0.0981 29 A A "C1'" 
578 N N9    . A A 29 ? 0.5703 0.9068 0.8550 -0.1795 0.1569  -0.0616 29 A A N9    
579 C C8    . A A 29 ? 0.5342 0.8728 0.9079 -0.1492 0.1522  -0.0533 29 A A C8    
580 N N7    . A A 29 ? 0.5263 0.8711 0.9049 -0.1292 0.1087  -0.0196 29 A A N7    
581 C C5    . A A 29 ? 0.4834 0.8254 0.7799 -0.1452 0.0872  -0.0082 29 A A C5    
582 C C6    . A A 29 ? 0.3990 0.7428 0.6661 -0.1387 0.0474  0.0195  29 A A C6    
583 N N6    . A A 29 ? 0.3715 0.7235 0.6738 -0.1177 0.0195  0.0394  29 A A N6    
584 N N1    . A A 29 ? 0.4536 0.7929 0.6554 -0.1575 0.0387  0.0269  29 A A N1    
585 C C2    . A A 29 ? 0.4971 0.8354 0.6564 -0.1826 0.0626  0.0124  29 A A C2    
586 N N3    . A A 29 ? 0.5473 0.8864 0.7140 -0.1955 0.1003  -0.0170 29 A A N3    
587 C C4    . A A 29 ? 0.5135 0.8519 0.7550 -0.1747 0.1137  -0.0289 29 A A C4    
588 P P     . C A 30 ? 0.7221 1.1237 1.1184 -0.2298 0.2916  -0.1246 30 C A P     
589 O OP1   . C A 30 ? 0.8186 1.2305 1.2079 -0.2606 0.3451  -0.1541 30 C A OP1   
590 O OP2   . C A 30 ? 0.7141 1.1222 1.2194 -0.1913 0.2738  -0.1117 30 C A OP2   
591 O "O5'" . C A 30 ? 0.7195 1.1271 1.0482 -0.2317 0.2427  -0.0836 30 C A "O5'" 
592 C "C5'" . C A 30 ? 0.7144 1.1198 0.9414 -0.2631 0.2412  -0.0759 30 C A "C5'" 
593 C "C4'" . C A 30 ? 0.6499 1.0544 0.8420 -0.2546 0.1913  -0.0341 30 C A "C4'" 
594 O "O4'" . C A 30 ? 0.7019 1.0902 0.8949 -0.2326 0.1581  -0.0256 30 C A "O4'" 
595 C "C3'" . C A 30 ? 0.5794 0.9977 0.8272 -0.2380 0.1728  -0.0134 30 C A "C3'" 
596 O "O3'" . C A 30 ? 0.5997 1.0317 0.8378 -0.2595 0.1940  -0.0077 30 C A "O3'" 
597 C "C2'" . C A 30 ? 0.5899 0.9983 0.8137 -0.2246 0.1259  0.0157  30 C A "C2'" 
598 O "O2'" . C A 30 ? 0.5791 0.9841 0.7374 -0.2458 0.1177  0.0390  30 C A "O2'" 
599 C "C1'" . C A 30 ? 0.5936 0.9845 0.8035 -0.2142 0.1188  0.0042  30 C A "C1'" 
600 N N1    . C A 30 ? 0.5222 0.9149 0.8009 -0.1841 0.1036  0.0030  30 C A N1    
601 C C2    . C A 30 ? 0.4855 0.8778 0.7671 -0.1683 0.0638  0.0257  30 C A C2    
602 O O2    . C A 30 ? 0.4376 0.8242 0.6754 -0.1779 0.0470  0.0426  30 C A O2    
603 N N3    . C A 30 ? 0.3809 0.7811 0.7162 -0.1449 0.0463  0.0300  30 C A N3    
604 C C4    . C A 30 ? 0.4163 0.8234 0.8136 -0.1334 0.0657  0.0175  30 C A C4    
605 N N4    . C A 30 ? 0.4045 0.8243 0.8575 -0.1108 0.0436  0.0317  30 C A N4    
606 C C5    . C A 30 ? 0.4845 0.8876 0.8928 -0.1467 0.1107  -0.0094 30 C A C5    
607 C C6    . C A 30 ? 0.4839 0.8803 0.8252 -0.1737 0.1288  -0.0183 30 C A C6    
608 P P     . A A 31 ? 0.6256 1.0770 0.9427 -0.2489 0.1960  -0.0033 31 A A P     
609 O OP1   . A A 31 ? 0.6352 1.0955 0.9271 -0.2770 0.2253  0.0027  31 A A OP1   
610 O OP2   . A A 31 ? 0.6375 1.1005 1.0433 -0.2272 0.2051  -0.0249 31 A A OP2   
611 O "O5'" . A A 31 ? 0.6410 1.0898 0.9616 -0.2339 0.1491  0.0251  31 A A "O5'" 
612 C "C5'" . A A 31 ? 0.6073 1.0473 0.8771 -0.2482 0.1360  0.0532  31 A A "C5'" 
613 C "C4'" . A A 31 ? 0.5478 0.9886 0.8533 -0.2347 0.1048  0.0676  31 A A "C4'" 
614 O "O4'" . A A 31 ? 0.5742 1.0049 0.8730 -0.2156 0.0746  0.0658  31 A A "O4'" 
615 C "C3'" . A A 31 ? 0.4971 0.9607 0.8812 -0.2273 0.1077  0.0546  31 A A "C3'" 
616 O "O3'" . A A 31 ? 0.4804 0.9510 0.8814 -0.2446 0.1287  0.0633  31 A A "O3'" 
617 C "C2'" . A A 31 ? 0.4609 0.9251 0.8626 -0.2128 0.0706  0.0581  31 A A "C2'" 
618 O "O2'" . A A 31 ? 0.4706 0.9233 0.8621 -0.2235 0.0645  0.0751  31 A A "O2'" 
619 C "C1'" . A A 31 ? 0.4728 0.9176 0.8253 -0.2021 0.0543  0.0610  31 A A "C1'" 
620 N N9    . A A 31 ? 0.3860 0.8401 0.7666 -0.1833 0.0459  0.0479  31 A A N9    
621 C C8    . A A 31 ? 0.4169 0.8694 0.8049 -0.1791 0.0678  0.0345  31 A A C8    
622 N N7    . A A 31 ? 0.4024 0.8620 0.8281 -0.1594 0.0544  0.0314  31 A A N7    
623 C C5    . A A 31 ? 0.3957 0.8656 0.8267 -0.1524 0.0183  0.0441  31 A A C5    
624 C C6    . A A 31 ? 0.3748 0.8600 0.8320 -0.1360 -0.0123 0.0526  31 A A C6    
625 N N6    . A A 31 ? 0.3214 0.8128 0.8181 -0.1186 -0.0131 0.0557  31 A A N6    
626 N N1    . A A 31 ? 0.3287 0.8241 0.7732 -0.1406 -0.0404 0.0590  31 A A N1    
627 C C2    . A A 31 ? 0.3330 0.8192 0.7532 -0.1571 -0.0352 0.0559  31 A A C2    
628 N N3    . A A 31 ? 0.3323 0.8027 0.7360 -0.1699 -0.0094 0.0546  31 A A N3    
629 C C4    . A A 31 ? 0.4153 0.8800 0.8190 -0.1678 0.0153  0.0496  31 A A C4    
630 P P     . A A 32 ? 0.5490 1.0470 1.0331 -0.2451 0.1435  0.0472  32 A A P     
631 O OP1   . A A 32 ? 0.6293 1.1297 1.1058 -0.2656 0.1853  0.0487  32 A A OP1   
632 O OP2   . A A 32 ? 0.5163 1.0349 1.0524 -0.2253 0.1290  0.0277  32 A A OP2   
633 O "O5'" . A A 32 ? 0.6122 1.1110 1.1253 -0.2493 0.1261  0.0576  32 A A "O5'" 
634 C "C5'" . A A 32 ? 0.6080 1.0870 1.0945 -0.2641 0.1336  0.0839  32 A A "C5'" 
635 C "C4'" . A A 32 ? 0.5968 1.0695 1.1194 -0.2628 0.1159  0.0835  32 A A "C4'" 
636 O "O4'" . A A 32 ? 0.5960 1.0632 1.0955 -0.2504 0.0839  0.0790  32 A A "O4'" 
637 C "C3'" . A A 32 ? 0.5511 1.0462 1.1401 -0.2635 0.1164  0.0544  32 A A "C3'" 
638 O "O3'" . A A 32 ? 0.6603 1.1538 1.2656 -0.2756 0.1397  0.0619  32 A A "O3'" 
639 C "C2'" . A A 32 ? 0.5930 1.0806 1.1839 -0.2604 0.0903  0.0427  32 A A "C2'" 
640 O "O2'" . A A 32 ? 0.6471 1.1045 1.2323 -0.2689 0.1011  0.0554  32 A A "O2'" 
641 C "C1'" . A A 32 ? 0.5596 1.0372 1.1025 -0.2483 0.0685  0.0559  32 A A "C1'" 
642 N N9    . A A 32 ? 0.4979 1.0049 1.0471 -0.2369 0.0449  0.0395  32 A A N9    
643 C C8    . A A 32 ? 0.4133 0.9257 0.9454 -0.2234 0.0448  0.0401  32 A A C8    
644 N N7    . A A 32 ? 0.3756 0.9122 0.9269 -0.2115 0.0202  0.0300  32 A A N7    
645 C C5    . A A 32 ? 0.3821 0.9302 0.9504 -0.2199 0.0014  0.0192  32 A A C5    
646 C C6    . A A 32 ? 0.4014 0.9696 0.9791 -0.2146 -0.0295 0.0066  32 A A C6    
647 N N6    . A A 32 ? 0.3999 0.9930 0.9859 -0.2000 -0.0504 0.0121  32 A A N6    
648 N N1    . A A 32 ? 0.4370 0.9984 1.0172 -0.2263 -0.0367 -0.0087 32 A A N1    
649 C C2    . A A 32 ? 0.4586 0.9925 1.0450 -0.2386 -0.0137 -0.0089 32 A A C2    
650 N N3    . A A 32 ? 0.5158 1.0284 1.1006 -0.2415 0.0146  0.0063  32 A A N3    
651 C C4    . A A 32 ? 0.4415 0.9636 1.0091 -0.2330 0.0194  0.0198  32 A A C4    
652 P P     . G A 33 ? 0.6659 1.1851 1.3195 -0.2732 0.1509  0.0461  33 G A P     
653 O OP1   . G A 33 ? 0.6439 1.1517 1.3177 -0.2846 0.1694  0.0516  33 G A OP1   
654 O OP2   . G A 33 ? 0.6763 1.2053 1.3193 -0.2700 0.1688  0.0455  33 G A OP2   
655 O "O5'" . G A 33 ? 0.6572 1.2014 1.3452 -0.2623 0.1174  0.0213  33 G A "O5'" 
656 C "C5'" . G A 33 ? 0.5810 1.1243 1.2881 -0.2679 0.1033  0.0099  33 G A "C5'" 
657 C "C4'" . G A 33 ? 0.5380 1.1084 1.2548 -0.2618 0.0672  -0.0066 33 G A "C4'" 
658 O "O4'" . G A 33 ? 0.5102 1.0792 1.1935 -0.2512 0.0512  0.0014  33 G A "O4'" 
659 C "C3'" . G A 33 ? 0.5231 1.1352 1.2850 -0.2565 0.0565  -0.0181 33 G A "C3'" 
660 O "O3'" . G A 33 ? 0.5185 1.1429 1.3181 -0.2678 0.0579  -0.0319 33 G A "O3'" 
661 C "C2'" . G A 33 ? 0.5436 1.1795 1.2944 -0.2476 0.0186  -0.0184 33 G A "C2'" 
662 O "O2'" . G A 33 ? 0.6371 1.2777 1.3842 -0.2584 -0.0062 -0.0290 33 G A "O2'" 
663 C "C1'" . G A 33 ? 0.4690 1.0738 1.1715 -0.2413 0.0233  -0.0059 33 G A "C1'" 
664 N N9    . G A 33 ? 0.4643 1.0772 1.1694 -0.2281 0.0329  0.0003  33 G A N9    
665 C C8    . G A 33 ? 0.4813 1.0742 1.1772 -0.2292 0.0682  0.0070  33 G A C8    
666 N N7    . G A 33 ? 0.4303 1.0315 1.1354 -0.2173 0.0739  0.0065  33 G A N7    
667 C C5    . G A 33 ? 0.3669 0.9955 1.0931 -0.2043 0.0375  0.0045  33 G A C5    
668 C C6    . G A 33 ? 0.3317 0.9760 1.0843 -0.1852 0.0264  0.0090  33 G A C6    
669 O O6    . G A 33 ? 0.3439 0.9770 1.1073 -0.1763 0.0512  0.0092  33 G A O6    
670 N N1    . G A 33 ? 0.3136 0.9847 1.0732 -0.1772 -0.0153 0.0117  33 G A N1    
671 C C2    . G A 33 ? 0.3178 1.0000 1.0599 -0.1899 -0.0385 -0.0001 33 G A C2    
672 N N2    . G A 33 ? 0.3479 1.0525 1.0936 -0.1818 -0.0760 0.0014  33 G A N2    
673 N N3    . G A 33 ? 0.3925 1.0606 1.1139 -0.2095 -0.0245 -0.0083 33 G A N3    
674 C C4    . G A 33 ? 0.4180 1.0582 1.1370 -0.2133 0.0112  0.0000  33 G A C4    
# 
loop_
_pdbx_poly_seq_scheme.asym_id 
_pdbx_poly_seq_scheme.entity_id 
_pdbx_poly_seq_scheme.seq_id 
_pdbx_poly_seq_scheme.mon_id 
_pdbx_poly_seq_scheme.ndb_seq_num 
_pdbx_poly_seq_scheme.pdb_seq_num 
_pdbx_poly_seq_scheme.auth_seq_num 
_pdbx_poly_seq_scheme.pdb_mon_id 
_pdbx_poly_seq_scheme.auth_mon_id 
_pdbx_poly_seq_scheme.pdb_strand_id 
_pdbx_poly_seq_scheme.pdb_ins_code 
_pdbx_poly_seq_scheme.hetero 
A 1 1  C 1  1  1  C C A . n 
A 1 2  U 2  2  2  U U A . n 
A 1 3  G 3  3  3  G G A . n 
A 1 4  G 4  4  4  G G A . n 
A 1 5  G 5  5  5  G G A . n 
A 1 6  U 6  6  6  U U A . n 
A 1 7  C 7  7  7  C C A . n 
A 1 8  G 8  8  8  G G A . n 
A 1 9  C 9  9  9  C C A . n 
A 1 10 A 10 10 10 A A A . n 
A 1 11 G 11 11 11 G G A . n 
A 1 12 U 12 12 12 U U A . n 
A 1 13 N 13 13 13 N N A . n 
A 1 14 N 14 14 14 N N A . n 
A 1 15 C 15 15 15 C C A . n 
A 1 16 C 16 16 16 C C A . n 
A 1 17 C 17 17 17 C C A . n 
A 1 18 C 18 18 18 C C A . n 
A 1 19 A 19 19 19 A A A . n 
A 1 20 G 20 20 20 G G A . n 
A 1 21 U 21 21 21 U U A . n 
A 1 22 U 22 22 22 U U A . n 
A 1 23 A 23 23 23 A A A . n 
A 1 24 A 24 24 24 A A A . n 
A 1 25 C 25 25 25 C C A . n 
A 1 26 A 26 26 26 A A A . n 
A 1 27 A 27 27 27 A A A . n 
A 1 28 A 28 28 28 A A A . n 
A 1 29 A 29 29 29 A A A . n 
A 1 30 C 30 30 30 C C A . n 
A 1 31 A 31 31 31 A A A . n 
A 1 32 A 32 32 32 A A A . n 
A 1 33 G 33 33 33 G G A . n 
# 
loop_
_pdbx_nonpoly_scheme.asym_id 
_pdbx_nonpoly_scheme.entity_id 
_pdbx_nonpoly_scheme.mon_id 
_pdbx_nonpoly_scheme.ndb_seq_num 
_pdbx_nonpoly_scheme.pdb_seq_num 
_pdbx_nonpoly_scheme.auth_seq_num 
_pdbx_nonpoly_scheme.pdb_mon_id 
_pdbx_nonpoly_scheme.auth_mon_id 
_pdbx_nonpoly_scheme.pdb_strand_id 
_pdbx_nonpoly_scheme.pdb_ins_code 
B 2 HMJ 1  101 1  HMJ LIG A . 
C 3 MG  1  102 1  MG  MG  A . 
D 4 HOH 1  201 50 HOH HOH A . 
D 4 HOH 2  202 2  HOH HOH A . 
D 4 HOH 3  203 12 HOH HOH A . 
D 4 HOH 4  204 1  HOH HOH A . 
D 4 HOH 5  205 36 HOH HOH A . 
D 4 HOH 6  206 3  HOH HOH A . 
D 4 HOH 7  207 7  HOH HOH A . 
D 4 HOH 8  208 46 HOH HOH A . 
D 4 HOH 9  209 13 HOH HOH A . 
D 4 HOH 10 210 35 HOH HOH A . 
D 4 HOH 11 211 41 HOH HOH A . 
D 4 HOH 12 212 17 HOH HOH A . 
D 4 HOH 13 213 18 HOH HOH A . 
D 4 HOH 14 214 38 HOH HOH A . 
D 4 HOH 15 215 6  HOH HOH A . 
D 4 HOH 16 216 42 HOH HOH A . 
D 4 HOH 17 217 20 HOH HOH A . 
D 4 HOH 18 218 4  HOH HOH A . 
D 4 HOH 19 219 15 HOH HOH A . 
D 4 HOH 20 220 40 HOH HOH A . 
D 4 HOH 21 221 22 HOH HOH A . 
D 4 HOH 22 222 21 HOH HOH A . 
D 4 HOH 23 223 8  HOH HOH A . 
D 4 HOH 24 224 10 HOH HOH A . 
D 4 HOH 25 225 31 HOH HOH A . 
D 4 HOH 26 226 45 HOH HOH A . 
D 4 HOH 27 227 14 HOH HOH A . 
D 4 HOH 28 228 34 HOH HOH A . 
D 4 HOH 29 229 27 HOH HOH A . 
D 4 HOH 30 230 9  HOH HOH A . 
D 4 HOH 31 231 44 HOH HOH A . 
D 4 HOH 32 232 30 HOH HOH A . 
D 4 HOH 33 233 33 HOH HOH A . 
D 4 HOH 34 234 5  HOH HOH A . 
D 4 HOH 35 235 23 HOH HOH A . 
D 4 HOH 36 236 11 HOH HOH A . 
D 4 HOH 37 237 29 HOH HOH A . 
D 4 HOH 38 238 28 HOH HOH A . 
D 4 HOH 39 239 16 HOH HOH A . 
D 4 HOH 40 240 48 HOH HOH A . 
D 4 HOH 41 241 24 HOH HOH A . 
D 4 HOH 42 242 19 HOH HOH A . 
D 4 HOH 43 243 26 HOH HOH A . 
D 4 HOH 44 244 39 HOH HOH A . 
D 4 HOH 45 245 43 HOH HOH A . 
D 4 HOH 46 246 32 HOH HOH A . 
D 4 HOH 47 247 25 HOH HOH A . 
D 4 HOH 48 248 37 HOH HOH A . 
D 4 HOH 49 249 49 HOH HOH A . 
D 4 HOH 50 250 47 HOH HOH A . 
# 
_pdbx_struct_assembly.id                   1 
_pdbx_struct_assembly.details              author_defined_assembly 
_pdbx_struct_assembly.method_details       ? 
_pdbx_struct_assembly.oligomeric_details   monomeric 
_pdbx_struct_assembly.oligomeric_count     1 
# 
_pdbx_struct_assembly_gen.assembly_id       1 
_pdbx_struct_assembly_gen.oper_expression   1 
_pdbx_struct_assembly_gen.asym_id_list      A,B,C,D 
# 
loop_
_pdbx_struct_assembly_prop.biol_id 
_pdbx_struct_assembly_prop.type 
_pdbx_struct_assembly_prop.value 
_pdbx_struct_assembly_prop.details 
1 'ABSA (A^2)' 570  ? 
1 MORE         -11  ? 
1 'SSA (A^2)'  5340 ? 
# 
_pdbx_struct_oper_list.id                   1 
_pdbx_struct_oper_list.type                 'identity operation' 
_pdbx_struct_oper_list.name                 1_555 
_pdbx_struct_oper_list.symmetry_operation   x,y,z 
_pdbx_struct_oper_list.matrix[1][1]         1.0000000000 
_pdbx_struct_oper_list.matrix[1][2]         0.0000000000 
_pdbx_struct_oper_list.matrix[1][3]         0.0000000000 
_pdbx_struct_oper_list.vector[1]            0.0000000000 
_pdbx_struct_oper_list.matrix[2][1]         0.0000000000 
_pdbx_struct_oper_list.matrix[2][2]         1.0000000000 
_pdbx_struct_oper_list.matrix[2][3]         0.0000000000 
_pdbx_struct_oper_list.vector[2]            0.0000000000 
_pdbx_struct_oper_list.matrix[3][1]         0.0000000000 
_pdbx_struct_oper_list.matrix[3][2]         0.0000000000 
_pdbx_struct_oper_list.matrix[3][3]         1.0000000000 
_pdbx_struct_oper_list.vector[3]            0.0000000000 
# 
_pdbx_struct_special_symmetry.id              1 
_pdbx_struct_special_symmetry.PDB_model_num   1 
_pdbx_struct_special_symmetry.auth_asym_id    A 
_pdbx_struct_special_symmetry.auth_comp_id    HOH 
_pdbx_struct_special_symmetry.auth_seq_id     221 
_pdbx_struct_special_symmetry.PDB_ins_code    ? 
_pdbx_struct_special_symmetry.label_asym_id   D 
_pdbx_struct_special_symmetry.label_comp_id   HOH 
_pdbx_struct_special_symmetry.label_seq_id    . 
# 
loop_
_pdbx_audit_revision_history.ordinal 
_pdbx_audit_revision_history.data_content_type 
_pdbx_audit_revision_history.major_revision 
_pdbx_audit_revision_history.minor_revision 
_pdbx_audit_revision_history.revision_date 
1 'Structure model' 1 0 2019-04-10 
2 'Structure model' 1 1 2019-04-17 
3 'Structure model' 2 0 2019-12-04 
4 'Structure model' 2 1 2023-10-11 
# 
_pdbx_audit_revision_details.ordinal             1 
_pdbx_audit_revision_details.revision_ordinal    1 
_pdbx_audit_revision_details.data_content_type   'Structure model' 
_pdbx_audit_revision_details.provider            repository 
_pdbx_audit_revision_details.type                'Initial release' 
_pdbx_audit_revision_details.description         ? 
_pdbx_audit_revision_details.details             ? 
# 
loop_
_pdbx_audit_revision_group.ordinal 
_pdbx_audit_revision_group.revision_ordinal 
_pdbx_audit_revision_group.data_content_type 
_pdbx_audit_revision_group.group 
1 2 'Structure model' 'Data collection'            
2 2 'Structure model' 'Database references'        
3 3 'Structure model' 'Author supporting evidence' 
4 3 'Structure model' 'Polymer sequence'           
5 4 'Structure model' 'Data collection'            
6 4 'Structure model' 'Database references'        
7 4 'Structure model' 'Derived calculations'       
8 4 'Structure model' 'Refinement description'     
# 
loop_
_pdbx_audit_revision_category.ordinal 
_pdbx_audit_revision_category.revision_ordinal 
_pdbx_audit_revision_category.data_content_type 
_pdbx_audit_revision_category.category 
1  2 'Structure model' citation                      
2  2 'Structure model' citation_author               
3  3 'Structure model' entity_poly                   
4  3 'Structure model' pdbx_audit_support            
5  4 'Structure model' chem_comp_atom                
6  4 'Structure model' chem_comp_bond                
7  4 'Structure model' database_2                    
8  4 'Structure model' pdbx_initial_refinement_model 
9  4 'Structure model' struct_conn                   
10 4 'Structure model' struct_conn_type              
# 
loop_
_pdbx_audit_revision_item.ordinal 
_pdbx_audit_revision_item.revision_ordinal 
_pdbx_audit_revision_item.data_content_type 
_pdbx_audit_revision_item.item 
1  2 'Structure model' '_citation.page_first'                     
2  2 'Structure model' '_citation.page_last'                      
3  2 'Structure model' '_citation.pdbx_database_id_PubMed'        
4  2 'Structure model' '_citation.title'                          
5  2 'Structure model' '_citation_author.name'                    
6  3 'Structure model' '_entity_poly.pdbx_seq_one_letter_code'    
7  3 'Structure model' '_pdbx_audit_support.funding_organization' 
8  4 'Structure model' '_database_2.pdbx_DOI'                     
9  4 'Structure model' '_database_2.pdbx_database_accession'      
10 4 'Structure model' '_struct_conn.conn_type_id'                
11 4 'Structure model' '_struct_conn.id'                          
12 4 'Structure model' '_struct_conn.pdbx_dist_value'             
13 4 'Structure model' '_struct_conn.pdbx_leaving_atom_flag'      
14 4 'Structure model' '_struct_conn.ptnr1_auth_comp_id'          
15 4 'Structure model' '_struct_conn.ptnr1_auth_seq_id'           
16 4 'Structure model' '_struct_conn.ptnr1_label_atom_id'         
17 4 'Structure model' '_struct_conn.ptnr1_label_comp_id'         
18 4 'Structure model' '_struct_conn.ptnr1_label_seq_id'          
19 4 'Structure model' '_struct_conn.ptnr2_auth_comp_id'          
20 4 'Structure model' '_struct_conn.ptnr2_auth_seq_id'           
21 4 'Structure model' '_struct_conn.ptnr2_label_asym_id'         
22 4 'Structure model' '_struct_conn.ptnr2_label_atom_id'         
23 4 'Structure model' '_struct_conn.ptnr2_label_comp_id'         
24 4 'Structure model' '_struct_conn.ptnr2_label_seq_id'          
25 4 'Structure model' '_struct_conn_type.id'                     
# 
loop_
_pdbx_refine_tls.pdbx_refine_id 
_pdbx_refine_tls.id 
_pdbx_refine_tls.details 
_pdbx_refine_tls.method 
_pdbx_refine_tls.origin_x 
_pdbx_refine_tls.origin_y 
_pdbx_refine_tls.origin_z 
_pdbx_refine_tls.T[1][1] 
_pdbx_refine_tls.T[2][2] 
_pdbx_refine_tls.T[3][3] 
_pdbx_refine_tls.T[1][2] 
_pdbx_refine_tls.T[1][3] 
_pdbx_refine_tls.T[2][3] 
_pdbx_refine_tls.L[1][1] 
_pdbx_refine_tls.L[2][2] 
_pdbx_refine_tls.L[3][3] 
_pdbx_refine_tls.L[1][2] 
_pdbx_refine_tls.L[1][3] 
_pdbx_refine_tls.L[2][3] 
_pdbx_refine_tls.S[1][1] 
_pdbx_refine_tls.S[2][2] 
_pdbx_refine_tls.S[3][3] 
_pdbx_refine_tls.S[1][2] 
_pdbx_refine_tls.S[1][3] 
_pdbx_refine_tls.S[2][3] 
_pdbx_refine_tls.S[2][1] 
_pdbx_refine_tls.S[3][1] 
_pdbx_refine_tls.S[3][2] 
'X-RAY DIFFRACTION' 1 ? refined 2.8528  1.0044  2.2891  0.3195 0.7333 0.5752 -0.1406 -0.0734 0.1625  3.5362 4.1483 2.7181 2.6102  -2.0224 0.3742  -0.0747 0.1340  -0.0358 -0.5919 -0.1197 -0.2375 0.0455  0.0504  0.8222  
'X-RAY DIFFRACTION' 2 ? refined 0.2435  10.7633 -0.5267 0.8538 0.9841 0.9792 0.0370  -0.2063 -0.0747 0.8514 9.2549 2.7478 -2.5181 0.3901  -3.3159 -0.1903 -0.8853 1.0298  -1.0613 -1.2200 3.1242  -2.8367 -0.5020 -1.9882 
'X-RAY DIFFRACTION' 3 ? refined -1.2601 -2.2452 -1.4620 0.3451 0.5835 0.4733 -0.1005 -0.0665 0.0916  8.4740 5.4634 1.5847 3.2474  -2.4174 -0.4831 -0.3667 0.2079  0.1333  0.2168  -0.7456 -0.7010 -0.2757 0.2705  0.4119 
# 
loop_
_pdbx_refine_tls_group.pdbx_refine_id 
_pdbx_refine_tls_group.id 
_pdbx_refine_tls_group.refine_tls_id 
_pdbx_refine_tls_group.beg_auth_asym_id 
_pdbx_refine_tls_group.beg_auth_seq_id 
_pdbx_refine_tls_group.end_auth_asym_id 
_pdbx_refine_tls_group.end_auth_seq_id 
_pdbx_refine_tls_group.selection_details 
_pdbx_refine_tls_group.beg_label_asym_id 
_pdbx_refine_tls_group.beg_label_seq_id 
_pdbx_refine_tls_group.end_label_asym_id 
_pdbx_refine_tls_group.end_label_seq_id 
_pdbx_refine_tls_group.selection 
'X-RAY DIFFRACTION' 1 1 A 1  A 11 '(chain A and resid 1:11)'  ? ? ? ? ? 
'X-RAY DIFFRACTION' 2 2 A 12 A 15 '(chain A and resid 12:15)' ? ? ? ? ? 
'X-RAY DIFFRACTION' 3 3 A 16 A 33 '(chain A and resid 16:33)' ? ? ? ? ? 
# 
_pdbx_phasing_MR.entry_id                     6E1U 
_pdbx_phasing_MR.method_rotation              ? 
_pdbx_phasing_MR.method_translation           ? 
_pdbx_phasing_MR.model_details                ? 
_pdbx_phasing_MR.R_factor                     ? 
_pdbx_phasing_MR.R_rigid_body                 ? 
_pdbx_phasing_MR.correlation_coeff_Fo_to_Fc   ? 
_pdbx_phasing_MR.correlation_coeff_Io_to_Ic   ? 
_pdbx_phasing_MR.d_res_high_rotation          5.550 
_pdbx_phasing_MR.d_res_low_rotation           99.910 
_pdbx_phasing_MR.d_res_high_translation       5.550 
_pdbx_phasing_MR.d_res_low_translation        99.910 
_pdbx_phasing_MR.packing                      ? 
_pdbx_phasing_MR.reflns_percent_rotation      ? 
_pdbx_phasing_MR.reflns_percent_translation   ? 
_pdbx_phasing_MR.sigma_F_rotation             ? 
_pdbx_phasing_MR.sigma_F_translation          ? 
_pdbx_phasing_MR.sigma_I_rotation             ? 
_pdbx_phasing_MR.sigma_I_translation          ? 
# 
_phasing.method   MR 
# 
loop_
_software.citation_id 
_software.classification 
_software.compiler_name 
_software.compiler_version 
_software.contact_author 
_software.contact_author_email 
_software.date 
_software.description 
_software.dependencies 
_software.hardware 
_software.language 
_software.location 
_software.mods 
_software.name 
_software.os 
_software.os_version 
_software.type 
_software.version 
_software.pdbx_ordinal 
? 'data scaling'    ? ? ? ? ? ? ? ? ? ? ? Aimless     ? ? ? 0.5.27 1 
? phasing           ? ? ? ? ? ? ? ? ? ? ? PHASER      ? ? ? 2.7.16 2 
? refinement        ? ? ? ? ? ? ? ? ? ? ? PHENIX      ? ? ? .      3 
? 'data extraction' ? ? ? ? ? ? ? ? ? ? ? PDB_EXTRACT ? ? ? 3.24   4 
? 'data reduction'  ? ? ? ? ? ? ? ? ? ? ? DIALS       ? ? ? .      5 
# 
loop_
_chem_comp_atom.comp_id 
_chem_comp_atom.atom_id 
_chem_comp_atom.type_symbol 
_chem_comp_atom.pdbx_aromatic_flag 
_chem_comp_atom.pdbx_stereo_config 
_chem_comp_atom.pdbx_ordinal 
A   OP3    O  N N 1   
A   P      P  N N 2   
A   OP1    O  N N 3   
A   OP2    O  N N 4   
A   "O5'"  O  N N 5   
A   "C5'"  C  N N 6   
A   "C4'"  C  N R 7   
A   "O4'"  O  N N 8   
A   "C3'"  C  N S 9   
A   "O3'"  O  N N 10  
A   "C2'"  C  N R 11  
A   "O2'"  O  N N 12  
A   "C1'"  C  N R 13  
A   N9     N  Y N 14  
A   C8     C  Y N 15  
A   N7     N  Y N 16  
A   C5     C  Y N 17  
A   C6     C  Y N 18  
A   N6     N  N N 19  
A   N1     N  Y N 20  
A   C2     C  Y N 21  
A   N3     N  Y N 22  
A   C4     C  Y N 23  
A   HOP3   H  N N 24  
A   HOP2   H  N N 25  
A   "H5'"  H  N N 26  
A   "H5''" H  N N 27  
A   "H4'"  H  N N 28  
A   "H3'"  H  N N 29  
A   "HO3'" H  N N 30  
A   "H2'"  H  N N 31  
A   "HO2'" H  N N 32  
A   "H1'"  H  N N 33  
A   H8     H  N N 34  
A   H61    H  N N 35  
A   H62    H  N N 36  
A   H2     H  N N 37  
C   OP3    O  N N 38  
C   P      P  N N 39  
C   OP1    O  N N 40  
C   OP2    O  N N 41  
C   "O5'"  O  N N 42  
C   "C5'"  C  N N 43  
C   "C4'"  C  N R 44  
C   "O4'"  O  N N 45  
C   "C3'"  C  N S 46  
C   "O3'"  O  N N 47  
C   "C2'"  C  N R 48  
C   "O2'"  O  N N 49  
C   "C1'"  C  N R 50  
C   N1     N  N N 51  
C   C2     C  N N 52  
C   O2     O  N N 53  
C   N3     N  N N 54  
C   C4     C  N N 55  
C   N4     N  N N 56  
C   C5     C  N N 57  
C   C6     C  N N 58  
C   HOP3   H  N N 59  
C   HOP2   H  N N 60  
C   "H5'"  H  N N 61  
C   "H5''" H  N N 62  
C   "H4'"  H  N N 63  
C   "H3'"  H  N N 64  
C   "HO3'" H  N N 65  
C   "H2'"  H  N N 66  
C   "HO2'" H  N N 67  
C   "H1'"  H  N N 68  
C   H41    H  N N 69  
C   H42    H  N N 70  
C   H5     H  N N 71  
C   H6     H  N N 72  
G   OP3    O  N N 73  
G   P      P  N N 74  
G   OP1    O  N N 75  
G   OP2    O  N N 76  
G   "O5'"  O  N N 77  
G   "C5'"  C  N N 78  
G   "C4'"  C  N R 79  
G   "O4'"  O  N N 80  
G   "C3'"  C  N S 81  
G   "O3'"  O  N N 82  
G   "C2'"  C  N R 83  
G   "O2'"  O  N N 84  
G   "C1'"  C  N R 85  
G   N9     N  Y N 86  
G   C8     C  Y N 87  
G   N7     N  Y N 88  
G   C5     C  Y N 89  
G   C6     C  N N 90  
G   O6     O  N N 91  
G   N1     N  N N 92  
G   C2     C  N N 93  
G   N2     N  N N 94  
G   N3     N  N N 95  
G   C4     C  Y N 96  
G   HOP3   H  N N 97  
G   HOP2   H  N N 98  
G   "H5'"  H  N N 99  
G   "H5''" H  N N 100 
G   "H4'"  H  N N 101 
G   "H3'"  H  N N 102 
G   "HO3'" H  N N 103 
G   "H2'"  H  N N 104 
G   "HO2'" H  N N 105 
G   "H1'"  H  N N 106 
G   H8     H  N N 107 
G   H1     H  N N 108 
G   H21    H  N N 109 
G   H22    H  N N 110 
HMJ C10    C  Y N 111 
HMJ C15    C  Y N 112 
HMJ C17    C  Y N 113 
HMJ C01    C  N N 114 
HMJ C03    C  N N 115 
HMJ C04    C  N N 116 
HMJ C05    C  N N 117 
HMJ C07    C  Y N 118 
HMJ C08    C  Y N 119 
HMJ C09    C  Y N 120 
HMJ C11    C  Y N 121 
HMJ C12    C  Y N 122 
HMJ C14    C  Y N 123 
HMJ C16    C  Y N 124 
HMJ C18    C  Y N 125 
HMJ C19    C  Y N 126 
HMJ N02    N  N N 127 
HMJ O06    O  N N 128 
HMJ O13    O  Y N 129 
HMJ H1     H  N N 130 
HMJ H2     H  N N 131 
HMJ H3     H  N N 132 
HMJ H4     H  N N 133 
HMJ H5     H  N N 134 
HMJ H6     H  N N 135 
HMJ H7     H  N N 136 
HMJ H8     H  N N 137 
HMJ H9     H  N N 138 
HMJ H10    H  N N 139 
HMJ H11    H  N N 140 
HMJ H12    H  N N 141 
HMJ H13    H  N N 142 
HMJ H14    H  N N 143 
HMJ H15    H  N N 144 
HMJ H16    H  N N 145 
HMJ H17    H  N N 146 
HOH O      O  N N 147 
HOH H1     H  N N 148 
HOH H2     H  N N 149 
MG  MG     MG N N 150 
U   OP3    O  N N 151 
U   P      P  N N 152 
U   OP1    O  N N 153 
U   OP2    O  N N 154 
U   "O5'"  O  N N 155 
U   "C5'"  C  N N 156 
U   "C4'"  C  N R 157 
U   "O4'"  O  N N 158 
U   "C3'"  C  N S 159 
U   "O3'"  O  N N 160 
U   "C2'"  C  N R 161 
U   "O2'"  O  N N 162 
U   "C1'"  C  N R 163 
U   N1     N  N N 164 
U   C2     C  N N 165 
U   O2     O  N N 166 
U   N3     N  N N 167 
U   C4     C  N N 168 
U   O4     O  N N 169 
U   C5     C  N N 170 
U   C6     C  N N 171 
U   HOP3   H  N N 172 
U   HOP2   H  N N 173 
U   "H5'"  H  N N 174 
U   "H5''" H  N N 175 
U   "H4'"  H  N N 176 
U   "H3'"  H  N N 177 
U   "HO3'" H  N N 178 
U   "H2'"  H  N N 179 
U   "HO2'" H  N N 180 
U   "H1'"  H  N N 181 
U   H3     H  N N 182 
U   H5     H  N N 183 
U   H6     H  N N 184 
# 
loop_
_chem_comp_bond.comp_id 
_chem_comp_bond.atom_id_1 
_chem_comp_bond.atom_id_2 
_chem_comp_bond.value_order 
_chem_comp_bond.pdbx_aromatic_flag 
_chem_comp_bond.pdbx_stereo_config 
_chem_comp_bond.pdbx_ordinal 
A   OP3   P      sing N N 1   
A   OP3   HOP3   sing N N 2   
A   P     OP1    doub N N 3   
A   P     OP2    sing N N 4   
A   P     "O5'"  sing N N 5   
A   OP2   HOP2   sing N N 6   
A   "O5'" "C5'"  sing N N 7   
A   "C5'" "C4'"  sing N N 8   
A   "C5'" "H5'"  sing N N 9   
A   "C5'" "H5''" sing N N 10  
A   "C4'" "O4'"  sing N N 11  
A   "C4'" "C3'"  sing N N 12  
A   "C4'" "H4'"  sing N N 13  
A   "O4'" "C1'"  sing N N 14  
A   "C3'" "O3'"  sing N N 15  
A   "C3'" "C2'"  sing N N 16  
A   "C3'" "H3'"  sing N N 17  
A   "O3'" "HO3'" sing N N 18  
A   "C2'" "O2'"  sing N N 19  
A   "C2'" "C1'"  sing N N 20  
A   "C2'" "H2'"  sing N N 21  
A   "O2'" "HO2'" sing N N 22  
A   "C1'" N9     sing N N 23  
A   "C1'" "H1'"  sing N N 24  
A   N9    C8     sing Y N 25  
A   N9    C4     sing Y N 26  
A   C8    N7     doub Y N 27  
A   C8    H8     sing N N 28  
A   N7    C5     sing Y N 29  
A   C5    C6     sing Y N 30  
A   C5    C4     doub Y N 31  
A   C6    N6     sing N N 32  
A   C6    N1     doub Y N 33  
A   N6    H61    sing N N 34  
A   N6    H62    sing N N 35  
A   N1    C2     sing Y N 36  
A   C2    N3     doub Y N 37  
A   C2    H2     sing N N 38  
A   N3    C4     sing Y N 39  
C   OP3   P      sing N N 40  
C   OP3   HOP3   sing N N 41  
C   P     OP1    doub N N 42  
C   P     OP2    sing N N 43  
C   P     "O5'"  sing N N 44  
C   OP2   HOP2   sing N N 45  
C   "O5'" "C5'"  sing N N 46  
C   "C5'" "C4'"  sing N N 47  
C   "C5'" "H5'"  sing N N 48  
C   "C5'" "H5''" sing N N 49  
C   "C4'" "O4'"  sing N N 50  
C   "C4'" "C3'"  sing N N 51  
C   "C4'" "H4'"  sing N N 52  
C   "O4'" "C1'"  sing N N 53  
C   "C3'" "O3'"  sing N N 54  
C   "C3'" "C2'"  sing N N 55  
C   "C3'" "H3'"  sing N N 56  
C   "O3'" "HO3'" sing N N 57  
C   "C2'" "O2'"  sing N N 58  
C   "C2'" "C1'"  sing N N 59  
C   "C2'" "H2'"  sing N N 60  
C   "O2'" "HO2'" sing N N 61  
C   "C1'" N1     sing N N 62  
C   "C1'" "H1'"  sing N N 63  
C   N1    C2     sing N N 64  
C   N1    C6     sing N N 65  
C   C2    O2     doub N N 66  
C   C2    N3     sing N N 67  
C   N3    C4     doub N N 68  
C   C4    N4     sing N N 69  
C   C4    C5     sing N N 70  
C   N4    H41    sing N N 71  
C   N4    H42    sing N N 72  
C   C5    C6     doub N N 73  
C   C5    H5     sing N N 74  
C   C6    H6     sing N N 75  
G   OP3   P      sing N N 76  
G   OP3   HOP3   sing N N 77  
G   P     OP1    doub N N 78  
G   P     OP2    sing N N 79  
G   P     "O5'"  sing N N 80  
G   OP2   HOP2   sing N N 81  
G   "O5'" "C5'"  sing N N 82  
G   "C5'" "C4'"  sing N N 83  
G   "C5'" "H5'"  sing N N 84  
G   "C5'" "H5''" sing N N 85  
G   "C4'" "O4'"  sing N N 86  
G   "C4'" "C3'"  sing N N 87  
G   "C4'" "H4'"  sing N N 88  
G   "O4'" "C1'"  sing N N 89  
G   "C3'" "O3'"  sing N N 90  
G   "C3'" "C2'"  sing N N 91  
G   "C3'" "H3'"  sing N N 92  
G   "O3'" "HO3'" sing N N 93  
G   "C2'" "O2'"  sing N N 94  
G   "C2'" "C1'"  sing N N 95  
G   "C2'" "H2'"  sing N N 96  
G   "O2'" "HO2'" sing N N 97  
G   "C1'" N9     sing N N 98  
G   "C1'" "H1'"  sing N N 99  
G   N9    C8     sing Y N 100 
G   N9    C4     sing Y N 101 
G   C8    N7     doub Y N 102 
G   C8    H8     sing N N 103 
G   N7    C5     sing Y N 104 
G   C5    C6     sing N N 105 
G   C5    C4     doub Y N 106 
G   C6    O6     doub N N 107 
G   C6    N1     sing N N 108 
G   N1    C2     sing N N 109 
G   N1    H1     sing N N 110 
G   C2    N2     sing N N 111 
G   C2    N3     doub N N 112 
G   N2    H21    sing N N 113 
G   N2    H22    sing N N 114 
G   N3    C4     sing N N 115 
HMJ C16   C17    doub Y N 116 
HMJ C16   C15    sing Y N 117 
HMJ C17   C18    sing Y N 118 
HMJ C15   C14    doub Y N 119 
HMJ C18   C19    doub Y N 120 
HMJ C14   C19    sing Y N 121 
HMJ C14   O13    sing Y N 122 
HMJ C19   C11    sing Y N 123 
HMJ O13   C12    sing Y N 124 
HMJ C11   C12    doub Y N 125 
HMJ C11   C10    sing Y N 126 
HMJ C12   C09    sing Y N 127 
HMJ C10   C07    doub Y N 128 
HMJ C09   C08    doub Y N 129 
HMJ C05   O06    sing N N 130 
HMJ C05   C04    sing N N 131 
HMJ C07   O06    sing N N 132 
HMJ C07   C08    sing Y N 133 
HMJ C04   N02    sing N N 134 
HMJ C01   N02    sing N N 135 
HMJ N02   C03    sing N N 136 
HMJ C10   H1     sing N N 137 
HMJ C15   H2     sing N N 138 
HMJ C17   H3     sing N N 139 
HMJ C01   H4     sing N N 140 
HMJ C01   H5     sing N N 141 
HMJ C01   H6     sing N N 142 
HMJ C03   H7     sing N N 143 
HMJ C03   H8     sing N N 144 
HMJ C03   H9     sing N N 145 
HMJ C04   H10    sing N N 146 
HMJ C04   H11    sing N N 147 
HMJ C05   H12    sing N N 148 
HMJ C05   H13    sing N N 149 
HMJ C08   H14    sing N N 150 
HMJ C09   H15    sing N N 151 
HMJ C16   H16    sing N N 152 
HMJ C18   H17    sing N N 153 
HOH O     H1     sing N N 154 
HOH O     H2     sing N N 155 
U   OP3   P      sing N N 156 
U   OP3   HOP3   sing N N 157 
U   P     OP1    doub N N 158 
U   P     OP2    sing N N 159 
U   P     "O5'"  sing N N 160 
U   OP2   HOP2   sing N N 161 
U   "O5'" "C5'"  sing N N 162 
U   "C5'" "C4'"  sing N N 163 
U   "C5'" "H5'"  sing N N 164 
U   "C5'" "H5''" sing N N 165 
U   "C4'" "O4'"  sing N N 166 
U   "C4'" "C3'"  sing N N 167 
U   "C4'" "H4'"  sing N N 168 
U   "O4'" "C1'"  sing N N 169 
U   "C3'" "O3'"  sing N N 170 
U   "C3'" "C2'"  sing N N 171 
U   "C3'" "H3'"  sing N N 172 
U   "O3'" "HO3'" sing N N 173 
U   "C2'" "O2'"  sing N N 174 
U   "C2'" "C1'"  sing N N 175 
U   "C2'" "H2'"  sing N N 176 
U   "O2'" "HO2'" sing N N 177 
U   "C1'" N1     sing N N 178 
U   "C1'" "H1'"  sing N N 179 
U   N1    C2     sing N N 180 
U   N1    C6     sing N N 181 
U   C2    O2     doub N N 182 
U   C2    N3     sing N N 183 
U   N3    C4     sing N N 184 
U   N3    H3     sing N N 185 
U   C4    O4     doub N N 186 
U   C4    C5     sing N N 187 
U   C5    C6     doub N N 188 
U   C5    H5     sing N N 189 
U   C6    H6     sing N N 190 
# 
loop_
_ndb_struct_conf_na.entry_id 
_ndb_struct_conf_na.feature 
6E1U 'double helix'        
6E1U 'a-form double helix' 
6E1U 'quadruple helix'     
# 
loop_
_ndb_struct_na_base_pair.model_number 
_ndb_struct_na_base_pair.i_label_asym_id 
_ndb_struct_na_base_pair.i_label_comp_id 
_ndb_struct_na_base_pair.i_label_seq_id 
_ndb_struct_na_base_pair.i_symmetry 
_ndb_struct_na_base_pair.j_label_asym_id 
_ndb_struct_na_base_pair.j_label_comp_id 
_ndb_struct_na_base_pair.j_label_seq_id 
_ndb_struct_na_base_pair.j_symmetry 
_ndb_struct_na_base_pair.shear 
_ndb_struct_na_base_pair.stretch 
_ndb_struct_na_base_pair.stagger 
_ndb_struct_na_base_pair.buckle 
_ndb_struct_na_base_pair.propeller 
_ndb_struct_na_base_pair.opening 
_ndb_struct_na_base_pair.pair_number 
_ndb_struct_na_base_pair.pair_name 
_ndb_struct_na_base_pair.i_auth_asym_id 
_ndb_struct_na_base_pair.i_auth_seq_id 
_ndb_struct_na_base_pair.i_PDB_ins_code 
_ndb_struct_na_base_pair.j_auth_asym_id 
_ndb_struct_na_base_pair.j_auth_seq_id 
_ndb_struct_na_base_pair.j_PDB_ins_code 
_ndb_struct_na_base_pair.hbond_type_28 
_ndb_struct_na_base_pair.hbond_type_12 
1 A C 1  1_555 A G 20 1_555 0.128  -0.171 0.076  -0.754  -11.729 -0.547  1  A_C1:G20_A  A 1  ? A 20 ? 19 1  
1 A U 2  1_555 A A 19 1_555 0.276  -0.152 0.322  -4.253  -17.056 0.138   2  A_U2:A19_A  A 2  ? A 19 ? 20 1  
1 A G 3  1_555 A C 18 1_555 -0.186 -0.254 0.036  -6.103  -8.813  -2.199  3  A_G3:C18_A  A 3  ? A 18 ? 19 1  
1 A G 4  1_555 A C 17 1_555 -0.093 -0.165 0.135  -2.920  -9.745  -1.699  4  A_G4:C17_A  A 4  ? A 17 ? 19 1  
1 A G 5  1_555 A C 16 1_555 -0.071 -0.117 -0.142 -6.194  -12.051 -0.902  5  A_G5:C16_A  A 5  ? A 16 ? 19 1  
1 A U 6  1_555 A A 28 1_555 -0.565 3.397  1.303  -31.383 -13.029 -69.577 6  A_U6:A28_A  A 6  ? A 28 ? 23 3  
1 A C 7  1_555 A A 29 1_555 4.299  0.193  2.264  -25.423 16.524  -47.109 7  A_C7:A29_A  A 7  ? A 29 ? ?  ?  
1 A G 11 1_555 A C 30 1_555 -0.384 -0.222 0.178  -4.277  -27.075 -0.734  8  A_G11:C30_A A 11 ? A 30 ? 19 1  
1 A G 8  1_555 A A 31 1_555 3.297  -4.008 -0.408 16.535  10.152  -70.813 9  A_G8:A31_A  A 8  ? A 31 ? 10 6  
1 A A 10 1_555 A A 32 1_555 6.428  -4.133 -0.110 10.436  -9.029  -19.244 10 A_A10:A32_A A 10 ? A 32 ? ?  10 
1 A C 9  1_555 A G 33 1_555 0.389  -0.250 -0.016 -0.301  -4.015  -0.467  11 A_C9:G33_A  A 9  ? A 33 ? 19 1  
# 
loop_
_ndb_struct_na_base_pair_step.model_number 
_ndb_struct_na_base_pair_step.i_label_asym_id_1 
_ndb_struct_na_base_pair_step.i_label_comp_id_1 
_ndb_struct_na_base_pair_step.i_label_seq_id_1 
_ndb_struct_na_base_pair_step.i_symmetry_1 
_ndb_struct_na_base_pair_step.j_label_asym_id_1 
_ndb_struct_na_base_pair_step.j_label_comp_id_1 
_ndb_struct_na_base_pair_step.j_label_seq_id_1 
_ndb_struct_na_base_pair_step.j_symmetry_1 
_ndb_struct_na_base_pair_step.i_label_asym_id_2 
_ndb_struct_na_base_pair_step.i_label_comp_id_2 
_ndb_struct_na_base_pair_step.i_label_seq_id_2 
_ndb_struct_na_base_pair_step.i_symmetry_2 
_ndb_struct_na_base_pair_step.j_label_asym_id_2 
_ndb_struct_na_base_pair_step.j_label_comp_id_2 
_ndb_struct_na_base_pair_step.j_label_seq_id_2 
_ndb_struct_na_base_pair_step.j_symmetry_2 
_ndb_struct_na_base_pair_step.shift 
_ndb_struct_na_base_pair_step.slide 
_ndb_struct_na_base_pair_step.rise 
_ndb_struct_na_base_pair_step.tilt 
_ndb_struct_na_base_pair_step.roll 
_ndb_struct_na_base_pair_step.twist 
_ndb_struct_na_base_pair_step.x_displacement 
_ndb_struct_na_base_pair_step.y_displacement 
_ndb_struct_na_base_pair_step.helical_rise 
_ndb_struct_na_base_pair_step.inclination 
_ndb_struct_na_base_pair_step.tip 
_ndb_struct_na_base_pair_step.helical_twist 
_ndb_struct_na_base_pair_step.step_number 
_ndb_struct_na_base_pair_step.step_name 
_ndb_struct_na_base_pair_step.i_auth_asym_id_1 
_ndb_struct_na_base_pair_step.i_auth_seq_id_1 
_ndb_struct_na_base_pair_step.i_PDB_ins_code_1 
_ndb_struct_na_base_pair_step.j_auth_asym_id_1 
_ndb_struct_na_base_pair_step.j_auth_seq_id_1 
_ndb_struct_na_base_pair_step.j_PDB_ins_code_1 
_ndb_struct_na_base_pair_step.i_auth_asym_id_2 
_ndb_struct_na_base_pair_step.i_auth_seq_id_2 
_ndb_struct_na_base_pair_step.i_PDB_ins_code_2 
_ndb_struct_na_base_pair_step.j_auth_asym_id_2 
_ndb_struct_na_base_pair_step.j_auth_seq_id_2 
_ndb_struct_na_base_pair_step.j_PDB_ins_code_2 
1 A C 1  1_555 A G 20 1_555 A U 2  1_555 A A 19 1_555 0.548  -1.428 3.213  1.316    8.781   37.276   -3.210 -0.681 2.834  13.503  
-2.023  38.282   1  AA_C1U2:A19G20_AA  A 1  ? A 20 ? A 2  ? A 19 ? 
1 A U 2  1_555 A A 19 1_555 A G 3  1_555 A C 18 1_555 -0.396 -1.648 3.128  1.238    8.500   30.161   -4.473 0.940  2.562  15.933  
-2.320  31.333   2  AA_U2G3:C18A19_AA  A 2  ? A 19 ? A 3  ? A 18 ? 
1 A G 3  1_555 A C 18 1_555 A G 4  1_555 A C 17 1_555 0.462  -1.486 3.197  1.223    3.338   29.239   -3.605 -0.660 3.028  6.581   
-2.411  29.450   3  AA_G3G4:C17C18_AA  A 3  ? A 18 ? A 4  ? A 17 ? 
1 A G 4  1_555 A C 17 1_555 A G 5  1_555 A C 16 1_555 0.281  -1.742 3.360  4.794    5.526   36.717   -3.439 0.189  3.086  8.666   
-7.518  37.414   4  AA_G4G5:C16C17_AA  A 4  ? A 17 ? A 5  ? A 16 ? 
1 A G 5  1_555 A C 16 1_555 A U 6  1_555 A A 28 1_555 -6.580 -1.215 1.396  14.922   7.412   17.979   -2.084 13.951 -3.316 19.192  
-38.638 24.466   5  AA_G5U6:A28C16_AA  A 5  ? A 16 ? A 6  ? A 28 ? 
1 A U 6  1_555 A A 28 1_555 A C 7  1_555 A A 29 1_555 2.581  -1.763 3.757  0.631    1.394   48.661   -2.260 -3.076 3.739  1.691   
-0.765  48.684   6  AA_U6C7:A29A28_AA  A 6  ? A 28 ? A 7  ? A 29 ? 
1 A C 7  1_555 A A 29 1_555 A G 11 1_555 A C 30 1_555 0.928  -1.907 0.560  -147.013 -96.560 160.866  -0.927 -0.504 0.597  -48.296 
73.531  179.317  7  AA_C7G11:C30A29_AA A 7  ? A 29 ? A 11 ? A 30 ? 
1 A G 11 1_555 A C 30 1_555 A G 8  1_555 A A 31 1_555 -3.582 2.932  1.706  -166.623 -9.385  -157.183 -1.459 -1.926 1.002  4.700   
-83.440 -177.412 8  AA_G11G8:A31C30_AA A 11 ? A 30 ? A 8  ? A 31 ? 
1 A G 8  1_555 A A 31 1_555 A A 10 1_555 A A 32 1_555 -6.106 2.666  -1.772 153.910  44.612  -18.801  -1.709 -1.867 4.758  -24.602 
84.877  -160.513 9  AA_G8A10:A32A31_AA A 8  ? A 31 ? A 10 ? A 32 ? 
1 A A 10 1_555 A A 32 1_555 A C 9  1_555 A G 33 1_555 1.381  1.004  -3.259 -0.151   -2.471  -56.354  -1.200 1.470  -3.213 2.615   
-0.160  -56.404  10 AA_A10C9:G33A32_AA A 10 ? A 32 ? A 9  ? A 33 ? 
# 
loop_
_pdbx_audit_support.funding_organization 
_pdbx_audit_support.country 
_pdbx_audit_support.grant_number 
_pdbx_audit_support.ordinal 
'National Institutes of Health/National Heart, Lung, and Blood Institute (NIH/NHLBI)' 'United States' ? 1 
'National Institutes of Health/National Cancer Institute (NIH/NCI)'                   'United States' ? 2 
'Japan Society for the Promotion of Science (JSPS)'                                   Japan           ? 3 
# 
_pdbx_entity_instance_feature.ordinal        1 
_pdbx_entity_instance_feature.comp_id        HMJ 
_pdbx_entity_instance_feature.asym_id        ? 
_pdbx_entity_instance_feature.seq_num        ? 
_pdbx_entity_instance_feature.auth_comp_id   HMJ 
_pdbx_entity_instance_feature.auth_asym_id   ? 
_pdbx_entity_instance_feature.auth_seq_num   ? 
_pdbx_entity_instance_feature.feature_type   'SUBJECT OF INVESTIGATION' 
_pdbx_entity_instance_feature.details        ? 
# 
loop_
_pdbx_entity_nonpoly.entity_id 
_pdbx_entity_nonpoly.name 
_pdbx_entity_nonpoly.comp_id 
2 '2-[(dibenzo[b,d]furan-2-yl)oxy]-N,N-dimethylethan-1-amine' HMJ 
3 'MAGNESIUM ION'                                             MG  
4 water                                                       HOH 
# 
_pdbx_initial_refinement_model.id               1 
_pdbx_initial_refinement_model.entity_id_list   ? 
_pdbx_initial_refinement_model.type             'experimental model' 
_pdbx_initial_refinement_model.source_name      PDB 
_pdbx_initial_refinement_model.accession_code   3Q50 
_pdbx_initial_refinement_model.details          ? 
# 
_pdbx_struct_assembly_auth_evidence.id                     1 
_pdbx_struct_assembly_auth_evidence.assembly_id            1 
_pdbx_struct_assembly_auth_evidence.experimental_support   homology 
_pdbx_struct_assembly_auth_evidence.details                ? 
# 
